data_2RTU
#
_entry.id   2RTU
#
_entity_poly.entity_id   1
_entity_poly.type   'polypeptide(L)'
_entity_poly.pdbx_seq_one_letter_code
;GSHMGKGDPKKPRGKMSSYAFFVQTCREEHKKKHPDASVNFSEFSKKCSERWKTMSAKEKGKFEDMAKADKARYEREMKT
YIPPKGE
;
_entity_poly.pdbx_strand_id   A
#
# COMPACT_ATOMS: atom_id res chain seq x y z
N GLY A 1 17.62 -4.26 -10.51
CA GLY A 1 16.54 -5.05 -9.91
C GLY A 1 16.90 -5.52 -8.53
N SER A 2 15.92 -5.55 -7.64
CA SER A 2 16.15 -5.98 -6.28
C SER A 2 16.03 -7.49 -6.17
N HIS A 3 17.11 -8.15 -5.79
CA HIS A 3 17.12 -9.60 -5.65
C HIS A 3 16.72 -9.99 -4.22
N MET A 4 15.64 -10.72 -4.10
CA MET A 4 15.15 -11.13 -2.80
C MET A 4 15.72 -12.50 -2.44
N GLY A 5 16.26 -12.60 -1.24
CA GLY A 5 16.84 -13.85 -0.79
C GLY A 5 16.01 -14.51 0.27
N LYS A 6 15.85 -15.81 0.16
CA LYS A 6 15.08 -16.59 1.13
C LYS A 6 15.78 -16.62 2.49
N GLY A 7 15.06 -17.05 3.50
CA GLY A 7 15.63 -17.11 4.83
C GLY A 7 15.09 -15.99 5.70
N ASP A 8 14.15 -15.24 5.17
CA ASP A 8 13.55 -14.14 5.89
C ASP A 8 12.52 -14.68 6.88
N PRO A 9 12.26 -13.95 7.98
CA PRO A 9 11.33 -14.40 9.03
C PRO A 9 9.86 -14.49 8.56
N LYS A 10 9.58 -13.98 7.36
CA LYS A 10 8.20 -13.97 6.81
C LYS A 10 7.27 -13.17 7.71
N LYS A 11 7.86 -12.25 8.44
CA LYS A 11 7.14 -11.41 9.40
C LYS A 11 6.27 -10.40 8.66
N PRO A 12 4.97 -10.33 9.00
CA PRO A 12 4.05 -9.36 8.40
C PRO A 12 4.53 -7.93 8.66
N ARG A 13 4.81 -7.23 7.59
CA ARG A 13 5.32 -5.87 7.68
C ARG A 13 4.71 -5.02 6.58
N GLY A 14 3.73 -5.59 5.89
CA GLY A 14 3.17 -4.92 4.76
C GLY A 14 1.85 -4.24 5.03
N LYS A 15 1.92 -3.00 5.45
CA LYS A 15 0.75 -2.17 5.61
C LYS A 15 0.99 -0.96 4.73
N MET A 16 0.02 -0.54 3.91
CA MET A 16 0.21 0.50 2.93
C MET A 16 0.30 1.89 3.54
N SER A 17 0.96 2.79 2.83
CA SER A 17 1.14 4.17 3.25
C SER A 17 0.09 5.06 2.60
N SER A 18 0.20 6.37 2.81
CA SER A 18 -0.74 7.34 2.29
C SER A 18 -0.78 7.31 0.77
N TYR A 19 0.41 7.37 0.16
CA TYR A 19 0.57 7.27 -1.29
C TYR A 19 -0.25 6.11 -1.84
N ALA A 20 -0.05 4.94 -1.27
CA ALA A 20 -0.75 3.74 -1.69
C ALA A 20 -2.27 3.91 -1.59
N PHE A 21 -2.73 4.50 -0.48
CA PHE A 21 -4.16 4.76 -0.29
C PHE A 21 -4.71 5.71 -1.34
N PHE A 22 -3.87 6.62 -1.80
CA PHE A 22 -4.26 7.54 -2.85
C PHE A 22 -4.34 6.81 -4.17
N VAL A 23 -3.27 6.06 -4.48
CA VAL A 23 -3.18 5.33 -5.74
C VAL A 23 -4.27 4.27 -5.86
N GLN A 24 -4.77 3.80 -4.74
CA GLN A 24 -5.80 2.77 -4.79
C GLN A 24 -7.15 3.42 -5.10
N THR A 25 -7.27 4.69 -4.73
CA THR A 25 -8.49 5.44 -4.98
C THR A 25 -8.56 5.89 -6.45
N CYS A 26 -7.70 6.85 -6.83
CA CYS A 26 -7.61 7.32 -8.23
C CYS A 26 -7.78 6.17 -9.26
N ARG A 27 -7.26 4.98 -8.93
CA ARG A 27 -7.42 3.81 -9.80
C ARG A 27 -8.86 3.33 -9.86
N GLU A 28 -9.45 3.02 -8.70
CA GLU A 28 -10.82 2.49 -8.63
C GLU A 28 -11.81 3.43 -9.32
N GLU A 29 -11.63 4.74 -9.13
CA GLU A 29 -12.48 5.75 -9.73
C GLU A 29 -12.48 5.61 -11.25
N HIS A 30 -11.30 5.38 -11.81
CA HIS A 30 -11.14 5.25 -13.25
C HIS A 30 -11.59 3.87 -13.71
N LYS A 31 -11.39 2.86 -12.86
CA LYS A 31 -11.76 1.50 -13.18
C LYS A 31 -13.28 1.36 -13.24
N LYS A 32 -13.96 2.11 -12.41
CA LYS A 32 -15.41 2.11 -12.44
C LYS A 32 -15.93 2.82 -13.68
N LYS A 33 -15.22 3.85 -14.14
CA LYS A 33 -15.60 4.58 -15.34
C LYS A 33 -15.41 3.72 -16.59
N HIS A 34 -14.44 2.82 -16.53
CA HIS A 34 -14.15 1.94 -17.66
C HIS A 34 -13.84 0.54 -17.16
N PRO A 35 -14.88 -0.28 -16.98
CA PRO A 35 -14.75 -1.64 -16.44
C PRO A 35 -14.03 -2.60 -17.39
N ASP A 36 -13.92 -2.23 -18.65
CA ASP A 36 -13.26 -3.09 -19.64
C ASP A 36 -11.84 -2.61 -19.91
N ALA A 37 -11.47 -1.49 -19.33
CA ALA A 37 -10.13 -0.93 -19.50
C ALA A 37 -9.26 -1.23 -18.27
N SER A 38 -8.38 -2.21 -18.42
CA SER A 38 -7.46 -2.59 -17.33
C SER A 38 -6.73 -1.37 -16.75
N VAL A 39 -6.88 -1.19 -15.45
CA VAL A 39 -6.24 -0.08 -14.74
C VAL A 39 -5.20 -0.63 -13.75
N ASN A 40 -4.52 -1.70 -14.18
CA ASN A 40 -3.45 -2.37 -13.39
C ASN A 40 -2.67 -1.39 -12.50
N PHE A 41 -2.57 -1.73 -11.22
CA PHE A 41 -1.94 -0.89 -10.19
C PHE A 41 -0.58 -0.31 -10.63
N SER A 42 0.28 -1.15 -11.16
CA SER A 42 1.63 -0.71 -11.54
C SER A 42 1.60 0.39 -12.64
N GLU A 43 0.87 0.16 -13.73
CA GLU A 43 0.82 1.13 -14.82
C GLU A 43 0.09 2.42 -14.44
N PHE A 44 -0.74 2.33 -13.42
CA PHE A 44 -1.45 3.53 -12.97
C PHE A 44 -0.76 4.20 -11.81
N SER A 45 0.24 3.54 -11.26
CA SER A 45 0.99 4.07 -10.14
C SER A 45 1.68 5.37 -10.55
N LYS A 46 2.14 5.42 -11.79
CA LYS A 46 2.85 6.57 -12.30
C LYS A 46 1.91 7.74 -12.61
N LYS A 47 0.64 7.46 -12.85
CA LYS A 47 -0.34 8.51 -13.10
C LYS A 47 -0.81 9.13 -11.78
N CYS A 48 -0.93 8.30 -10.80
CA CYS A 48 -1.33 8.77 -9.49
C CYS A 48 -0.17 9.46 -8.76
N SER A 49 1.03 8.90 -8.86
CA SER A 49 2.20 9.48 -8.20
C SER A 49 2.42 10.96 -8.59
N GLU A 50 2.25 11.27 -9.87
CA GLU A 50 2.44 12.64 -10.36
C GLU A 50 1.41 13.59 -9.76
N ARG A 51 0.27 13.04 -9.35
CA ARG A 51 -0.76 13.84 -8.75
C ARG A 51 -0.57 13.88 -7.23
N TRP A 52 -0.14 12.79 -6.69
CA TRP A 52 0.14 12.69 -5.25
C TRP A 52 1.16 13.73 -4.85
N LYS A 53 2.23 13.82 -5.63
CA LYS A 53 3.31 14.76 -5.36
C LYS A 53 2.89 16.21 -5.64
N THR A 54 1.72 16.39 -6.24
CA THR A 54 1.24 17.73 -6.53
C THR A 54 0.00 18.09 -5.71
N MET A 55 -0.28 17.29 -4.68
CA MET A 55 -1.42 17.58 -3.80
C MET A 55 -0.93 18.25 -2.54
N SER A 56 -1.75 19.10 -1.96
CA SER A 56 -1.36 19.85 -0.78
C SER A 56 -1.55 19.03 0.51
N ALA A 57 -1.23 19.67 1.63
CA ALA A 57 -1.31 19.02 2.95
C ALA A 57 -2.74 18.57 3.29
N LYS A 58 -3.72 19.27 2.74
CA LYS A 58 -5.12 18.95 2.96
C LYS A 58 -5.46 17.60 2.34
N GLU A 59 -5.01 17.40 1.13
CA GLU A 59 -5.32 16.20 0.38
C GLU A 59 -4.51 15.00 0.88
N LYS A 60 -3.31 15.25 1.38
CA LYS A 60 -2.45 14.18 1.86
C LYS A 60 -2.87 13.73 3.25
N GLY A 61 -3.38 14.67 4.04
CA GLY A 61 -3.81 14.34 5.39
C GLY A 61 -4.91 13.31 5.41
N LYS A 62 -5.74 13.32 4.39
CA LYS A 62 -6.83 12.37 4.26
C LYS A 62 -6.29 10.96 4.10
N PHE A 63 -5.31 10.82 3.23
CA PHE A 63 -4.73 9.52 2.94
C PHE A 63 -3.81 9.05 4.05
N GLU A 64 -3.26 9.98 4.81
CA GLU A 64 -2.43 9.62 5.97
C GLU A 64 -3.27 8.88 6.99
N ASP A 65 -4.25 9.59 7.54
CA ASP A 65 -5.20 9.01 8.51
C ASP A 65 -5.68 7.61 8.13
N MET A 66 -6.09 7.44 6.88
CA MET A 66 -6.57 6.15 6.42
C MET A 66 -5.45 5.12 6.39
N ALA A 67 -4.25 5.54 6.01
CA ALA A 67 -3.09 4.65 5.97
C ALA A 67 -2.71 4.17 7.35
N LYS A 68 -3.03 4.98 8.35
CA LYS A 68 -2.77 4.63 9.74
C LYS A 68 -3.68 3.51 10.16
N ALA A 69 -4.86 3.47 9.56
CA ALA A 69 -5.85 2.46 9.89
C ALA A 69 -5.51 1.11 9.26
N ASP A 70 -4.57 1.11 8.30
CA ASP A 70 -4.18 -0.13 7.64
C ASP A 70 -3.27 -0.94 8.53
N LYS A 71 -2.66 -0.30 9.52
CA LYS A 71 -1.78 -1.03 10.40
C LYS A 71 -2.59 -2.04 11.24
N ALA A 72 -3.87 -1.75 11.40
CA ALA A 72 -4.78 -2.58 12.20
C ALA A 72 -4.92 -4.00 11.62
N ARG A 73 -4.62 -4.16 10.33
CA ARG A 73 -4.75 -5.48 9.71
C ARG A 73 -3.40 -6.17 9.62
N TYR A 74 -2.34 -5.41 9.91
CA TYR A 74 -0.99 -5.95 9.90
C TYR A 74 -0.54 -6.30 11.33
N GLU A 75 -0.92 -5.43 12.29
CA GLU A 75 -0.59 -5.65 13.71
C GLU A 75 -1.04 -7.03 14.16
N ARG A 76 -2.35 -7.27 14.12
CA ARG A 76 -2.95 -8.58 14.46
C ARG A 76 -2.18 -9.78 13.89
N GLU A 77 -1.60 -9.62 12.72
CA GLU A 77 -0.89 -10.71 12.09
C GLU A 77 0.49 -10.89 12.70
N MET A 78 1.20 -9.79 12.89
CA MET A 78 2.55 -9.83 13.44
C MET A 78 2.54 -10.21 14.92
N LYS A 79 1.53 -9.73 15.64
CA LYS A 79 1.42 -9.98 17.08
C LYS A 79 1.21 -11.47 17.39
N THR A 80 0.71 -12.24 16.43
CA THR A 80 0.45 -13.64 16.68
C THR A 80 1.44 -14.54 15.91
N TYR A 81 1.98 -14.03 14.82
CA TYR A 81 2.90 -14.80 14.01
C TYR A 81 4.29 -14.83 14.63
N ILE A 82 4.71 -16.00 15.06
CA ILE A 82 6.03 -16.17 15.62
C ILE A 82 6.99 -16.67 14.54
N PRO A 83 7.91 -15.80 14.09
CA PRO A 83 8.85 -16.12 13.03
C PRO A 83 10.06 -16.92 13.54
N PRO A 84 10.87 -17.47 12.61
CA PRO A 84 12.09 -18.20 12.96
C PRO A 84 13.12 -17.28 13.62
N LYS A 85 14.11 -17.88 14.26
CA LYS A 85 15.14 -17.11 14.96
C LYS A 85 16.34 -16.86 14.04
N GLY A 86 16.11 -16.96 12.74
CA GLY A 86 17.18 -16.73 11.79
C GLY A 86 18.01 -17.98 11.56
N GLU A 87 17.34 -19.13 11.61
CA GLU A 87 17.99 -20.41 11.40
C GLU A 87 18.36 -20.58 9.93
N GLY A 1 9.89 -24.81 -16.70
CA GLY A 1 10.45 -24.87 -15.33
C GLY A 1 9.54 -24.19 -14.34
N SER A 2 9.81 -24.38 -13.07
CA SER A 2 9.00 -23.79 -12.04
C SER A 2 9.79 -23.63 -10.74
N HIS A 3 9.93 -22.40 -10.28
CA HIS A 3 10.62 -22.12 -9.04
C HIS A 3 9.68 -22.36 -7.87
N MET A 4 10.11 -23.17 -6.93
CA MET A 4 9.26 -23.52 -5.79
C MET A 4 9.89 -23.07 -4.49
N GLY A 5 9.19 -23.33 -3.39
CA GLY A 5 9.66 -22.95 -2.08
C GLY A 5 8.56 -22.98 -1.05
N LYS A 6 8.85 -23.53 0.11
CA LYS A 6 7.86 -23.64 1.18
C LYS A 6 8.50 -23.39 2.53
N GLY A 7 7.70 -23.46 3.59
CA GLY A 7 8.22 -23.25 4.93
C GLY A 7 8.65 -21.82 5.15
N ASP A 8 7.84 -20.91 4.67
CA ASP A 8 8.14 -19.49 4.78
C ASP A 8 7.54 -18.94 6.06
N PRO A 9 8.37 -18.35 6.94
CA PRO A 9 7.91 -17.75 8.19
C PRO A 9 6.82 -16.71 7.93
N LYS A 10 5.63 -16.97 8.43
CA LYS A 10 4.50 -16.08 8.20
C LYS A 10 4.57 -14.84 9.08
N LYS A 11 5.14 -13.79 8.52
CA LYS A 11 5.27 -12.53 9.20
C LYS A 11 4.47 -11.46 8.46
N PRO A 12 3.61 -10.71 9.17
CA PRO A 12 2.82 -9.63 8.55
C PRO A 12 3.73 -8.61 7.86
N ARG A 13 3.37 -8.26 6.62
CA ARG A 13 4.18 -7.31 5.85
C ARG A 13 3.95 -5.89 6.33
N GLY A 14 2.91 -5.69 7.11
CA GLY A 14 2.59 -4.39 7.61
C GLY A 14 1.41 -3.77 6.89
N LYS A 15 1.25 -2.48 7.04
CA LYS A 15 0.18 -1.76 6.38
C LYS A 15 0.69 -1.19 5.08
N MET A 16 -0.11 -0.38 4.40
CA MET A 16 0.29 0.23 3.16
C MET A 16 0.58 1.70 3.39
N SER A 17 1.40 2.29 2.56
CA SER A 17 1.70 3.70 2.66
C SER A 17 0.65 4.50 1.91
N SER A 18 0.47 5.76 2.27
CA SER A 18 -0.48 6.64 1.63
C SER A 18 -0.33 6.66 0.12
N TYR A 19 0.91 6.60 -0.37
CA TYR A 19 1.15 6.57 -1.80
C TYR A 19 0.50 5.34 -2.43
N ALA A 20 0.57 4.21 -1.74
CA ALA A 20 -0.01 2.99 -2.26
C ALA A 20 -1.52 3.11 -2.30
N PHE A 21 -2.12 3.57 -1.19
CA PHE A 21 -3.55 3.84 -1.14
C PHE A 21 -3.97 4.77 -2.26
N PHE A 22 -3.13 5.73 -2.59
CA PHE A 22 -3.41 6.66 -3.68
C PHE A 22 -3.36 5.94 -5.02
N VAL A 23 -2.42 5.00 -5.17
CA VAL A 23 -2.26 4.24 -6.40
C VAL A 23 -3.55 3.47 -6.74
N GLN A 24 -4.24 3.03 -5.70
CA GLN A 24 -5.47 2.27 -5.91
C GLN A 24 -6.67 3.22 -5.98
N THR A 25 -6.68 4.25 -5.13
CA THR A 25 -7.74 5.26 -5.11
C THR A 25 -7.73 6.12 -6.39
N CYS A 26 -6.69 5.98 -7.18
CA CYS A 26 -6.58 6.75 -8.41
C CYS A 26 -7.40 6.05 -9.49
N ARG A 27 -7.52 4.73 -9.35
CA ARG A 27 -8.28 3.91 -10.26
C ARG A 27 -9.77 4.15 -10.10
N GLU A 28 -10.19 4.42 -8.87
CA GLU A 28 -11.61 4.57 -8.55
C GLU A 28 -12.33 5.56 -9.48
N GLU A 29 -12.13 6.86 -9.25
CA GLU A 29 -12.74 7.91 -10.05
C GLU A 29 -12.44 7.77 -11.54
N HIS A 30 -11.19 7.49 -11.86
CA HIS A 30 -10.74 7.44 -13.25
C HIS A 30 -11.47 6.36 -14.04
N LYS A 31 -11.57 5.16 -13.46
CA LYS A 31 -12.23 4.07 -14.15
C LYS A 31 -13.74 4.25 -14.15
N LYS A 32 -14.28 4.87 -13.11
CA LYS A 32 -15.70 5.11 -13.06
C LYS A 32 -16.12 6.18 -14.08
N LYS A 33 -15.52 7.38 -14.00
CA LYS A 33 -15.82 8.47 -14.93
C LYS A 33 -15.48 8.07 -16.37
N HIS A 34 -14.49 7.21 -16.51
CA HIS A 34 -14.07 6.72 -17.82
C HIS A 34 -13.93 5.21 -17.80
N PRO A 35 -15.01 4.48 -18.13
CA PRO A 35 -15.02 3.02 -18.09
C PRO A 35 -14.01 2.42 -19.06
N ASP A 36 -13.70 3.16 -20.10
CA ASP A 36 -12.78 2.74 -21.13
C ASP A 36 -11.34 3.17 -20.81
N ALA A 37 -11.05 3.37 -19.50
CA ALA A 37 -9.70 3.78 -19.02
C ALA A 37 -8.58 3.11 -19.83
N SER A 38 -8.73 1.80 -20.09
CA SER A 38 -7.80 1.04 -20.94
C SER A 38 -6.33 1.26 -20.55
N VAL A 39 -6.06 1.41 -19.26
CA VAL A 39 -4.69 1.65 -18.80
C VAL A 39 -4.32 0.68 -17.68
N ASN A 40 -3.39 -0.21 -17.99
CA ASN A 40 -2.90 -1.22 -17.03
C ASN A 40 -2.29 -0.59 -15.76
N PHE A 41 -1.72 -1.44 -14.91
CA PHE A 41 -1.19 -1.01 -13.63
C PHE A 41 0.02 -0.09 -13.78
N SER A 42 1.08 -0.59 -14.39
CA SER A 42 2.32 0.19 -14.52
C SER A 42 2.08 1.54 -15.20
N GLU A 43 1.46 1.52 -16.37
CA GLU A 43 1.23 2.74 -17.14
C GLU A 43 0.41 3.80 -16.40
N PHE A 44 -0.58 3.37 -15.63
CA PHE A 44 -1.42 4.33 -14.91
C PHE A 44 -0.86 4.69 -13.52
N SER A 45 0.04 3.88 -13.00
CA SER A 45 0.61 4.16 -11.69
C SER A 45 1.60 5.30 -11.77
N LYS A 46 2.39 5.31 -12.83
CA LYS A 46 3.34 6.38 -13.04
C LYS A 46 2.62 7.64 -13.48
N LYS A 47 1.41 7.48 -14.01
CA LYS A 47 0.58 8.61 -14.42
C LYS A 47 0.06 9.34 -13.19
N CYS A 48 -0.38 8.58 -12.21
CA CYS A 48 -0.88 9.15 -10.95
C CYS A 48 0.24 9.75 -10.10
N SER A 49 1.46 9.30 -10.33
CA SER A 49 2.62 9.77 -9.56
C SER A 49 2.75 11.31 -9.54
N GLU A 50 2.49 11.97 -10.68
CA GLU A 50 2.61 13.43 -10.75
C GLU A 50 1.50 14.13 -9.96
N ARG A 51 0.40 13.42 -9.76
CA ARG A 51 -0.73 13.97 -9.06
C ARG A 51 -0.50 13.91 -7.55
N TRP A 52 0.11 12.84 -7.11
CA TRP A 52 0.43 12.64 -5.69
C TRP A 52 1.27 13.81 -5.18
N LYS A 53 2.12 14.33 -6.05
CA LYS A 53 3.00 15.43 -5.71
C LYS A 53 2.25 16.77 -5.67
N THR A 54 1.21 16.90 -6.47
CA THR A 54 0.48 18.15 -6.57
C THR A 54 -0.70 18.22 -5.60
N MET A 55 -0.96 17.16 -4.85
CA MET A 55 -2.05 17.16 -3.90
C MET A 55 -1.63 17.73 -2.56
N SER A 56 -2.55 18.45 -1.93
CA SER A 56 -2.29 19.06 -0.63
C SER A 56 -2.40 18.04 0.50
N ALA A 57 -2.09 18.47 1.72
CA ALA A 57 -2.12 17.58 2.88
C ALA A 57 -3.53 17.09 3.18
N LYS A 58 -4.53 17.87 2.80
CA LYS A 58 -5.93 17.46 2.99
C LYS A 58 -6.24 16.25 2.13
N GLU A 59 -5.77 16.25 0.90
CA GLU A 59 -6.02 15.17 -0.04
C GLU A 59 -5.21 13.93 0.35
N LYS A 60 -4.23 14.12 1.20
CA LYS A 60 -3.38 13.03 1.67
C LYS A 60 -3.86 12.52 3.01
N GLY A 61 -4.57 13.39 3.74
CA GLY A 61 -5.07 13.05 5.06
C GLY A 61 -5.97 11.83 5.04
N LYS A 62 -6.63 11.61 3.92
CA LYS A 62 -7.50 10.46 3.75
C LYS A 62 -6.67 9.17 3.81
N PHE A 63 -5.62 9.14 3.00
CA PHE A 63 -4.76 7.96 2.92
C PHE A 63 -3.93 7.82 4.19
N GLU A 64 -3.49 8.96 4.72
CA GLU A 64 -2.71 9.01 5.94
C GLU A 64 -3.52 8.61 7.16
N ASP A 65 -4.84 8.53 7.01
CA ASP A 65 -5.70 8.20 8.13
C ASP A 65 -6.03 6.72 8.09
N MET A 66 -6.18 6.21 6.87
CA MET A 66 -6.54 4.82 6.67
C MET A 66 -5.38 3.90 7.03
N ALA A 67 -4.16 4.40 6.83
CA ALA A 67 -2.95 3.65 7.14
C ALA A 67 -2.87 3.32 8.62
N LYS A 68 -3.49 4.16 9.45
CA LYS A 68 -3.49 3.93 10.89
C LYS A 68 -4.42 2.77 11.24
N ALA A 69 -5.55 2.72 10.56
CA ALA A 69 -6.53 1.65 10.77
C ALA A 69 -6.01 0.35 10.19
N ASP A 70 -5.30 0.44 9.07
CA ASP A 70 -4.72 -0.72 8.41
C ASP A 70 -3.48 -1.19 9.17
N LYS A 71 -3.02 -0.38 10.11
CA LYS A 71 -1.88 -0.73 10.92
C LYS A 71 -2.37 -1.57 12.09
N ALA A 72 -3.46 -1.12 12.67
CA ALA A 72 -4.09 -1.77 13.82
C ALA A 72 -4.60 -3.19 13.49
N ARG A 73 -4.55 -3.57 12.22
CA ARG A 73 -5.08 -4.86 11.83
C ARG A 73 -3.99 -5.92 11.68
N TYR A 74 -2.76 -5.48 11.38
CA TYR A 74 -1.66 -6.43 11.20
C TYR A 74 -0.84 -6.56 12.48
N GLU A 75 -0.78 -5.48 13.27
CA GLU A 75 0.01 -5.45 14.49
C GLU A 75 -0.31 -6.61 15.41
N ARG A 76 -1.59 -6.96 15.53
CA ARG A 76 -1.99 -8.09 16.36
C ARG A 76 -1.31 -9.39 15.92
N GLU A 77 -1.32 -9.65 14.62
CA GLU A 77 -0.68 -10.83 14.06
C GLU A 77 0.82 -10.82 14.31
N MET A 78 1.42 -9.65 14.24
CA MET A 78 2.86 -9.52 14.44
C MET A 78 3.23 -9.83 15.90
N LYS A 79 2.72 -9.02 16.82
CA LYS A 79 3.02 -9.20 18.25
C LYS A 79 2.69 -10.61 18.78
N THR A 80 1.73 -11.29 18.13
CA THR A 80 1.33 -12.62 18.57
C THR A 80 2.20 -13.71 17.90
N TYR A 81 2.99 -13.31 16.93
CA TYR A 81 3.85 -14.23 16.22
C TYR A 81 5.29 -14.07 16.66
N ILE A 82 5.98 -15.18 16.83
CA ILE A 82 7.37 -15.14 17.23
C ILE A 82 8.26 -15.31 16.00
N PRO A 83 8.97 -14.25 15.62
CA PRO A 83 9.86 -14.29 14.46
C PRO A 83 11.18 -14.98 14.78
N PRO A 84 11.91 -15.43 13.74
CA PRO A 84 13.21 -16.07 13.92
C PRO A 84 14.23 -15.11 14.54
N LYS A 85 14.54 -15.32 15.81
CA LYS A 85 15.48 -14.48 16.52
C LYS A 85 16.88 -15.07 16.47
N GLY A 86 17.00 -16.20 15.81
CA GLY A 86 18.27 -16.87 15.69
C GLY A 86 18.24 -18.27 16.25
N GLU A 87 17.25 -18.53 17.07
CA GLU A 87 17.08 -19.84 17.66
C GLU A 87 16.06 -20.63 16.86
N GLY A 1 28.72 -13.35 -2.73
CA GLY A 1 28.30 -11.97 -3.05
C GLY A 1 27.08 -11.56 -2.24
N SER A 2 25.92 -12.03 -2.65
CA SER A 2 24.69 -11.72 -1.96
C SER A 2 24.48 -12.65 -0.79
N HIS A 3 23.67 -12.24 0.17
CA HIS A 3 23.40 -13.05 1.35
C HIS A 3 22.18 -13.92 1.09
N MET A 4 22.43 -15.17 0.76
CA MET A 4 21.36 -16.11 0.48
C MET A 4 20.97 -16.81 1.76
N GLY A 5 19.84 -16.43 2.31
CA GLY A 5 19.39 -17.02 3.54
C GLY A 5 17.99 -17.57 3.45
N LYS A 6 17.79 -18.72 4.03
CA LYS A 6 16.49 -19.36 4.03
C LYS A 6 15.84 -19.24 5.41
N GLY A 7 14.65 -19.79 5.57
CA GLY A 7 13.94 -19.65 6.81
C GLY A 7 13.49 -18.23 6.98
N ASP A 8 12.78 -17.73 5.98
CA ASP A 8 12.34 -16.35 5.94
C ASP A 8 11.38 -16.02 7.06
N PRO A 9 11.74 -15.04 7.91
CA PRO A 9 10.87 -14.60 8.98
C PRO A 9 9.58 -14.03 8.43
N LYS A 10 8.47 -14.43 9.01
CA LYS A 10 7.18 -13.98 8.54
C LYS A 10 6.70 -12.79 9.36
N LYS A 11 7.65 -12.16 10.06
CA LYS A 11 7.38 -11.00 10.87
C LYS A 11 6.79 -9.87 10.03
N PRO A 12 5.57 -9.43 10.37
CA PRO A 12 4.91 -8.33 9.65
C PRO A 12 5.78 -7.08 9.68
N ARG A 13 6.15 -6.61 8.51
CA ARG A 13 7.00 -5.44 8.40
C ARG A 13 6.17 -4.16 8.45
N GLY A 14 4.90 -4.29 8.10
CA GLY A 14 4.03 -3.15 8.13
C GLY A 14 2.76 -3.42 7.36
N LYS A 15 1.92 -2.41 7.26
CA LYS A 15 0.68 -2.52 6.51
C LYS A 15 0.89 -2.03 5.06
N MET A 16 0.36 -0.86 4.72
CA MET A 16 0.56 -0.27 3.42
C MET A 16 0.97 1.17 3.62
N SER A 17 1.65 1.74 2.65
CA SER A 17 2.09 3.10 2.77
C SER A 17 1.05 4.05 2.18
N SER A 18 1.21 5.33 2.43
CA SER A 18 0.27 6.34 1.99
C SER A 18 0.11 6.34 0.47
N TYR A 19 1.23 6.27 -0.24
CA TYR A 19 1.21 6.22 -1.70
C TYR A 19 0.45 5.00 -2.20
N ALA A 20 0.54 3.89 -1.46
CA ALA A 20 -0.14 2.67 -1.83
C ALA A 20 -1.66 2.85 -1.78
N PHE A 21 -2.14 3.47 -0.70
CA PHE A 21 -3.57 3.75 -0.58
C PHE A 21 -4.02 4.66 -1.71
N PHE A 22 -3.12 5.52 -2.15
CA PHE A 22 -3.42 6.41 -3.25
C PHE A 22 -3.53 5.63 -4.56
N VAL A 23 -2.63 4.66 -4.74
CA VAL A 23 -2.63 3.81 -5.94
C VAL A 23 -3.96 3.08 -6.10
N GLN A 24 -4.50 2.57 -5.00
CA GLN A 24 -5.74 1.81 -5.06
C GLN A 24 -6.93 2.75 -5.27
N THR A 25 -6.76 4.00 -4.84
CA THR A 25 -7.79 5.01 -5.00
C THR A 25 -7.76 5.57 -6.43
N CYS A 26 -6.64 6.18 -6.80
CA CYS A 26 -6.40 6.69 -8.18
C CYS A 26 -7.04 5.76 -9.25
N ARG A 27 -6.85 4.45 -9.11
CA ARG A 27 -7.47 3.48 -10.02
C ARG A 27 -8.98 3.55 -9.92
N GLU A 28 -9.48 3.44 -8.70
CA GLU A 28 -10.89 3.46 -8.40
C GLU A 28 -11.59 4.72 -8.96
N GLU A 29 -10.96 5.89 -8.78
CA GLU A 29 -11.54 7.14 -9.30
C GLU A 29 -11.64 7.13 -10.81
N HIS A 30 -10.61 6.62 -11.47
CA HIS A 30 -10.60 6.57 -12.92
C HIS A 30 -11.70 5.63 -13.42
N LYS A 31 -11.97 4.59 -12.64
CA LYS A 31 -13.04 3.64 -12.97
C LYS A 31 -14.40 4.31 -12.83
N LYS A 32 -14.49 5.23 -11.89
CA LYS A 32 -15.71 5.99 -11.67
C LYS A 32 -16.03 6.84 -12.88
N LYS A 33 -15.06 7.64 -13.31
CA LYS A 33 -15.24 8.56 -14.42
C LYS A 33 -15.30 7.82 -15.76
N HIS A 34 -14.54 6.74 -15.86
CA HIS A 34 -14.50 5.96 -17.09
C HIS A 34 -14.50 4.46 -16.78
N PRO A 35 -15.69 3.83 -16.81
CA PRO A 35 -15.85 2.39 -16.56
C PRO A 35 -15.10 1.56 -17.60
N ASP A 36 -14.88 2.14 -18.77
CA ASP A 36 -14.17 1.48 -19.87
C ASP A 36 -12.69 1.80 -19.81
N ALA A 37 -12.21 2.08 -18.59
CA ALA A 37 -10.82 2.48 -18.29
C ALA A 37 -9.76 1.99 -19.29
N SER A 38 -9.81 0.70 -19.69
CA SER A 38 -8.82 0.12 -20.64
C SER A 38 -7.39 0.59 -20.33
N VAL A 39 -7.06 0.68 -19.04
CA VAL A 39 -5.77 1.22 -18.62
C VAL A 39 -4.74 0.10 -18.40
N ASN A 40 -3.61 0.48 -17.82
CA ASN A 40 -2.53 -0.46 -17.55
C ASN A 40 -1.80 -0.08 -16.27
N PHE A 41 -1.36 -1.09 -15.52
CA PHE A 41 -0.73 -0.86 -14.22
C PHE A 41 0.63 -0.14 -14.32
N SER A 42 1.31 -0.27 -15.43
CA SER A 42 2.61 0.35 -15.57
C SER A 42 2.50 1.85 -15.83
N GLU A 43 1.87 2.20 -16.94
CA GLU A 43 1.77 3.61 -17.34
C GLU A 43 0.83 4.42 -16.44
N PHE A 44 -0.16 3.78 -15.85
CA PHE A 44 -1.09 4.49 -15.00
C PHE A 44 -0.45 4.87 -13.65
N SER A 45 0.44 4.04 -13.15
CA SER A 45 1.13 4.31 -11.89
C SER A 45 1.90 5.62 -11.93
N LYS A 46 2.61 5.86 -13.02
CA LYS A 46 3.40 7.07 -13.14
C LYS A 46 2.51 8.31 -13.24
N LYS A 47 1.32 8.16 -13.83
CA LYS A 47 0.38 9.27 -13.91
C LYS A 47 -0.27 9.53 -12.56
N CYS A 48 -0.50 8.47 -11.82
CA CYS A 48 -1.05 8.61 -10.49
C CYS A 48 -0.09 9.41 -9.62
N SER A 49 1.15 8.92 -9.51
CA SER A 49 2.17 9.62 -8.75
C SER A 49 2.30 11.11 -9.13
N GLU A 50 2.00 11.44 -10.40
CA GLU A 50 2.01 12.84 -10.84
C GLU A 50 1.07 13.66 -9.96
N ARG A 51 -0.15 13.16 -9.77
CA ARG A 51 -1.15 13.80 -8.92
C ARG A 51 -0.74 13.74 -7.46
N TRP A 52 -0.29 12.59 -7.03
CA TRP A 52 0.16 12.35 -5.64
C TRP A 52 1.11 13.46 -5.16
N LYS A 53 1.99 13.88 -6.04
CA LYS A 53 2.99 14.90 -5.71
C LYS A 53 2.41 16.32 -5.78
N THR A 54 1.19 16.45 -6.28
CA THR A 54 0.57 17.76 -6.40
C THR A 54 -0.70 17.89 -5.55
N MET A 55 -0.96 16.88 -4.73
CA MET A 55 -2.13 16.92 -3.85
C MET A 55 -1.83 17.72 -2.61
N SER A 56 -2.75 18.57 -2.24
CA SER A 56 -2.58 19.42 -1.08
C SER A 56 -2.96 18.62 0.18
N ALA A 57 -2.65 19.17 1.35
CA ALA A 57 -2.97 18.53 2.63
C ALA A 57 -4.42 18.06 2.71
N LYS A 58 -5.32 18.83 2.11
CA LYS A 58 -6.74 18.49 2.10
C LYS A 58 -7.00 17.16 1.37
N GLU A 59 -6.37 17.00 0.22
CA GLU A 59 -6.57 15.82 -0.61
C GLU A 59 -5.75 14.64 -0.11
N LYS A 60 -4.57 14.90 0.41
CA LYS A 60 -3.67 13.85 0.86
C LYS A 60 -4.05 13.39 2.27
N GLY A 61 -4.86 14.21 2.95
CA GLY A 61 -5.31 13.92 4.29
C GLY A 61 -6.04 12.60 4.40
N LYS A 62 -6.62 12.13 3.31
CA LYS A 62 -7.32 10.86 3.29
C LYS A 62 -6.36 9.72 3.57
N PHE A 63 -5.31 9.65 2.78
CA PHE A 63 -4.33 8.58 2.86
C PHE A 63 -3.51 8.70 4.13
N GLU A 64 -3.23 9.94 4.52
CA GLU A 64 -2.47 10.21 5.73
C GLU A 64 -3.28 9.93 6.99
N ASP A 65 -4.57 9.71 6.82
CA ASP A 65 -5.45 9.45 7.96
C ASP A 65 -5.69 7.96 8.10
N MET A 66 -5.95 7.31 6.96
CA MET A 66 -6.25 5.89 6.93
C MET A 66 -5.01 5.05 7.22
N ALA A 67 -3.84 5.61 6.94
CA ALA A 67 -2.59 4.90 7.14
C ALA A 67 -2.42 4.42 8.58
N LYS A 68 -2.81 5.27 9.53
CA LYS A 68 -2.68 4.95 10.95
C LYS A 68 -3.77 3.99 11.40
N ALA A 69 -4.81 3.86 10.61
CA ALA A 69 -5.92 2.97 10.94
C ALA A 69 -5.73 1.60 10.32
N ASP A 70 -4.96 1.55 9.24
CA ASP A 70 -4.73 0.31 8.51
C ASP A 70 -3.78 -0.63 9.26
N LYS A 71 -3.13 -0.10 10.30
CA LYS A 71 -2.19 -0.91 11.09
C LYS A 71 -2.86 -2.13 11.72
N ALA A 72 -4.18 -2.10 11.77
CA ALA A 72 -5.01 -3.17 12.35
C ALA A 72 -4.82 -4.52 11.64
N ARG A 73 -4.10 -4.54 10.52
CA ARG A 73 -3.95 -5.76 9.76
C ARG A 73 -2.66 -6.50 10.12
N TYR A 74 -1.62 -5.77 10.48
CA TYR A 74 -0.35 -6.42 10.79
C TYR A 74 -0.22 -6.69 12.29
N GLU A 75 -0.86 -5.85 13.10
CA GLU A 75 -0.78 -5.99 14.56
C GLU A 75 -1.23 -7.39 14.98
N ARG A 76 -2.49 -7.71 14.72
CA ARG A 76 -3.05 -9.05 14.95
C ARG A 76 -2.12 -10.22 14.55
N GLU A 77 -1.23 -9.99 13.60
CA GLU A 77 -0.34 -11.03 13.14
C GLU A 77 0.99 -10.99 13.89
N MET A 78 1.43 -9.79 14.20
CA MET A 78 2.69 -9.59 14.92
C MET A 78 2.53 -10.02 16.39
N LYS A 79 1.41 -9.66 16.98
CA LYS A 79 1.11 -9.98 18.38
C LYS A 79 1.11 -11.49 18.64
N THR A 80 0.92 -12.27 17.59
CA THR A 80 0.86 -13.72 17.72
C THR A 80 2.08 -14.37 17.05
N TYR A 81 3.01 -13.55 16.60
CA TYR A 81 4.19 -14.06 15.92
C TYR A 81 5.35 -14.23 16.90
N ILE A 82 6.09 -15.30 16.74
CA ILE A 82 7.24 -15.58 17.58
C ILE A 82 8.53 -15.26 16.80
N PRO A 83 9.34 -14.32 17.31
CA PRO A 83 10.59 -13.90 16.66
C PRO A 83 11.63 -15.04 16.60
N PRO A 84 12.10 -15.37 15.38
CA PRO A 84 13.10 -16.41 15.18
C PRO A 84 14.49 -15.98 15.62
N LYS A 85 15.10 -16.74 16.50
CA LYS A 85 16.43 -16.42 17.00
C LYS A 85 17.49 -17.12 16.16
N GLY A 86 17.48 -16.84 14.87
CA GLY A 86 18.46 -17.42 13.98
C GLY A 86 19.13 -16.38 13.14
N GLU A 87 19.06 -15.15 13.58
CA GLU A 87 19.66 -14.03 12.88
C GLU A 87 21.19 -14.06 13.00
N GLY A 1 22.48 -6.74 2.95
CA GLY A 1 22.31 -7.79 3.96
C GLY A 1 22.76 -9.14 3.46
N SER A 2 22.53 -10.16 4.25
CA SER A 2 22.92 -11.50 3.88
C SER A 2 21.72 -12.28 3.35
N HIS A 3 21.98 -13.26 2.50
CA HIS A 3 20.90 -14.07 1.91
C HIS A 3 21.04 -15.54 2.29
N MET A 4 21.72 -15.78 3.39
CA MET A 4 21.96 -17.15 3.85
C MET A 4 20.83 -17.65 4.74
N GLY A 5 20.01 -16.72 5.22
CA GLY A 5 18.89 -17.09 6.07
C GLY A 5 17.72 -17.65 5.28
N LYS A 6 17.87 -18.87 4.80
CA LYS A 6 16.86 -19.53 4.00
C LYS A 6 15.68 -19.95 4.88
N GLY A 7 14.48 -19.89 4.33
CA GLY A 7 13.30 -20.25 5.07
C GLY A 7 12.95 -19.21 6.10
N ASP A 8 12.85 -17.97 5.67
CA ASP A 8 12.55 -16.86 6.56
C ASP A 8 11.08 -16.88 7.00
N PRO A 9 10.81 -16.57 8.28
CA PRO A 9 9.46 -16.56 8.85
C PRO A 9 8.53 -15.56 8.16
N LYS A 10 7.24 -15.79 8.26
CA LYS A 10 6.25 -14.90 7.67
C LYS A 10 6.03 -13.68 8.55
N LYS A 11 6.84 -12.67 8.34
CA LYS A 11 6.76 -11.46 9.12
C LYS A 11 6.27 -10.31 8.26
N PRO A 12 5.18 -9.66 8.67
CA PRO A 12 4.69 -8.48 7.97
C PRO A 12 5.74 -7.38 8.01
N ARG A 13 6.20 -6.99 6.84
CA ARG A 13 7.25 -5.99 6.74
C ARG A 13 6.69 -4.59 6.75
N GLY A 14 5.39 -4.47 6.49
CA GLY A 14 4.78 -3.17 6.54
C GLY A 14 3.39 -3.12 5.95
N LYS A 15 2.50 -2.43 6.67
CA LYS A 15 1.16 -2.13 6.18
C LYS A 15 1.33 -1.08 5.08
N MET A 16 0.29 -0.76 4.29
CA MET A 16 0.43 0.16 3.17
C MET A 16 0.52 1.61 3.66
N SER A 17 1.22 2.44 2.88
CA SER A 17 1.43 3.83 3.25
C SER A 17 0.35 4.73 2.62
N SER A 18 0.53 6.03 2.71
CA SER A 18 -0.43 6.98 2.18
C SER A 18 -0.51 6.93 0.66
N TYR A 19 0.64 6.99 0.00
CA TYR A 19 0.71 6.86 -1.46
C TYR A 19 0.02 5.60 -1.93
N ALA A 20 0.20 4.52 -1.19
CA ALA A 20 -0.41 3.25 -1.50
C ALA A 20 -1.94 3.36 -1.48
N PHE A 21 -2.47 4.05 -0.48
CA PHE A 21 -3.90 4.28 -0.38
C PHE A 21 -4.38 5.25 -1.44
N PHE A 22 -3.49 6.13 -1.87
CA PHE A 22 -3.83 7.07 -2.92
C PHE A 22 -3.99 6.34 -4.24
N VAL A 23 -3.02 5.49 -4.57
CA VAL A 23 -3.05 4.72 -5.81
C VAL A 23 -4.26 3.80 -5.88
N GLN A 24 -4.74 3.33 -4.73
CA GLN A 24 -5.86 2.40 -4.73
C GLN A 24 -7.15 3.17 -4.93
N THR A 25 -7.10 4.46 -4.65
CA THR A 25 -8.21 5.35 -4.84
C THR A 25 -8.19 5.87 -6.26
N CYS A 26 -7.14 6.61 -6.60
CA CYS A 26 -6.87 7.12 -7.96
C CYS A 26 -7.30 6.09 -9.05
N ARG A 27 -6.90 4.83 -8.89
CA ARG A 27 -7.28 3.76 -9.84
C ARG A 27 -8.80 3.58 -9.87
N GLU A 28 -9.42 3.60 -8.70
CA GLU A 28 -10.86 3.39 -8.56
C GLU A 28 -11.65 4.46 -9.30
N GLU A 29 -11.17 5.71 -9.28
CA GLU A 29 -11.86 6.81 -9.92
C GLU A 29 -12.06 6.51 -11.40
N HIS A 30 -11.02 6.01 -12.03
CA HIS A 30 -11.06 5.69 -13.45
C HIS A 30 -11.89 4.43 -13.70
N LYS A 31 -11.86 3.49 -12.76
CA LYS A 31 -12.62 2.25 -12.90
C LYS A 31 -14.10 2.54 -12.78
N LYS A 32 -14.42 3.48 -11.91
CA LYS A 32 -15.80 3.90 -11.72
C LYS A 32 -16.33 4.56 -13.00
N LYS A 33 -15.47 5.34 -13.66
CA LYS A 33 -15.84 6.02 -14.90
C LYS A 33 -15.82 5.05 -16.10
N HIS A 34 -15.00 4.01 -16.01
CA HIS A 34 -14.89 3.03 -17.09
C HIS A 34 -14.85 1.61 -16.53
N PRO A 35 -16.02 1.02 -16.29
CA PRO A 35 -16.14 -0.32 -15.71
C PRO A 35 -15.79 -1.45 -16.69
N ASP A 36 -15.98 -1.22 -17.98
CA ASP A 36 -15.72 -2.27 -18.97
C ASP A 36 -14.24 -2.42 -19.23
N ALA A 37 -13.53 -1.31 -19.24
CA ALA A 37 -12.10 -1.33 -19.48
C ALA A 37 -11.36 -2.05 -18.36
N SER A 38 -11.36 -1.41 -17.18
CA SER A 38 -10.70 -1.91 -15.97
C SER A 38 -9.30 -1.32 -15.87
N VAL A 39 -8.90 -0.97 -14.67
CA VAL A 39 -7.65 -0.29 -14.46
C VAL A 39 -6.49 -1.25 -14.25
N ASN A 40 -5.35 -0.68 -13.92
CA ASN A 40 -4.13 -1.46 -13.70
C ASN A 40 -3.23 -0.76 -12.70
N PHE A 41 -2.55 -1.55 -11.88
CA PHE A 41 -1.69 -1.02 -10.81
C PHE A 41 -0.42 -0.34 -11.34
N SER A 42 0.07 -0.80 -12.48
CA SER A 42 1.32 -0.28 -13.01
C SER A 42 1.13 1.06 -13.73
N GLU A 43 0.24 1.06 -14.73
CA GLU A 43 0.01 2.27 -15.53
C GLU A 43 -0.49 3.43 -14.67
N PHE A 44 -1.29 3.11 -13.68
CA PHE A 44 -1.84 4.13 -12.82
C PHE A 44 -0.85 4.59 -11.76
N SER A 45 0.04 3.71 -11.35
CA SER A 45 1.02 4.07 -10.33
C SER A 45 1.86 5.26 -10.81
N LYS A 46 2.26 5.24 -12.08
CA LYS A 46 3.09 6.31 -12.62
C LYS A 46 2.29 7.57 -12.95
N LYS A 47 1.01 7.44 -13.32
CA LYS A 47 0.16 8.61 -13.60
C LYS A 47 -0.34 9.25 -12.29
N CYS A 48 -0.57 8.41 -11.32
CA CYS A 48 -1.06 8.87 -10.04
C CYS A 48 0.05 9.50 -9.19
N SER A 49 1.24 8.89 -9.16
CA SER A 49 2.37 9.44 -8.39
C SER A 49 2.64 10.91 -8.72
N GLU A 50 2.54 11.27 -10.00
CA GLU A 50 2.74 12.67 -10.41
C GLU A 50 1.66 13.58 -9.81
N ARG A 51 0.45 13.05 -9.70
CA ARG A 51 -0.67 13.79 -9.13
C ARG A 51 -0.49 13.89 -7.61
N TRP A 52 -0.03 12.82 -7.03
CA TRP A 52 0.29 12.75 -5.59
C TRP A 52 1.17 13.92 -5.17
N LYS A 53 2.17 14.22 -5.98
CA LYS A 53 3.11 15.31 -5.70
C LYS A 53 2.42 16.67 -5.75
N THR A 54 1.35 16.78 -6.52
CA THR A 54 0.66 18.04 -6.68
C THR A 54 -0.50 18.18 -5.67
N MET A 55 -0.64 17.21 -4.77
CA MET A 55 -1.69 17.26 -3.77
C MET A 55 -1.16 17.90 -2.49
N SER A 56 -1.95 18.81 -1.93
CA SER A 56 -1.54 19.54 -0.75
C SER A 56 -1.79 18.71 0.53
N ALA A 57 -1.63 19.35 1.69
CA ALA A 57 -1.83 18.68 2.97
C ALA A 57 -3.27 18.23 3.18
N LYS A 58 -4.21 19.01 2.66
CA LYS A 58 -5.63 18.69 2.81
C LYS A 58 -5.96 17.41 2.05
N GLU A 59 -5.30 17.24 0.93
CA GLU A 59 -5.53 16.10 0.08
C GLU A 59 -4.86 14.86 0.64
N LYS A 60 -3.59 14.99 1.03
CA LYS A 60 -2.82 13.87 1.56
C LYS A 60 -3.34 13.41 2.91
N GLY A 61 -3.79 14.36 3.73
CA GLY A 61 -4.34 14.02 5.04
C GLY A 61 -5.50 13.05 4.96
N LYS A 62 -6.25 13.14 3.87
CA LYS A 62 -7.37 12.26 3.61
C LYS A 62 -6.90 10.82 3.44
N PHE A 63 -5.80 10.66 2.73
CA PHE A 63 -5.26 9.34 2.46
C PHE A 63 -4.47 8.81 3.65
N GLU A 64 -3.82 9.71 4.38
CA GLU A 64 -3.11 9.31 5.58
C GLU A 64 -4.06 8.71 6.59
N ASP A 65 -5.13 9.45 6.90
CA ASP A 65 -6.25 8.95 7.74
C ASP A 65 -6.54 7.47 7.49
N MET A 66 -6.65 7.08 6.21
CA MET A 66 -6.92 5.69 5.86
C MET A 66 -5.69 4.81 6.09
N ALA A 67 -4.51 5.32 5.74
CA ALA A 67 -3.26 4.59 5.88
C ALA A 67 -2.93 4.29 7.35
N LYS A 68 -3.35 5.18 8.24
CA LYS A 68 -3.10 5.00 9.66
C LYS A 68 -3.93 3.86 10.21
N ALA A 69 -5.07 3.61 9.59
CA ALA A 69 -5.96 2.55 10.03
C ALA A 69 -5.49 1.19 9.52
N ASP A 70 -4.54 1.21 8.59
CA ASP A 70 -4.04 -0.03 7.98
C ASP A 70 -3.05 -0.74 8.90
N LYS A 71 -2.56 -0.04 9.91
CA LYS A 71 -1.62 -0.63 10.87
C LYS A 71 -2.26 -1.81 11.59
N ALA A 72 -3.59 -1.84 11.59
CA ALA A 72 -4.35 -2.88 12.25
C ALA A 72 -4.19 -4.24 11.58
N ARG A 73 -3.54 -4.30 10.42
CA ARG A 73 -3.39 -5.57 9.71
C ARG A 73 -2.09 -6.26 10.09
N TYR A 74 -1.00 -5.52 10.15
CA TYR A 74 0.29 -6.13 10.43
C TYR A 74 0.43 -6.45 11.90
N GLU A 75 -0.19 -5.63 12.74
CA GLU A 75 -0.12 -5.83 14.18
C GLU A 75 -0.77 -7.16 14.57
N ARG A 76 -2.09 -7.28 14.34
CA ARG A 76 -2.80 -8.55 14.57
C ARG A 76 -2.03 -9.79 14.04
N GLU A 77 -1.30 -9.63 12.94
CA GLU A 77 -0.53 -10.74 12.39
C GLU A 77 0.71 -11.02 13.24
N MET A 78 1.39 -9.97 13.66
CA MET A 78 2.61 -10.10 14.45
C MET A 78 2.34 -10.58 15.87
N LYS A 79 1.27 -10.06 16.47
CA LYS A 79 0.94 -10.42 17.85
C LYS A 79 0.56 -11.89 18.00
N THR A 80 0.01 -12.47 16.94
CA THR A 80 -0.39 -13.86 16.97
C THR A 80 0.69 -14.76 16.33
N TYR A 81 1.78 -14.15 15.91
CA TYR A 81 2.85 -14.88 15.27
C TYR A 81 4.02 -15.01 16.22
N ILE A 82 4.45 -16.24 16.46
CA ILE A 82 5.58 -16.50 17.33
C ILE A 82 6.88 -16.45 16.52
N PRO A 83 7.74 -15.47 16.82
CA PRO A 83 9.01 -15.34 16.12
C PRO A 83 10.07 -16.30 16.66
N PRO A 84 10.64 -17.14 15.78
CA PRO A 84 11.67 -18.09 16.18
C PRO A 84 12.98 -17.39 16.54
N LYS A 85 13.21 -17.23 17.82
CA LYS A 85 14.38 -16.55 18.29
C LYS A 85 15.58 -17.49 18.34
N GLY A 86 16.45 -17.34 17.37
CA GLY A 86 17.64 -18.16 17.34
C GLY A 86 18.76 -17.50 18.11
N GLU A 87 18.54 -16.24 18.48
CA GLU A 87 19.52 -15.46 19.21
C GLU A 87 19.08 -15.29 20.66
N GLY A 1 23.35 -19.03 -5.19
CA GLY A 1 22.80 -20.32 -5.67
C GLY A 1 21.93 -20.99 -4.63
N SER A 2 22.54 -21.80 -3.78
CA SER A 2 21.80 -22.51 -2.75
C SER A 2 21.86 -21.78 -1.42
N HIS A 3 21.05 -22.24 -0.45
CA HIS A 3 21.00 -21.67 0.90
C HIS A 3 20.49 -20.23 0.87
N MET A 4 19.71 -19.91 -0.14
CA MET A 4 19.14 -18.57 -0.25
C MET A 4 17.75 -18.55 0.37
N GLY A 5 17.09 -19.70 0.34
CA GLY A 5 15.80 -19.83 0.96
C GLY A 5 15.94 -20.44 2.33
N LYS A 6 16.33 -19.62 3.29
CA LYS A 6 16.57 -20.08 4.65
C LYS A 6 15.31 -19.96 5.50
N GLY A 7 14.20 -19.63 4.86
CA GLY A 7 12.96 -19.47 5.56
C GLY A 7 12.68 -18.04 5.88
N ASP A 8 12.19 -17.32 4.90
CA ASP A 8 11.88 -15.91 5.07
C ASP A 8 10.72 -15.74 6.05
N PRO A 9 10.89 -14.84 7.05
CA PRO A 9 9.87 -14.61 8.07
C PRO A 9 8.49 -14.33 7.49
N LYS A 10 7.48 -14.92 8.11
CA LYS A 10 6.10 -14.73 7.69
C LYS A 10 5.51 -13.51 8.40
N LYS A 11 6.37 -12.79 9.09
CA LYS A 11 5.98 -11.57 9.80
C LYS A 11 5.68 -10.47 8.80
N PRO A 12 4.68 -9.61 9.12
CA PRO A 12 4.40 -8.42 8.30
C PRO A 12 5.66 -7.61 8.08
N ARG A 13 6.06 -7.47 6.83
CA ARG A 13 7.28 -6.76 6.50
C ARG A 13 6.98 -5.39 5.92
N GLY A 14 5.73 -5.16 5.58
CA GLY A 14 5.38 -3.86 5.08
C GLY A 14 4.03 -3.79 4.41
N LYS A 15 3.10 -3.11 5.06
CA LYS A 15 1.81 -2.81 4.46
C LYS A 15 2.02 -1.65 3.52
N MET A 16 1.07 -1.33 2.65
CA MET A 16 1.23 -0.26 1.70
C MET A 16 1.11 1.10 2.41
N SER A 17 1.85 2.09 1.92
CA SER A 17 1.93 3.40 2.56
C SER A 17 0.75 4.32 2.17
N SER A 18 0.89 5.63 2.43
CA SER A 18 -0.16 6.61 2.19
C SER A 18 -0.43 6.80 0.71
N TYR A 19 0.64 6.95 -0.06
CA TYR A 19 0.50 7.10 -1.50
C TYR A 19 -0.23 5.90 -2.08
N ALA A 20 0.01 4.74 -1.51
CA ALA A 20 -0.63 3.53 -1.95
C ALA A 20 -2.15 3.61 -1.77
N PHE A 21 -2.59 4.22 -0.65
CA PHE A 21 -4.02 4.42 -0.42
C PHE A 21 -4.61 5.38 -1.46
N PHE A 22 -3.75 6.21 -2.01
CA PHE A 22 -4.15 7.11 -3.07
C PHE A 22 -4.30 6.34 -4.37
N VAL A 23 -3.37 5.42 -4.62
CA VAL A 23 -3.40 4.58 -5.83
C VAL A 23 -4.64 3.69 -5.87
N GLN A 24 -5.12 3.29 -4.69
CA GLN A 24 -6.27 2.38 -4.64
C GLN A 24 -7.55 3.16 -4.89
N THR A 25 -7.47 4.46 -4.66
CA THR A 25 -8.58 5.34 -4.92
C THR A 25 -8.50 5.86 -6.35
N CYS A 26 -7.44 6.60 -6.64
CA CYS A 26 -7.12 7.11 -7.99
C CYS A 26 -7.47 6.09 -9.10
N ARG A 27 -7.01 4.85 -8.97
CA ARG A 27 -7.29 3.83 -10.00
C ARG A 27 -8.73 3.35 -9.95
N GLU A 28 -9.32 3.37 -8.78
CA GLU A 28 -10.71 3.00 -8.61
C GLU A 28 -11.58 3.96 -9.43
N GLU A 29 -11.21 5.24 -9.40
CA GLU A 29 -11.95 6.27 -10.12
C GLU A 29 -11.96 5.97 -11.61
N HIS A 30 -10.81 5.53 -12.11
CA HIS A 30 -10.66 5.21 -13.52
C HIS A 30 -11.46 3.97 -13.90
N LYS A 31 -11.52 2.99 -13.01
CA LYS A 31 -12.29 1.76 -13.27
C LYS A 31 -13.80 2.03 -13.28
N LYS A 32 -14.20 2.96 -12.44
CA LYS A 32 -15.61 3.32 -12.35
C LYS A 32 -16.13 3.92 -13.66
N LYS A 33 -15.25 4.58 -14.39
CA LYS A 33 -15.63 5.17 -15.67
C LYS A 33 -15.11 4.35 -16.85
N HIS A 34 -14.14 3.50 -16.59
CA HIS A 34 -13.57 2.65 -17.62
C HIS A 34 -13.24 1.28 -17.08
N PRO A 35 -14.16 0.32 -17.27
CA PRO A 35 -13.96 -1.05 -16.82
C PRO A 35 -12.98 -1.78 -17.73
N ASP A 36 -12.70 -1.20 -18.89
CA ASP A 36 -11.81 -1.77 -19.89
C ASP A 36 -10.35 -1.40 -19.63
N ALA A 37 -10.01 -1.15 -18.35
CA ALA A 37 -8.64 -0.74 -17.93
C ALA A 37 -7.52 -1.32 -18.82
N SER A 38 -7.54 -2.65 -19.06
CA SER A 38 -6.56 -3.34 -19.94
C SER A 38 -5.11 -2.84 -19.74
N VAL A 39 -4.75 -2.54 -18.51
CA VAL A 39 -3.42 -1.99 -18.21
C VAL A 39 -2.72 -2.83 -17.14
N ASN A 40 -1.70 -2.26 -16.53
CA ASN A 40 -0.95 -2.93 -15.47
C ASN A 40 -0.95 -2.04 -14.26
N PHE A 41 -1.22 -2.62 -13.10
CA PHE A 41 -1.37 -1.84 -11.86
C PHE A 41 -0.13 -0.99 -11.53
N SER A 42 1.02 -1.63 -11.44
CA SER A 42 2.27 -0.95 -11.07
C SER A 42 2.53 0.34 -11.88
N GLU A 43 2.59 0.23 -13.20
CA GLU A 43 2.86 1.39 -14.06
C GLU A 43 1.63 2.29 -14.21
N PHE A 44 0.48 1.70 -14.08
CA PHE A 44 -0.76 2.48 -14.13
C PHE A 44 -0.84 3.50 -12.99
N SER A 45 0.08 3.38 -12.05
CA SER A 45 0.12 4.25 -10.91
C SER A 45 0.84 5.57 -11.21
N LYS A 46 1.64 5.61 -12.28
CA LYS A 46 2.45 6.80 -12.60
C LYS A 46 1.59 8.07 -12.81
N LYS A 47 0.38 7.90 -13.34
CA LYS A 47 -0.52 9.04 -13.52
C LYS A 47 -0.90 9.64 -12.18
N CYS A 48 -1.07 8.78 -11.21
CA CYS A 48 -1.41 9.23 -9.87
C CYS A 48 -0.18 9.86 -9.19
N SER A 49 0.96 9.14 -9.25
CA SER A 49 2.25 9.62 -8.69
C SER A 49 2.44 11.14 -8.83
N GLU A 50 2.45 11.61 -10.07
CA GLU A 50 2.66 13.03 -10.36
C GLU A 50 1.64 13.93 -9.67
N ARG A 51 0.40 13.45 -9.52
CA ARG A 51 -0.64 14.23 -8.89
C ARG A 51 -0.42 14.27 -7.38
N TRP A 52 -0.14 13.13 -6.79
CA TRP A 52 0.15 13.01 -5.36
C TRP A 52 1.20 14.02 -4.91
N LYS A 53 2.27 14.13 -5.67
CA LYS A 53 3.37 15.03 -5.34
C LYS A 53 2.99 16.49 -5.49
N THR A 54 1.83 16.75 -6.07
CA THR A 54 1.38 18.11 -6.28
C THR A 54 0.07 18.39 -5.54
N MET A 55 -0.35 17.46 -4.68
CA MET A 55 -1.57 17.66 -3.89
C MET A 55 -1.24 18.37 -2.59
N SER A 56 -2.13 19.25 -2.17
CA SER A 56 -1.90 20.03 -0.97
C SER A 56 -1.93 19.13 0.29
N ALA A 57 -1.79 19.74 1.47
CA ALA A 57 -1.74 18.97 2.70
C ALA A 57 -3.10 18.39 3.07
N LYS A 58 -4.16 19.14 2.78
CA LYS A 58 -5.53 18.72 3.07
C LYS A 58 -5.90 17.47 2.28
N GLU A 59 -5.37 17.34 1.07
CA GLU A 59 -5.67 16.19 0.24
C GLU A 59 -5.03 14.93 0.79
N LYS A 60 -3.77 15.03 1.21
CA LYS A 60 -3.06 13.90 1.76
C LYS A 60 -3.56 13.55 3.16
N GLY A 61 -4.22 14.51 3.80
CA GLY A 61 -4.72 14.33 5.16
C GLY A 61 -5.51 13.05 5.35
N LYS A 62 -6.44 12.77 4.44
CA LYS A 62 -7.26 11.56 4.53
C LYS A 62 -6.40 10.32 4.35
N PHE A 63 -5.53 10.34 3.36
CA PHE A 63 -4.68 9.19 3.05
C PHE A 63 -3.73 8.89 4.20
N GLU A 64 -3.26 9.94 4.87
CA GLU A 64 -2.42 9.79 6.04
C GLU A 64 -3.19 9.06 7.14
N ASP A 65 -4.25 9.71 7.62
CA ASP A 65 -5.15 9.12 8.62
C ASP A 65 -5.56 7.68 8.30
N MET A 66 -5.91 7.41 7.04
CA MET A 66 -6.31 6.06 6.65
C MET A 66 -5.16 5.08 6.82
N ALA A 67 -3.96 5.51 6.45
CA ALA A 67 -2.77 4.68 6.59
C ALA A 67 -2.50 4.38 8.06
N LYS A 68 -2.72 5.38 8.91
CA LYS A 68 -2.51 5.22 10.35
C LYS A 68 -3.59 4.33 10.97
N ALA A 69 -4.70 4.17 10.28
CA ALA A 69 -5.77 3.33 10.76
C ALA A 69 -5.57 1.89 10.28
N ASP A 70 -4.70 1.74 9.28
CA ASP A 70 -4.42 0.45 8.68
C ASP A 70 -3.54 -0.41 9.60
N LYS A 71 -2.98 0.20 10.63
CA LYS A 71 -2.12 -0.53 11.58
C LYS A 71 -2.85 -1.72 12.22
N ALA A 72 -4.18 -1.69 12.18
CA ALA A 72 -5.00 -2.72 12.80
C ALA A 72 -5.01 -4.03 11.99
N ARG A 73 -4.50 -4.02 10.77
CA ARG A 73 -4.54 -5.23 9.94
C ARG A 73 -3.24 -6.04 9.96
N TYR A 74 -2.11 -5.37 10.19
CA TYR A 74 -0.84 -6.10 10.22
C TYR A 74 -0.39 -6.45 11.63
N GLU A 75 -0.63 -5.56 12.58
CA GLU A 75 -0.27 -5.81 13.97
C GLU A 75 -0.85 -7.13 14.47
N ARG A 76 -2.17 -7.31 14.28
CA ARG A 76 -2.84 -8.58 14.61
C ARG A 76 -2.10 -9.82 14.04
N GLU A 77 -1.41 -9.65 12.93
CA GLU A 77 -0.67 -10.76 12.34
C GLU A 77 0.56 -11.07 13.17
N MET A 78 1.26 -10.01 13.57
CA MET A 78 2.47 -10.13 14.36
C MET A 78 2.19 -10.60 15.79
N LYS A 79 1.07 -10.15 16.37
CA LYS A 79 0.72 -10.51 17.75
C LYS A 79 0.53 -12.03 17.90
N THR A 80 0.17 -12.70 16.81
CA THR A 80 -0.04 -14.13 16.84
C THR A 80 1.08 -14.85 16.09
N TYR A 81 2.16 -14.12 15.80
CA TYR A 81 3.30 -14.69 15.11
C TYR A 81 4.53 -14.68 16.01
N ILE A 82 5.09 -15.84 16.25
CA ILE A 82 6.28 -15.95 17.08
C ILE A 82 7.50 -16.29 16.23
N PRO A 83 8.31 -15.29 15.88
CA PRO A 83 9.50 -15.47 15.09
C PRO A 83 10.74 -15.70 15.97
N PRO A 84 11.69 -16.54 15.51
CA PRO A 84 12.93 -16.78 16.23
C PRO A 84 13.69 -15.50 16.51
N LYS A 85 14.10 -15.31 17.77
CA LYS A 85 14.82 -14.11 18.16
C LYS A 85 16.15 -14.00 17.41
N GLY A 86 16.59 -12.79 17.17
CA GLY A 86 17.80 -12.58 16.43
C GLY A 86 19.02 -12.54 17.32
N GLU A 87 18.93 -11.81 18.41
CA GLU A 87 20.06 -11.65 19.32
C GLU A 87 19.57 -11.72 20.76
N GLY A 1 19.50 -23.74 -11.32
CA GLY A 1 19.74 -22.29 -11.28
C GLY A 1 19.98 -21.80 -9.87
N SER A 2 19.84 -20.50 -9.65
CA SER A 2 20.03 -19.91 -8.35
C SER A 2 18.85 -20.24 -7.44
N HIS A 3 19.06 -21.15 -6.51
CA HIS A 3 18.00 -21.58 -5.62
C HIS A 3 18.12 -20.93 -4.26
N MET A 4 17.34 -19.90 -4.03
CA MET A 4 17.34 -19.21 -2.76
C MET A 4 16.23 -19.76 -1.88
N GLY A 5 15.12 -20.13 -2.49
CA GLY A 5 14.02 -20.68 -1.75
C GLY A 5 13.21 -19.61 -1.05
N LYS A 6 12.69 -19.95 0.12
CA LYS A 6 11.90 -19.01 0.90
C LYS A 6 12.57 -18.73 2.23
N GLY A 7 12.68 -17.46 2.55
CA GLY A 7 13.29 -17.05 3.79
C GLY A 7 12.53 -15.91 4.44
N ASP A 8 11.21 -16.01 4.45
CA ASP A 8 10.38 -14.98 5.04
C ASP A 8 9.61 -15.53 6.22
N PRO A 9 9.62 -14.80 7.35
CA PRO A 9 8.91 -15.20 8.55
C PRO A 9 7.43 -14.80 8.49
N LYS A 10 6.68 -15.11 9.53
CA LYS A 10 5.26 -14.76 9.59
C LYS A 10 5.04 -13.33 10.06
N LYS A 11 6.02 -12.47 9.79
CA LYS A 11 5.94 -11.08 10.14
C LYS A 11 5.72 -10.23 8.88
N PRO A 12 4.63 -9.46 8.83
CA PRO A 12 4.33 -8.59 7.70
C PRO A 12 5.23 -7.34 7.70
N ARG A 13 5.16 -6.54 6.64
CA ARG A 13 6.00 -5.34 6.55
C ARG A 13 5.23 -4.11 7.01
N GLY A 14 4.13 -4.34 7.71
CA GLY A 14 3.35 -3.24 8.22
C GLY A 14 2.10 -3.00 7.41
N LYS A 15 1.69 -1.76 7.30
CA LYS A 15 0.52 -1.39 6.52
C LYS A 15 0.96 -0.90 5.14
N MET A 16 0.10 -0.12 4.46
CA MET A 16 0.44 0.42 3.14
C MET A 16 0.93 1.85 3.27
N SER A 17 1.71 2.30 2.32
CA SER A 17 2.19 3.67 2.32
C SER A 17 1.09 4.59 1.80
N SER A 18 1.14 5.86 2.18
CA SER A 18 0.17 6.85 1.77
C SER A 18 0.03 6.90 0.24
N TYR A 19 1.14 6.76 -0.47
CA TYR A 19 1.11 6.76 -1.92
C TYR A 19 0.27 5.60 -2.45
N ALA A 20 0.35 4.46 -1.78
CA ALA A 20 -0.41 3.28 -2.17
C ALA A 20 -1.90 3.55 -2.04
N PHE A 21 -2.29 4.18 -0.93
CA PHE A 21 -3.68 4.60 -0.73
C PHE A 21 -4.13 5.53 -1.84
N PHE A 22 -3.22 6.28 -2.40
CA PHE A 22 -3.55 7.14 -3.51
C PHE A 22 -3.65 6.31 -4.79
N VAL A 23 -2.80 5.29 -4.89
CA VAL A 23 -2.81 4.36 -6.02
C VAL A 23 -4.20 3.71 -6.15
N GLN A 24 -4.80 3.41 -5.02
CA GLN A 24 -6.10 2.76 -5.03
C GLN A 24 -7.20 3.79 -5.31
N THR A 25 -7.03 4.99 -4.73
CA THR A 25 -7.98 6.10 -4.92
C THR A 25 -7.90 6.65 -6.36
N CYS A 26 -6.89 6.26 -7.08
CA CYS A 26 -6.70 6.72 -8.44
C CYS A 26 -7.24 5.70 -9.42
N ARG A 27 -7.46 4.49 -8.92
CA ARG A 27 -7.94 3.39 -9.73
C ARG A 27 -9.45 3.30 -9.72
N GLU A 28 -10.03 3.28 -8.51
CA GLU A 28 -11.47 3.12 -8.34
C GLU A 28 -12.30 4.05 -9.24
N GLU A 29 -12.17 5.36 -9.03
CA GLU A 29 -12.93 6.37 -9.79
C GLU A 29 -12.71 6.21 -11.30
N HIS A 30 -11.46 6.13 -11.69
CA HIS A 30 -11.10 6.11 -13.12
C HIS A 30 -11.59 4.83 -13.80
N LYS A 31 -11.50 3.71 -13.09
CA LYS A 31 -11.91 2.44 -13.65
C LYS A 31 -13.42 2.36 -13.80
N LYS A 32 -14.13 2.99 -12.87
CA LYS A 32 -15.58 3.02 -12.94
C LYS A 32 -16.07 3.90 -14.09
N LYS A 33 -15.43 5.06 -14.28
CA LYS A 33 -15.78 5.98 -15.37
C LYS A 33 -15.43 5.38 -16.73
N HIS A 34 -14.44 4.49 -16.75
CA HIS A 34 -14.02 3.83 -17.98
C HIS A 34 -14.09 2.32 -17.83
N PRO A 35 -15.28 1.72 -18.04
CA PRO A 35 -15.47 0.28 -17.91
C PRO A 35 -14.64 -0.50 -18.93
N ASP A 36 -14.43 0.12 -20.08
CA ASP A 36 -13.66 -0.48 -21.16
C ASP A 36 -12.22 0.01 -21.14
N ALA A 37 -11.74 0.41 -19.95
CA ALA A 37 -10.37 0.93 -19.72
C ALA A 37 -9.31 0.31 -20.64
N SER A 38 -9.37 -1.02 -20.83
CA SER A 38 -8.46 -1.75 -21.74
C SER A 38 -6.98 -1.31 -21.58
N VAL A 39 -6.58 -0.97 -20.37
CA VAL A 39 -5.23 -0.48 -20.13
C VAL A 39 -4.39 -1.48 -19.29
N ASN A 40 -3.66 -0.96 -18.32
CA ASN A 40 -2.79 -1.77 -17.48
C ASN A 40 -2.52 -1.05 -16.17
N PHE A 41 -2.59 -1.79 -15.08
CA PHE A 41 -2.42 -1.23 -13.75
C PHE A 41 -1.05 -0.55 -13.56
N SER A 42 0.02 -1.27 -13.87
CA SER A 42 1.39 -0.76 -13.65
C SER A 42 1.63 0.63 -14.30
N GLU A 43 1.34 0.76 -15.60
CA GLU A 43 1.59 2.02 -16.31
C GLU A 43 0.61 3.13 -15.90
N PHE A 44 -0.36 2.78 -15.11
CA PHE A 44 -1.34 3.77 -14.66
C PHE A 44 -0.85 4.59 -13.47
N SER A 45 0.14 4.07 -12.77
CA SER A 45 0.64 4.72 -11.56
C SER A 45 1.23 6.11 -11.86
N LYS A 46 1.85 6.27 -13.03
CA LYS A 46 2.47 7.52 -13.40
C LYS A 46 1.45 8.65 -13.57
N LYS A 47 0.23 8.30 -13.99
CA LYS A 47 -0.83 9.30 -14.16
C LYS A 47 -1.42 9.66 -12.80
N CYS A 48 -0.96 8.97 -11.80
CA CYS A 48 -1.39 9.23 -10.45
C CYS A 48 -0.31 10.05 -9.73
N SER A 49 0.93 9.56 -9.81
CA SER A 49 2.08 10.20 -9.18
C SER A 49 2.13 11.71 -9.48
N GLU A 50 1.76 12.09 -10.70
CA GLU A 50 1.80 13.49 -11.11
C GLU A 50 0.92 14.37 -10.20
N ARG A 51 -0.15 13.82 -9.68
CA ARG A 51 -1.00 14.56 -8.78
C ARG A 51 -0.46 14.48 -7.37
N TRP A 52 -0.03 13.30 -6.97
CA TRP A 52 0.54 13.05 -5.63
C TRP A 52 1.61 14.07 -5.29
N LYS A 53 2.48 14.35 -6.25
CA LYS A 53 3.57 15.29 -6.06
C LYS A 53 3.07 16.73 -5.93
N THR A 54 1.83 16.96 -6.31
CA THR A 54 1.25 18.28 -6.27
C THR A 54 0.05 18.36 -5.32
N MET A 55 -0.12 17.36 -4.48
CA MET A 55 -1.25 17.35 -3.54
C MET A 55 -0.91 18.05 -2.24
N SER A 56 -1.88 18.78 -1.72
CA SER A 56 -1.70 19.49 -0.47
C SER A 56 -1.58 18.51 0.71
N ALA A 57 -1.03 19.01 1.81
CA ALA A 57 -0.85 18.18 3.02
C ALA A 57 -2.16 17.58 3.49
N LYS A 58 -3.25 18.33 3.31
CA LYS A 58 -4.57 17.87 3.72
C LYS A 58 -5.05 16.73 2.84
N GLU A 59 -4.68 16.76 1.57
CA GLU A 59 -5.07 15.71 0.62
C GLU A 59 -4.34 14.41 0.93
N LYS A 60 -3.21 14.54 1.60
CA LYS A 60 -2.39 13.39 1.94
C LYS A 60 -2.72 12.88 3.34
N GLY A 61 -3.31 13.76 4.16
CA GLY A 61 -3.67 13.37 5.51
C GLY A 61 -4.71 12.28 5.54
N LYS A 62 -5.52 12.23 4.50
CA LYS A 62 -6.57 11.23 4.38
C LYS A 62 -5.96 9.84 4.21
N PHE A 63 -4.88 9.76 3.44
CA PHE A 63 -4.22 8.49 3.17
C PHE A 63 -3.60 7.93 4.43
N GLU A 64 -2.99 8.80 5.22
CA GLU A 64 -2.40 8.38 6.48
C GLU A 64 -3.51 7.96 7.44
N ASP A 65 -4.50 8.84 7.59
CA ASP A 65 -5.73 8.54 8.33
C ASP A 65 -6.25 7.13 8.03
N MET A 66 -6.42 6.82 6.75
CA MET A 66 -6.89 5.49 6.33
C MET A 66 -5.90 4.40 6.72
N ALA A 67 -4.62 4.73 6.73
CA ALA A 67 -3.58 3.78 7.12
C ALA A 67 -3.72 3.38 8.59
N LYS A 68 -4.39 4.24 9.36
CA LYS A 68 -4.64 3.96 10.77
C LYS A 68 -5.59 2.78 10.90
N ALA A 69 -6.40 2.58 9.88
CA ALA A 69 -7.34 1.49 9.84
C ALA A 69 -6.71 0.29 9.15
N ASP A 70 -5.75 0.56 8.27
CA ASP A 70 -5.09 -0.49 7.50
C ASP A 70 -4.06 -1.24 8.34
N LYS A 71 -3.49 -0.58 9.34
CA LYS A 71 -2.50 -1.22 10.19
C LYS A 71 -3.13 -2.31 11.04
N ALA A 72 -4.46 -2.30 11.11
CA ALA A 72 -5.23 -3.27 11.88
C ALA A 72 -5.06 -4.70 11.36
N ARG A 73 -4.44 -4.85 10.20
CA ARG A 73 -4.26 -6.18 9.63
C ARG A 73 -2.86 -6.71 9.93
N TYR A 74 -1.92 -5.81 10.20
CA TYR A 74 -0.56 -6.19 10.50
C TYR A 74 -0.31 -6.22 12.01
N GLU A 75 -0.94 -5.30 12.73
CA GLU A 75 -0.78 -5.21 14.19
C GLU A 75 -1.06 -6.56 14.85
N ARG A 76 -2.29 -7.07 14.68
CA ARG A 76 -2.70 -8.37 15.21
C ARG A 76 -1.72 -9.51 14.86
N GLU A 77 -0.92 -9.34 13.84
CA GLU A 77 0.02 -10.38 13.43
C GLU A 77 1.29 -10.28 14.25
N MET A 78 1.72 -9.06 14.52
CA MET A 78 2.95 -8.84 15.26
C MET A 78 2.73 -9.00 16.76
N LYS A 79 1.58 -8.56 17.23
CA LYS A 79 1.25 -8.66 18.66
C LYS A 79 0.97 -10.12 19.09
N THR A 80 1.03 -11.04 18.13
CA THR A 80 0.80 -12.43 18.43
C THR A 80 2.02 -13.28 18.04
N TYR A 81 2.68 -12.90 16.96
CA TYR A 81 3.82 -13.64 16.48
C TYR A 81 5.12 -12.90 16.76
N ILE A 82 6.04 -13.60 17.38
CA ILE A 82 7.35 -13.05 17.66
C ILE A 82 8.32 -13.50 16.56
N PRO A 83 9.01 -12.55 15.91
CA PRO A 83 9.96 -12.87 14.83
C PRO A 83 11.10 -13.77 15.34
N PRO A 84 11.60 -14.66 14.48
CA PRO A 84 12.67 -15.58 14.84
C PRO A 84 13.93 -14.83 15.22
N LYS A 85 14.52 -15.22 16.36
CA LYS A 85 15.73 -14.58 16.88
C LYS A 85 15.43 -13.14 17.29
N GLY A 86 14.16 -12.85 17.53
CA GLY A 86 13.74 -11.53 17.92
C GLY A 86 14.00 -11.25 19.38
N GLU A 87 15.25 -10.92 19.68
CA GLU A 87 15.64 -10.59 21.03
C GLU A 87 15.37 -9.11 21.33
N GLY A 1 13.66 -19.83 -7.88
CA GLY A 1 14.44 -18.59 -7.69
C GLY A 1 14.55 -18.19 -6.25
N SER A 2 15.20 -17.07 -5.99
CA SER A 2 15.37 -16.58 -4.64
C SER A 2 14.17 -15.75 -4.18
N HIS A 3 13.45 -15.19 -5.15
CA HIS A 3 12.27 -14.39 -4.86
C HIS A 3 11.14 -15.27 -4.36
N MET A 4 10.86 -15.18 -3.05
CA MET A 4 9.81 -15.96 -2.40
C MET A 4 10.14 -17.46 -2.45
N GLY A 5 11.40 -17.78 -2.66
CA GLY A 5 11.81 -19.16 -2.78
C GLY A 5 12.91 -19.54 -1.82
N LYS A 6 13.04 -18.80 -0.73
CA LYS A 6 14.06 -19.07 0.26
C LYS A 6 13.59 -18.66 1.63
N GLY A 7 14.38 -19.00 2.65
CA GLY A 7 14.02 -18.69 4.02
C GLY A 7 13.99 -17.20 4.29
N ASP A 8 12.83 -16.62 4.13
CA ASP A 8 12.62 -15.20 4.39
C ASP A 8 11.64 -15.02 5.54
N PRO A 9 11.97 -14.18 6.52
CA PRO A 9 11.10 -13.91 7.66
C PRO A 9 9.72 -13.45 7.21
N LYS A 10 8.68 -14.12 7.69
CA LYS A 10 7.32 -13.78 7.30
C LYS A 10 6.86 -12.51 8.01
N LYS A 11 7.43 -11.41 7.60
CA LYS A 11 7.13 -10.11 8.17
C LYS A 11 5.82 -9.57 7.59
N PRO A 12 4.78 -9.48 8.42
CA PRO A 12 3.50 -8.98 7.99
C PRO A 12 3.52 -7.47 7.77
N ARG A 13 3.25 -7.06 6.54
CA ARG A 13 3.14 -5.66 6.23
C ARG A 13 1.70 -5.25 6.35
N GLY A 14 0.84 -6.12 5.81
CA GLY A 14 -0.61 -5.96 5.92
C GLY A 14 -1.16 -4.66 5.36
N LYS A 15 -0.99 -3.59 6.10
CA LYS A 15 -1.53 -2.30 5.75
C LYS A 15 -0.83 -1.72 4.54
N MET A 16 -1.54 -0.88 3.84
CA MET A 16 -0.99 -0.17 2.72
C MET A 16 -0.49 1.20 3.19
N SER A 17 0.35 1.82 2.41
CA SER A 17 0.82 3.16 2.74
C SER A 17 -0.07 4.19 2.08
N SER A 18 0.05 5.45 2.48
CA SER A 18 -0.73 6.55 1.95
C SER A 18 -0.69 6.61 0.43
N TYR A 19 0.51 6.50 -0.14
CA TYR A 19 0.66 6.51 -1.58
C TYR A 19 -0.08 5.34 -2.21
N ALA A 20 -0.02 4.18 -1.55
CA ALA A 20 -0.70 3.00 -2.04
C ALA A 20 -2.20 3.24 -2.04
N PHE A 21 -2.72 3.77 -0.93
CA PHE A 21 -4.13 4.14 -0.86
C PHE A 21 -4.49 5.17 -1.93
N PHE A 22 -3.53 5.98 -2.32
CA PHE A 22 -3.75 6.93 -3.39
C PHE A 22 -3.80 6.20 -4.73
N VAL A 23 -2.93 5.21 -4.90
CA VAL A 23 -2.88 4.42 -6.13
C VAL A 23 -4.21 3.67 -6.35
N GLN A 24 -4.84 3.27 -5.24
CA GLN A 24 -6.10 2.56 -5.37
C GLN A 24 -7.22 3.55 -5.64
N THR A 25 -7.14 4.74 -5.01
CA THR A 25 -8.11 5.81 -5.22
C THR A 25 -7.87 6.46 -6.60
N CYS A 26 -6.76 6.16 -7.19
CA CYS A 26 -6.43 6.69 -8.50
C CYS A 26 -6.95 5.76 -9.57
N ARG A 27 -6.74 4.47 -9.35
CA ARG A 27 -7.18 3.46 -10.28
C ARG A 27 -8.70 3.29 -10.21
N GLU A 28 -9.26 3.52 -9.02
CA GLU A 28 -10.69 3.39 -8.86
C GLU A 28 -11.42 4.49 -9.60
N GLU A 29 -11.21 5.76 -9.19
CA GLU A 29 -11.86 6.92 -9.81
C GLU A 29 -11.74 6.91 -11.33
N HIS A 30 -10.61 6.42 -11.84
CA HIS A 30 -10.41 6.33 -13.29
C HIS A 30 -11.50 5.46 -13.93
N LYS A 31 -11.88 4.41 -13.22
CA LYS A 31 -12.94 3.52 -13.69
C LYS A 31 -14.30 4.13 -13.36
N LYS A 32 -14.37 4.82 -12.22
CA LYS A 32 -15.59 5.51 -11.78
C LYS A 32 -15.99 6.62 -12.75
N LYS A 33 -15.05 7.05 -13.58
CA LYS A 33 -15.30 8.12 -14.55
C LYS A 33 -15.25 7.56 -15.96
N HIS A 34 -14.47 6.52 -16.14
CA HIS A 34 -14.32 5.86 -17.42
C HIS A 34 -14.42 4.36 -17.22
N PRO A 35 -15.63 3.80 -17.39
CA PRO A 35 -15.88 2.38 -17.16
C PRO A 35 -15.19 1.48 -18.18
N ASP A 36 -15.00 1.99 -19.39
CA ASP A 36 -14.39 1.21 -20.46
C ASP A 36 -12.87 1.34 -20.43
N ALA A 37 -12.39 2.52 -20.07
CA ALA A 37 -10.96 2.76 -20.01
C ALA A 37 -10.33 2.00 -18.87
N SER A 38 -9.60 0.96 -19.18
CA SER A 38 -8.97 0.15 -18.17
C SER A 38 -7.45 0.18 -18.32
N VAL A 39 -6.76 0.28 -17.19
CA VAL A 39 -5.29 0.35 -17.20
C VAL A 39 -4.66 -0.45 -16.07
N ASN A 40 -3.76 -1.36 -16.45
CA ASN A 40 -3.00 -2.19 -15.49
C ASN A 40 -2.30 -1.39 -14.39
N PHE A 41 -1.64 -2.13 -13.51
CA PHE A 41 -0.98 -1.57 -12.36
C PHE A 41 0.20 -0.67 -12.74
N SER A 42 1.17 -1.23 -13.43
CA SER A 42 2.41 -0.50 -13.75
C SER A 42 2.16 0.70 -14.68
N GLU A 43 1.38 0.51 -15.74
CA GLU A 43 1.15 1.57 -16.72
C GLU A 43 0.46 2.80 -16.12
N PHE A 44 -0.48 2.58 -15.22
CA PHE A 44 -1.22 3.70 -14.63
C PHE A 44 -0.56 4.27 -13.36
N SER A 45 0.39 3.56 -12.80
CA SER A 45 1.02 4.02 -11.55
C SER A 45 1.80 5.31 -11.76
N LYS A 46 2.40 5.45 -12.95
CA LYS A 46 3.20 6.63 -13.25
C LYS A 46 2.35 7.91 -13.31
N LYS A 47 1.07 7.75 -13.68
CA LYS A 47 0.17 8.89 -13.75
C LYS A 47 -0.27 9.32 -12.37
N CYS A 48 -0.44 8.36 -11.52
CA CYS A 48 -0.77 8.65 -10.14
C CYS A 48 0.43 9.28 -9.42
N SER A 49 1.64 8.78 -9.72
CA SER A 49 2.88 9.30 -9.11
C SER A 49 2.99 10.84 -9.25
N GLU A 50 2.80 11.35 -10.47
CA GLU A 50 2.93 12.77 -10.74
C GLU A 50 1.87 13.61 -10.01
N ARG A 51 0.74 12.99 -9.72
CA ARG A 51 -0.36 13.70 -9.07
C ARG A 51 -0.21 13.66 -7.54
N TRP A 52 0.42 12.64 -7.06
CA TRP A 52 0.65 12.47 -5.62
C TRP A 52 1.46 13.64 -5.05
N LYS A 53 2.26 14.26 -5.90
CA LYS A 53 3.10 15.39 -5.49
C LYS A 53 2.32 16.71 -5.50
N THR A 54 1.30 16.80 -6.33
CA THR A 54 0.55 18.03 -6.48
C THR A 54 -0.64 18.13 -5.53
N MET A 55 -0.68 17.28 -4.51
CA MET A 55 -1.76 17.32 -3.55
C MET A 55 -1.27 17.88 -2.21
N SER A 56 -2.14 18.60 -1.53
CA SER A 56 -1.82 19.20 -0.25
C SER A 56 -1.91 18.19 0.91
N ALA A 57 -1.55 18.65 2.11
CA ALA A 57 -1.57 17.80 3.29
C ALA A 57 -3.00 17.35 3.62
N LYS A 58 -3.97 18.17 3.27
CA LYS A 58 -5.37 17.84 3.51
C LYS A 58 -5.81 16.70 2.58
N GLU A 59 -5.21 16.64 1.42
CA GLU A 59 -5.52 15.60 0.45
C GLU A 59 -4.77 14.32 0.79
N LYS A 60 -3.72 14.46 1.57
CA LYS A 60 -2.91 13.31 1.98
C LYS A 60 -3.40 12.74 3.30
N GLY A 61 -3.94 13.62 4.13
CA GLY A 61 -4.43 13.22 5.43
C GLY A 61 -5.47 12.12 5.36
N LYS A 62 -6.24 12.10 4.28
CA LYS A 62 -7.27 11.09 4.09
C LYS A 62 -6.64 9.73 3.82
N PHE A 63 -5.61 9.71 2.98
CA PHE A 63 -4.94 8.46 2.63
C PHE A 63 -4.17 7.92 3.82
N GLU A 64 -3.57 8.83 4.59
CA GLU A 64 -2.83 8.43 5.78
C GLU A 64 -3.78 7.86 6.81
N ASP A 65 -4.73 8.69 7.25
CA ASP A 65 -5.83 8.25 8.16
C ASP A 65 -6.33 6.84 7.86
N MET A 66 -6.56 6.54 6.59
CA MET A 66 -7.04 5.21 6.20
C MET A 66 -5.98 4.14 6.49
N ALA A 67 -4.74 4.44 6.16
CA ALA A 67 -3.63 3.53 6.39
C ALA A 67 -3.38 3.35 7.89
N LYS A 68 -3.52 4.43 8.64
CA LYS A 68 -3.31 4.41 10.08
C LYS A 68 -4.42 3.62 10.78
N ALA A 69 -5.57 3.53 10.15
CA ALA A 69 -6.66 2.77 10.71
C ALA A 69 -6.58 1.32 10.27
N ASP A 70 -6.01 1.11 9.09
CA ASP A 70 -5.87 -0.23 8.50
C ASP A 70 -4.71 -1.00 9.10
N LYS A 71 -3.90 -0.33 9.90
CA LYS A 71 -2.70 -0.96 10.47
C LYS A 71 -3.06 -2.04 11.51
N ALA A 72 -4.34 -2.09 11.89
CA ALA A 72 -4.83 -3.06 12.86
C ALA A 72 -4.38 -4.47 12.49
N ARG A 73 -4.92 -4.99 11.37
CA ARG A 73 -4.52 -6.28 10.78
C ARG A 73 -3.02 -6.58 10.92
N TYR A 74 -2.16 -5.63 10.60
CA TYR A 74 -0.74 -5.87 10.60
C TYR A 74 -0.12 -5.79 11.99
N GLU A 75 -0.52 -4.78 12.77
CA GLU A 75 -0.01 -4.63 14.13
C GLU A 75 -0.18 -5.89 14.95
N ARG A 76 -1.39 -6.46 14.92
CA ARG A 76 -1.67 -7.67 15.68
C ARG A 76 -0.82 -8.85 15.19
N GLU A 77 -0.71 -9.01 13.87
CA GLU A 77 0.11 -10.07 13.30
C GLU A 77 1.56 -9.95 13.76
N MET A 78 2.06 -8.72 13.79
CA MET A 78 3.44 -8.48 14.20
C MET A 78 3.64 -8.72 15.69
N LYS A 79 2.79 -8.11 16.52
CA LYS A 79 2.88 -8.33 17.98
C LYS A 79 2.81 -9.82 18.35
N THR A 80 2.28 -10.64 17.44
CA THR A 80 2.19 -12.08 17.66
C THR A 80 3.39 -12.81 17.00
N TYR A 81 3.83 -12.30 15.87
CA TYR A 81 4.94 -12.90 15.13
C TYR A 81 6.21 -12.07 15.30
N ILE A 82 7.14 -12.58 16.07
CA ILE A 82 8.41 -11.91 16.28
C ILE A 82 9.36 -12.22 15.13
N PRO A 83 9.68 -11.21 14.31
CA PRO A 83 10.58 -11.39 13.19
C PRO A 83 12.05 -11.38 13.64
N PRO A 84 12.77 -12.48 13.40
CA PRO A 84 14.18 -12.59 13.77
C PRO A 84 15.02 -11.53 13.10
N LYS A 85 15.75 -10.77 13.89
CA LYS A 85 16.62 -9.74 13.35
C LYS A 85 17.78 -10.34 12.56
N GLY A 86 18.12 -9.70 11.45
CA GLY A 86 19.17 -10.21 10.59
C GLY A 86 20.55 -9.82 11.05
N GLU A 87 20.87 -10.17 12.27
CA GLU A 87 22.17 -9.89 12.83
C GLU A 87 22.94 -11.18 13.02
N GLY A 1 17.20 -30.53 7.57
CA GLY A 1 18.52 -30.01 7.96
C GLY A 1 18.39 -28.90 8.97
N SER A 2 18.48 -27.66 8.49
CA SER A 2 18.34 -26.51 9.36
C SER A 2 16.86 -26.27 9.64
N HIS A 3 16.37 -26.86 10.72
CA HIS A 3 14.98 -26.71 11.10
C HIS A 3 14.76 -25.41 11.82
N MET A 4 13.71 -24.68 11.44
CA MET A 4 13.34 -23.38 12.02
C MET A 4 14.31 -22.28 11.58
N GLY A 5 15.43 -22.67 11.01
CA GLY A 5 16.40 -21.74 10.52
C GLY A 5 16.52 -21.79 9.02
N LYS A 6 17.51 -21.08 8.48
CA LYS A 6 17.76 -21.01 7.03
C LYS A 6 16.64 -20.25 6.32
N GLY A 7 15.45 -20.84 6.29
CA GLY A 7 14.32 -20.21 5.65
C GLY A 7 13.90 -18.95 6.35
N ASP A 8 13.33 -18.03 5.59
CA ASP A 8 12.90 -16.75 6.14
C ASP A 8 11.54 -16.88 6.79
N PRO A 9 11.44 -16.52 8.08
CA PRO A 9 10.17 -16.50 8.80
C PRO A 9 9.22 -15.50 8.17
N LYS A 10 7.98 -15.88 8.02
CA LYS A 10 7.00 -15.00 7.41
C LYS A 10 6.46 -14.00 8.42
N LYS A 11 7.25 -12.98 8.67
CA LYS A 11 6.90 -11.95 9.61
C LYS A 11 6.39 -10.73 8.86
N PRO A 12 5.20 -10.23 9.20
CA PRO A 12 4.63 -9.03 8.59
C PRO A 12 5.61 -7.86 8.67
N ARG A 13 5.73 -7.11 7.57
CA ARG A 13 6.65 -5.99 7.54
C ARG A 13 6.07 -4.75 8.20
N GLY A 14 4.82 -4.45 7.90
CA GLY A 14 4.19 -3.30 8.51
C GLY A 14 3.02 -2.80 7.70
N LYS A 15 2.62 -1.56 7.94
CA LYS A 15 1.54 -0.95 7.18
C LYS A 15 2.01 -0.63 5.77
N MET A 16 1.23 0.13 5.02
CA MET A 16 1.58 0.46 3.65
C MET A 16 1.69 1.97 3.50
N SER A 17 2.34 2.39 2.43
CA SER A 17 2.55 3.81 2.18
C SER A 17 1.19 4.50 1.95
N SER A 18 1.13 5.78 2.25
CA SER A 18 -0.07 6.58 2.05
C SER A 18 -0.45 6.64 0.57
N TYR A 19 0.51 6.33 -0.29
CA TYR A 19 0.29 6.31 -1.71
C TYR A 19 -0.58 5.11 -2.10
N ALA A 20 -0.53 4.04 -1.30
CA ALA A 20 -1.30 2.84 -1.60
C ALA A 20 -2.80 3.12 -1.57
N PHE A 21 -3.23 3.81 -0.52
CA PHE A 21 -4.64 4.19 -0.40
C PHE A 21 -5.05 5.16 -1.50
N PHE A 22 -4.07 5.79 -2.12
CA PHE A 22 -4.34 6.64 -3.24
C PHE A 22 -4.50 5.79 -4.49
N VAL A 23 -3.67 4.74 -4.58
CA VAL A 23 -3.72 3.79 -5.70
C VAL A 23 -5.09 3.11 -5.79
N GLN A 24 -5.64 2.77 -4.63
CA GLN A 24 -6.92 2.07 -4.60
C GLN A 24 -8.03 2.99 -5.08
N THR A 25 -7.84 4.28 -4.82
CA THR A 25 -8.78 5.28 -5.23
C THR A 25 -8.54 5.69 -6.69
N CYS A 26 -7.42 6.35 -6.95
CA CYS A 26 -6.98 6.76 -8.30
C CYS A 26 -7.38 5.73 -9.39
N ARG A 27 -7.11 4.44 -9.14
CA ARG A 27 -7.52 3.38 -10.09
C ARG A 27 -9.04 3.32 -10.21
N GLU A 28 -9.69 3.27 -9.06
CA GLU A 28 -11.15 3.21 -8.96
C GLU A 28 -11.80 4.35 -9.72
N GLU A 29 -11.31 5.57 -9.53
CA GLU A 29 -11.88 6.76 -10.16
C GLU A 29 -11.93 6.60 -11.68
N HIS A 30 -10.81 6.16 -12.23
CA HIS A 30 -10.68 6.02 -13.67
C HIS A 30 -11.53 4.86 -14.19
N LYS A 31 -11.69 3.84 -13.37
CA LYS A 31 -12.46 2.67 -13.76
C LYS A 31 -13.96 2.95 -13.66
N LYS A 32 -14.33 3.72 -12.66
CA LYS A 32 -15.72 4.11 -12.51
C LYS A 32 -16.13 5.10 -13.60
N LYS A 33 -15.19 5.96 -13.99
CA LYS A 33 -15.45 6.91 -15.07
C LYS A 33 -15.36 6.22 -16.42
N HIS A 34 -14.54 5.19 -16.50
CA HIS A 34 -14.35 4.43 -17.73
C HIS A 34 -14.34 2.93 -17.45
N PRO A 35 -15.50 2.27 -17.61
CA PRO A 35 -15.65 0.83 -17.34
C PRO A 35 -14.73 -0.04 -18.21
N ASP A 36 -14.27 0.52 -19.32
CA ASP A 36 -13.37 -0.18 -20.23
C ASP A 36 -11.91 0.06 -19.81
N ALA A 37 -11.75 0.34 -18.49
CA ALA A 37 -10.47 0.66 -17.80
C ALA A 37 -9.22 0.30 -18.59
N SER A 38 -9.03 -1.00 -18.92
CA SER A 38 -7.84 -1.50 -19.63
C SER A 38 -6.56 -0.82 -19.11
N VAL A 39 -6.50 -0.65 -17.79
CA VAL A 39 -5.38 0.07 -17.19
C VAL A 39 -4.13 -0.80 -17.03
N ASN A 40 -3.06 -0.15 -16.70
CA ASN A 40 -1.79 -0.81 -16.48
C ASN A 40 -1.12 -0.26 -15.23
N PHE A 41 -0.73 -1.15 -14.34
CA PHE A 41 -0.18 -0.76 -13.04
C PHE A 41 1.15 -0.02 -13.17
N SER A 42 1.87 -0.28 -14.23
CA SER A 42 3.18 0.34 -14.39
C SER A 42 3.08 1.80 -14.84
N GLU A 43 2.18 2.07 -15.75
CA GLU A 43 2.04 3.43 -16.26
C GLU A 43 1.06 4.25 -15.44
N PHE A 44 0.06 3.60 -14.88
CA PHE A 44 -0.93 4.30 -14.10
C PHE A 44 -0.33 4.81 -12.80
N SER A 45 0.58 4.02 -12.21
CA SER A 45 1.25 4.43 -10.98
C SER A 45 1.95 5.77 -11.13
N LYS A 46 2.68 5.98 -12.24
CA LYS A 46 3.39 7.24 -12.45
C LYS A 46 2.41 8.40 -12.65
N LYS A 47 1.24 8.10 -13.19
CA LYS A 47 0.19 9.09 -13.34
C LYS A 47 -0.40 9.45 -11.98
N CYS A 48 -0.66 8.45 -11.18
CA CYS A 48 -1.21 8.66 -9.86
C CYS A 48 -0.21 9.36 -8.94
N SER A 49 0.98 8.77 -8.78
CA SER A 49 2.03 9.35 -7.92
C SER A 49 2.25 10.84 -8.19
N GLU A 50 2.28 11.22 -9.45
CA GLU A 50 2.47 12.62 -9.80
C GLU A 50 1.30 13.48 -9.32
N ARG A 51 0.09 12.93 -9.42
CA ARG A 51 -1.11 13.60 -8.94
C ARG A 51 -1.07 13.68 -7.41
N TRP A 52 -0.67 12.60 -6.82
CA TRP A 52 -0.48 12.51 -5.37
C TRP A 52 0.48 13.59 -4.89
N LYS A 53 1.62 13.69 -5.55
CA LYS A 53 2.65 14.67 -5.22
C LYS A 53 2.14 16.10 -5.43
N THR A 54 1.19 16.27 -6.33
CA THR A 54 0.66 17.58 -6.62
C THR A 54 -0.59 17.89 -5.77
N MET A 55 -0.92 17.00 -4.85
CA MET A 55 -2.02 17.24 -3.92
C MET A 55 -1.48 17.83 -2.64
N SER A 56 -2.17 18.80 -2.09
CA SER A 56 -1.72 19.45 -0.89
C SER A 56 -1.76 18.51 0.31
N ALA A 57 -1.05 18.89 1.36
CA ALA A 57 -1.06 18.11 2.61
C ALA A 57 -2.49 17.89 3.11
N LYS A 58 -3.36 18.85 2.83
CA LYS A 58 -4.77 18.76 3.22
C LYS A 58 -5.50 17.68 2.41
N GLU A 59 -5.19 17.61 1.13
CA GLU A 59 -5.81 16.63 0.24
C GLU A 59 -5.35 15.21 0.59
N LYS A 60 -4.14 15.12 1.11
CA LYS A 60 -3.57 13.84 1.50
C LYS A 60 -4.09 13.41 2.87
N GLY A 61 -4.69 14.33 3.60
CA GLY A 61 -5.16 14.08 4.96
C GLY A 61 -5.98 12.80 5.11
N LYS A 62 -6.90 12.58 4.20
CA LYS A 62 -7.76 11.39 4.23
C LYS A 62 -6.94 10.12 4.01
N PHE A 63 -6.15 10.13 2.96
CA PHE A 63 -5.35 8.97 2.58
C PHE A 63 -4.29 8.66 3.62
N GLU A 64 -3.66 9.70 4.13
CA GLU A 64 -2.60 9.54 5.11
C GLU A 64 -3.12 9.08 6.46
N ASP A 65 -4.42 9.23 6.71
CA ASP A 65 -4.96 8.83 7.99
C ASP A 65 -5.38 7.38 7.94
N MET A 66 -6.05 7.02 6.84
CA MET A 66 -6.40 5.62 6.60
C MET A 66 -5.14 4.76 6.56
N ALA A 67 -4.04 5.37 6.14
CA ALA A 67 -2.75 4.69 6.11
C ALA A 67 -2.27 4.36 7.52
N LYS A 68 -2.66 5.19 8.48
CA LYS A 68 -2.30 4.97 9.88
C LYS A 68 -3.07 3.75 10.39
N ALA A 69 -4.29 3.61 9.89
CA ALA A 69 -5.16 2.51 10.30
C ALA A 69 -4.72 1.20 9.66
N ASP A 70 -3.81 1.29 8.70
CA ASP A 70 -3.31 0.10 8.03
C ASP A 70 -2.38 -0.68 8.96
N LYS A 71 -1.99 -0.07 10.05
CA LYS A 71 -1.17 -0.77 11.03
C LYS A 71 -2.00 -1.83 11.75
N ALA A 72 -3.33 -1.63 11.76
CA ALA A 72 -4.25 -2.54 12.43
C ALA A 72 -4.32 -3.90 11.72
N ARG A 73 -3.76 -3.98 10.53
CA ARG A 73 -3.76 -5.24 9.79
C ARG A 73 -2.39 -5.90 9.94
N TYR A 74 -1.46 -5.15 10.51
CA TYR A 74 -0.10 -5.61 10.75
C TYR A 74 0.04 -6.13 12.18
N GLU A 75 -0.36 -5.28 13.13
CA GLU A 75 -0.28 -5.60 14.55
C GLU A 75 -0.90 -6.95 14.85
N ARG A 76 -2.22 -7.05 14.65
CA ARG A 76 -2.96 -8.31 14.87
C ARG A 76 -2.28 -9.54 14.25
N GLU A 77 -1.57 -9.36 13.15
CA GLU A 77 -0.92 -10.49 12.50
C GLU A 77 0.33 -10.92 13.25
N MET A 78 1.13 -9.95 13.66
CA MET A 78 2.37 -10.22 14.35
C MET A 78 2.12 -10.66 15.80
N LYS A 79 1.14 -10.05 16.45
CA LYS A 79 0.85 -10.35 17.86
C LYS A 79 0.40 -11.80 18.08
N THR A 80 -0.12 -12.43 17.03
CA THR A 80 -0.58 -13.80 17.15
C THR A 80 0.38 -14.77 16.45
N TYR A 81 1.44 -14.23 15.88
CA TYR A 81 2.42 -15.03 15.19
C TYR A 81 3.74 -15.02 15.96
N ILE A 82 4.30 -16.20 16.17
CA ILE A 82 5.57 -16.32 16.84
C ILE A 82 6.68 -16.53 15.82
N PRO A 83 7.42 -15.47 15.51
CA PRO A 83 8.50 -15.54 14.53
C PRO A 83 9.73 -16.24 15.10
N PRO A 84 10.14 -17.37 14.47
CA PRO A 84 11.35 -18.11 14.86
C PRO A 84 12.57 -17.19 14.87
N LYS A 85 13.34 -17.27 15.95
CA LYS A 85 14.52 -16.44 16.10
C LYS A 85 15.77 -17.11 15.56
N GLY A 86 16.32 -16.55 14.51
CA GLY A 86 17.54 -17.07 13.94
C GLY A 86 18.73 -16.20 14.30
N GLU A 87 18.43 -15.05 14.87
CA GLU A 87 19.43 -14.09 15.27
C GLU A 87 19.74 -14.23 16.76
N GLY A 1 13.91 -10.42 -5.26
CA GLY A 1 14.01 -9.17 -4.50
C GLY A 1 15.44 -8.84 -4.15
N SER A 2 15.64 -8.03 -3.12
CA SER A 2 16.97 -7.67 -2.69
C SER A 2 17.54 -8.73 -1.77
N HIS A 3 16.64 -9.46 -1.10
CA HIS A 3 17.05 -10.53 -0.22
C HIS A 3 17.31 -11.80 -1.02
N MET A 4 18.40 -12.47 -0.73
CA MET A 4 18.74 -13.68 -1.44
C MET A 4 18.42 -14.89 -0.59
N GLY A 5 17.96 -15.95 -1.21
CA GLY A 5 17.61 -17.15 -0.49
C GLY A 5 16.11 -17.29 -0.35
N LYS A 6 15.61 -18.50 -0.48
CA LYS A 6 14.19 -18.74 -0.39
C LYS A 6 13.81 -19.21 1.00
N GLY A 7 13.44 -18.27 1.85
CA GLY A 7 13.06 -18.59 3.20
C GLY A 7 12.83 -17.34 4.02
N ASP A 8 12.20 -16.36 3.40
CA ASP A 8 11.92 -15.08 4.05
C ASP A 8 10.89 -15.24 5.15
N PRO A 9 11.23 -14.82 6.37
CA PRO A 9 10.30 -14.85 7.50
C PRO A 9 9.09 -13.96 7.23
N LYS A 10 7.96 -14.59 6.98
CA LYS A 10 6.75 -13.84 6.65
C LYS A 10 6.13 -13.22 7.87
N LYS A 11 6.69 -12.10 8.27
CA LYS A 11 6.22 -11.36 9.40
C LYS A 11 5.47 -10.13 8.92
N PRO A 12 4.13 -10.13 9.00
CA PRO A 12 3.34 -8.99 8.58
C PRO A 12 3.47 -7.83 9.56
N ARG A 13 3.96 -6.70 9.06
CA ARG A 13 4.12 -5.52 9.89
C ARG A 13 4.03 -4.24 9.05
N GLY A 14 4.91 -4.13 8.08
CA GLY A 14 4.89 -2.97 7.20
C GLY A 14 3.55 -2.80 6.48
N LYS A 15 2.68 -1.94 7.03
CA LYS A 15 1.42 -1.60 6.39
C LYS A 15 1.69 -0.62 5.27
N MET A 16 0.67 -0.06 4.58
CA MET A 16 0.88 0.79 3.41
C MET A 16 1.01 2.26 3.78
N SER A 17 1.75 2.99 2.96
CA SER A 17 1.88 4.42 3.09
C SER A 17 0.78 5.11 2.30
N SER A 18 0.56 6.40 2.55
CA SER A 18 -0.44 7.20 1.88
C SER A 18 -0.35 7.08 0.35
N TYR A 19 0.88 7.12 -0.20
CA TYR A 19 1.07 6.99 -1.64
C TYR A 19 0.48 5.68 -2.16
N ALA A 20 0.67 4.61 -1.40
CA ALA A 20 0.12 3.32 -1.77
C ALA A 20 -1.40 3.39 -1.79
N PHE A 21 -1.96 4.00 -0.75
CA PHE A 21 -3.41 4.23 -0.69
C PHE A 21 -3.87 5.14 -1.83
N PHE A 22 -2.99 5.99 -2.29
CA PHE A 22 -3.31 6.88 -3.38
C PHE A 22 -3.41 6.09 -4.68
N VAL A 23 -2.49 5.16 -4.89
CA VAL A 23 -2.49 4.30 -6.07
C VAL A 23 -3.80 3.51 -6.20
N GLN A 24 -4.45 3.27 -5.06
CA GLN A 24 -5.70 2.53 -5.10
C GLN A 24 -6.89 3.51 -5.19
N THR A 25 -6.84 4.57 -4.39
CA THR A 25 -7.91 5.56 -4.35
C THR A 25 -8.00 6.35 -5.67
N CYS A 26 -6.94 6.29 -6.47
CA CYS A 26 -6.91 6.96 -7.76
C CYS A 26 -7.38 6.02 -8.84
N ARG A 27 -6.96 4.76 -8.70
CA ARG A 27 -7.34 3.72 -9.62
C ARG A 27 -8.82 3.45 -9.51
N GLU A 28 -9.34 3.67 -8.30
CA GLU A 28 -10.75 3.49 -8.03
C GLU A 28 -11.58 4.35 -8.96
N GLU A 29 -11.55 5.68 -8.77
CA GLU A 29 -12.28 6.64 -9.61
C GLU A 29 -12.18 6.31 -11.08
N HIS A 30 -10.98 5.93 -11.53
CA HIS A 30 -10.76 5.61 -12.93
C HIS A 30 -11.65 4.45 -13.38
N LYS A 31 -11.78 3.45 -12.52
CA LYS A 31 -12.64 2.31 -12.80
C LYS A 31 -14.10 2.71 -12.70
N LYS A 32 -14.38 3.58 -11.74
CA LYS A 32 -15.72 4.13 -11.54
C LYS A 32 -16.19 4.99 -12.73
N LYS A 33 -15.25 5.35 -13.60
CA LYS A 33 -15.56 6.15 -14.79
C LYS A 33 -15.38 5.30 -16.04
N HIS A 34 -14.49 4.34 -15.95
CA HIS A 34 -14.20 3.44 -17.05
C HIS A 34 -14.15 2.00 -16.53
N PRO A 35 -15.23 1.24 -16.71
CA PRO A 35 -15.29 -0.16 -16.26
C PRO A 35 -14.30 -1.02 -17.04
N ASP A 36 -13.95 -0.58 -18.22
CA ASP A 36 -13.02 -1.27 -19.08
C ASP A 36 -11.60 -0.75 -18.86
N ALA A 37 -11.37 -0.19 -17.64
CA ALA A 37 -10.07 0.38 -17.21
C ALA A 37 -8.88 -0.39 -17.79
N SER A 38 -8.90 -1.72 -17.62
CA SER A 38 -7.87 -2.60 -18.18
C SER A 38 -6.45 -2.00 -18.05
N VAL A 39 -6.14 -1.49 -16.85
CA VAL A 39 -4.85 -0.84 -16.63
C VAL A 39 -4.01 -1.52 -15.56
N ASN A 40 -2.96 -2.21 -15.99
CA ASN A 40 -1.93 -2.81 -15.11
C ASN A 40 -1.58 -1.90 -13.89
N PHE A 41 -0.98 -2.48 -12.87
CA PHE A 41 -0.77 -1.79 -11.61
C PHE A 41 0.37 -0.76 -11.66
N SER A 42 1.60 -1.19 -11.89
CA SER A 42 2.76 -0.30 -11.82
C SER A 42 2.65 0.89 -12.79
N GLU A 43 2.35 0.60 -14.05
CA GLU A 43 2.24 1.66 -15.05
C GLU A 43 1.13 2.69 -14.72
N PHE A 44 0.18 2.30 -13.89
CA PHE A 44 -0.86 3.25 -13.49
C PHE A 44 -0.43 4.01 -12.23
N SER A 45 0.60 3.52 -11.58
CA SER A 45 1.09 4.15 -10.38
C SER A 45 1.86 5.42 -10.75
N LYS A 46 2.72 5.30 -11.78
CA LYS A 46 3.49 6.44 -12.23
C LYS A 46 2.62 7.45 -12.99
N LYS A 47 1.48 6.98 -13.50
CA LYS A 47 0.55 7.86 -14.20
C LYS A 47 -0.15 8.78 -13.20
N CYS A 48 -0.49 8.22 -12.05
CA CYS A 48 -1.14 9.02 -11.04
C CYS A 48 -0.14 9.71 -10.11
N SER A 49 1.14 9.37 -10.25
CA SER A 49 2.19 10.00 -9.44
C SER A 49 2.17 11.52 -9.61
N GLU A 50 1.88 11.97 -10.84
CA GLU A 50 1.86 13.39 -11.15
C GLU A 50 0.69 14.09 -10.46
N ARG A 51 -0.28 13.31 -10.03
CA ARG A 51 -1.43 13.87 -9.34
C ARG A 51 -1.11 14.01 -7.86
N TRP A 52 -0.48 13.00 -7.30
CA TRP A 52 -0.05 12.98 -5.90
C TRP A 52 0.85 14.18 -5.61
N LYS A 53 1.74 14.46 -6.56
CA LYS A 53 2.69 15.57 -6.44
C LYS A 53 1.98 16.92 -6.43
N THR A 54 0.78 16.97 -6.99
CA THR A 54 0.03 18.22 -7.07
C THR A 54 -1.10 18.27 -6.05
N MET A 55 -1.09 17.39 -5.07
CA MET A 55 -2.11 17.39 -4.04
C MET A 55 -1.66 18.17 -2.83
N SER A 56 -2.59 18.85 -2.21
CA SER A 56 -2.31 19.68 -1.05
C SER A 56 -2.21 18.85 0.24
N ALA A 57 -1.95 19.54 1.36
CA ALA A 57 -1.80 18.90 2.66
C ALA A 57 -3.14 18.42 3.18
N LYS A 58 -4.20 19.13 2.83
CA LYS A 58 -5.54 18.76 3.26
C LYS A 58 -5.95 17.46 2.61
N GLU A 59 -5.50 17.28 1.38
CA GLU A 59 -5.81 16.09 0.63
C GLU A 59 -5.06 14.89 1.18
N LYS A 60 -3.73 14.89 1.05
CA LYS A 60 -2.86 13.82 1.56
C LYS A 60 -3.20 13.45 3.01
N GLY A 61 -3.66 14.44 3.79
CA GLY A 61 -4.03 14.21 5.17
C GLY A 61 -5.07 13.12 5.32
N LYS A 62 -5.96 13.01 4.34
CA LYS A 62 -7.00 11.99 4.35
C LYS A 62 -6.37 10.62 4.07
N PHE A 63 -5.41 10.60 3.17
CA PHE A 63 -4.72 9.38 2.81
C PHE A 63 -3.91 8.86 3.99
N GLU A 64 -3.27 9.78 4.72
CA GLU A 64 -2.53 9.41 5.92
C GLU A 64 -3.48 8.84 6.95
N ASP A 65 -4.51 9.63 7.29
CA ASP A 65 -5.57 9.20 8.21
C ASP A 65 -6.01 7.76 7.96
N MET A 66 -6.33 7.44 6.71
CA MET A 66 -6.75 6.09 6.33
C MET A 66 -5.60 5.09 6.48
N ALA A 67 -4.39 5.52 6.13
CA ALA A 67 -3.21 4.66 6.20
C ALA A 67 -2.86 4.32 7.65
N LYS A 68 -3.29 5.15 8.57
CA LYS A 68 -3.03 4.93 9.99
C LYS A 68 -3.90 3.79 10.51
N ALA A 69 -5.04 3.59 9.87
CA ALA A 69 -5.97 2.54 10.26
C ALA A 69 -5.59 1.20 9.64
N ASP A 70 -4.66 1.24 8.70
CA ASP A 70 -4.21 0.05 7.99
C ASP A 70 -3.36 -0.83 8.90
N LYS A 71 -2.97 -0.30 10.04
CA LYS A 71 -2.13 -1.02 10.97
C LYS A 71 -2.85 -2.26 11.55
N ALA A 72 -4.17 -2.26 11.47
CA ALA A 72 -4.99 -3.34 12.02
C ALA A 72 -4.76 -4.67 11.30
N ARG A 73 -4.24 -4.62 10.08
CA ARG A 73 -4.04 -5.84 9.30
C ARG A 73 -2.82 -6.62 9.78
N TYR A 74 -1.82 -5.93 10.29
CA TYR A 74 -0.60 -6.60 10.67
C TYR A 74 -0.54 -6.93 12.16
N GLU A 75 -1.14 -6.08 12.99
CA GLU A 75 -1.10 -6.28 14.45
C GLU A 75 -1.61 -7.68 14.80
N ARG A 76 -2.89 -7.94 14.50
CA ARG A 76 -3.49 -9.29 14.64
C ARG A 76 -2.51 -10.44 14.28
N GLU A 77 -1.71 -10.25 13.23
CA GLU A 77 -0.76 -11.28 12.80
C GLU A 77 0.51 -11.27 13.66
N MET A 78 1.03 -10.08 13.91
CA MET A 78 2.28 -9.92 14.66
C MET A 78 2.17 -10.50 16.07
N LYS A 79 1.02 -10.28 16.70
CA LYS A 79 0.80 -10.74 18.06
C LYS A 79 0.64 -12.27 18.16
N THR A 80 0.50 -12.95 17.03
CA THR A 80 0.33 -14.39 17.05
C THR A 80 1.46 -15.12 16.30
N TYR A 81 2.14 -14.41 15.42
CA TYR A 81 3.21 -15.02 14.63
C TYR A 81 4.50 -15.12 15.45
N ILE A 82 5.13 -16.28 15.41
CA ILE A 82 6.38 -16.50 16.10
C ILE A 82 7.54 -16.36 15.10
N PRO A 83 8.31 -15.27 15.21
CA PRO A 83 9.43 -15.01 14.31
C PRO A 83 10.55 -16.06 14.45
N PRO A 84 11.14 -16.50 13.32
CA PRO A 84 12.27 -17.44 13.34
C PRO A 84 13.41 -16.90 14.18
N LYS A 85 13.86 -17.71 15.15
CA LYS A 85 14.94 -17.33 16.08
C LYS A 85 14.47 -16.23 17.04
N GLY A 86 13.17 -16.03 17.12
CA GLY A 86 12.63 -15.03 18.02
C GLY A 86 12.28 -15.63 19.35
N GLU A 87 12.33 -14.82 20.39
CA GLU A 87 12.01 -15.28 21.72
C GLU A 87 11.12 -14.27 22.43
N GLY A 1 18.78 -16.27 -7.14
CA GLY A 1 18.24 -17.06 -6.03
C GLY A 1 19.22 -17.16 -4.88
N SER A 2 18.78 -16.75 -3.71
CA SER A 2 19.60 -16.78 -2.52
C SER A 2 19.75 -18.21 -2.01
N HIS A 3 20.95 -18.74 -2.11
CA HIS A 3 21.20 -20.12 -1.69
C HIS A 3 22.33 -20.14 -0.68
N MET A 4 22.23 -21.05 0.30
CA MET A 4 23.22 -21.22 1.37
C MET A 4 23.21 -20.04 2.34
N GLY A 5 23.60 -18.87 1.84
CA GLY A 5 23.63 -17.69 2.67
C GLY A 5 22.29 -16.99 2.72
N LYS A 6 21.28 -17.72 3.16
CA LYS A 6 19.95 -17.18 3.28
C LYS A 6 19.49 -17.24 4.72
N GLY A 7 18.79 -16.21 5.15
CA GLY A 7 18.29 -16.14 6.50
C GLY A 7 17.08 -15.25 6.60
N ASP A 8 16.09 -15.52 5.77
CA ASP A 8 14.88 -14.71 5.74
C ASP A 8 13.84 -15.24 6.72
N PRO A 9 13.57 -14.48 7.80
CA PRO A 9 12.55 -14.86 8.76
C PRO A 9 11.17 -14.44 8.27
N LYS A 10 10.14 -15.14 8.73
CA LYS A 10 8.78 -14.84 8.31
C LYS A 10 8.21 -13.67 9.10
N LYS A 11 8.78 -12.51 8.87
CA LYS A 11 8.35 -11.30 9.53
C LYS A 11 7.74 -10.35 8.49
N PRO A 12 6.49 -9.94 8.71
CA PRO A 12 5.80 -9.03 7.80
C PRO A 12 6.41 -7.63 7.84
N ARG A 13 6.30 -6.92 6.72
CA ARG A 13 6.84 -5.56 6.63
C ARG A 13 5.77 -4.56 7.07
N GLY A 14 4.63 -5.09 7.46
CA GLY A 14 3.56 -4.25 7.95
C GLY A 14 2.42 -4.17 6.96
N LYS A 15 2.34 -3.06 6.25
CA LYS A 15 1.31 -2.84 5.25
C LYS A 15 1.78 -1.79 4.24
N MET A 16 0.91 -1.38 3.31
CA MET A 16 1.28 -0.44 2.24
C MET A 16 1.37 1.01 2.76
N SER A 17 2.10 1.84 2.02
CA SER A 17 2.29 3.23 2.41
C SER A 17 1.13 4.12 1.96
N SER A 18 1.18 5.40 2.33
CA SER A 18 0.13 6.37 2.04
C SER A 18 -0.03 6.61 0.55
N TYR A 19 1.10 6.68 -0.15
CA TYR A 19 1.11 6.83 -1.61
C TYR A 19 0.23 5.76 -2.25
N ALA A 20 0.39 4.53 -1.78
CA ALA A 20 -0.38 3.41 -2.28
C ALA A 20 -1.89 3.62 -2.10
N PHE A 21 -2.29 4.20 -0.96
CA PHE A 21 -3.70 4.49 -0.70
C PHE A 21 -4.28 5.44 -1.76
N PHE A 22 -3.47 6.34 -2.23
CA PHE A 22 -3.90 7.28 -3.25
C PHE A 22 -4.00 6.58 -4.59
N VAL A 23 -3.02 5.75 -4.88
CA VAL A 23 -2.96 5.01 -6.14
C VAL A 23 -4.08 3.97 -6.23
N GLN A 24 -4.61 3.58 -5.07
CA GLN A 24 -5.71 2.62 -5.05
C GLN A 24 -7.03 3.38 -5.22
N THR A 25 -7.03 4.66 -4.81
CA THR A 25 -8.19 5.50 -4.96
C THR A 25 -8.34 5.93 -6.43
N CYS A 26 -7.41 6.78 -6.90
CA CYS A 26 -7.35 7.19 -8.33
C CYS A 26 -7.65 5.98 -9.27
N ARG A 27 -7.30 4.79 -8.79
CA ARG A 27 -7.54 3.54 -9.48
C ARG A 27 -9.03 3.33 -9.73
N GLU A 28 -9.80 3.31 -8.65
CA GLU A 28 -11.22 3.05 -8.73
C GLU A 28 -11.95 4.15 -9.48
N GLU A 29 -11.52 5.40 -9.31
CA GLU A 29 -12.15 6.53 -9.99
C GLU A 29 -12.12 6.34 -11.50
N HIS A 30 -10.97 5.95 -12.01
CA HIS A 30 -10.79 5.75 -13.43
C HIS A 30 -11.59 4.51 -13.88
N LYS A 31 -11.68 3.52 -13.00
CA LYS A 31 -12.42 2.31 -13.27
C LYS A 31 -13.93 2.59 -13.28
N LYS A 32 -14.35 3.48 -12.40
CA LYS A 32 -15.75 3.89 -12.33
C LYS A 32 -16.18 4.56 -13.63
N LYS A 33 -15.34 5.46 -14.13
CA LYS A 33 -15.63 6.17 -15.37
C LYS A 33 -15.49 5.25 -16.59
N HIS A 34 -14.60 4.27 -16.49
CA HIS A 34 -14.37 3.33 -17.59
C HIS A 34 -14.26 1.90 -17.06
N PRO A 35 -15.41 1.21 -16.93
CA PRO A 35 -15.45 -0.14 -16.37
C PRO A 35 -14.93 -1.22 -17.32
N ASP A 36 -15.04 -0.99 -18.62
CA ASP A 36 -14.61 -1.98 -19.59
C ASP A 36 -13.14 -1.83 -19.91
N ALA A 37 -12.67 -0.60 -19.99
CA ALA A 37 -11.28 -0.33 -20.29
C ALA A 37 -10.38 -0.81 -19.16
N SER A 38 -10.37 -0.04 -18.07
CA SER A 38 -9.55 -0.35 -16.88
C SER A 38 -8.07 -0.06 -17.14
N VAL A 39 -7.35 0.28 -16.10
CA VAL A 39 -5.95 0.60 -16.24
C VAL A 39 -5.08 -0.15 -15.23
N ASN A 40 -4.41 -1.20 -15.73
CA ASN A 40 -3.42 -1.97 -14.95
C ASN A 40 -2.64 -1.10 -13.94
N PHE A 41 -2.57 -1.58 -12.70
CA PHE A 41 -1.94 -0.87 -11.59
C PHE A 41 -0.57 -0.29 -11.96
N SER A 42 0.30 -1.13 -12.48
CA SER A 42 1.67 -0.72 -12.81
C SER A 42 1.73 0.50 -13.77
N GLU A 43 1.19 0.34 -14.97
CA GLU A 43 1.26 1.39 -16.00
C GLU A 43 0.48 2.67 -15.64
N PHE A 44 -0.40 2.56 -14.67
CA PHE A 44 -1.15 3.75 -14.25
C PHE A 44 -0.52 4.44 -13.03
N SER A 45 0.45 3.78 -12.43
CA SER A 45 1.08 4.33 -11.24
C SER A 45 1.73 5.69 -11.52
N LYS A 46 2.35 5.82 -12.70
CA LYS A 46 3.05 7.05 -13.07
C LYS A 46 2.10 8.26 -13.25
N LYS A 47 0.87 8.00 -13.68
CA LYS A 47 -0.09 9.10 -13.87
C LYS A 47 -0.77 9.46 -12.56
N CYS A 48 -0.85 8.51 -11.67
CA CYS A 48 -1.42 8.78 -10.37
C CYS A 48 -0.42 9.56 -9.49
N SER A 49 0.81 9.05 -9.43
CA SER A 49 1.88 9.67 -8.63
C SER A 49 2.05 11.19 -8.91
N GLU A 50 1.97 11.59 -10.18
CA GLU A 50 2.14 13.00 -10.54
C GLU A 50 1.10 13.89 -9.87
N ARG A 51 -0.05 13.31 -9.53
CA ARG A 51 -1.09 14.06 -8.85
C ARG A 51 -0.82 14.07 -7.34
N TRP A 52 -0.36 12.95 -6.84
CA TRP A 52 0.00 12.80 -5.41
C TRP A 52 1.01 13.86 -5.01
N LYS A 53 2.00 14.07 -5.86
CA LYS A 53 3.06 15.04 -5.59
C LYS A 53 2.54 16.47 -5.66
N THR A 54 1.43 16.69 -6.34
CA THR A 54 0.89 18.01 -6.49
C THR A 54 -0.29 18.28 -5.54
N MET A 55 -0.70 17.27 -4.76
CA MET A 55 -1.80 17.46 -3.81
C MET A 55 -1.29 18.11 -2.55
N SER A 56 -2.12 18.94 -1.96
CA SER A 56 -1.79 19.64 -0.73
C SER A 56 -1.60 18.65 0.42
N ALA A 57 -0.82 19.08 1.42
CA ALA A 57 -0.60 18.27 2.60
C ALA A 57 -1.92 17.88 3.27
N LYS A 58 -2.93 18.74 3.10
CA LYS A 58 -4.25 18.51 3.66
C LYS A 58 -4.94 17.32 2.97
N GLU A 59 -4.75 17.23 1.65
CA GLU A 59 -5.34 16.18 0.85
C GLU A 59 -4.67 14.84 1.11
N LYS A 60 -3.45 14.90 1.59
CA LYS A 60 -2.68 13.70 1.90
C LYS A 60 -3.08 13.16 3.26
N GLY A 61 -3.48 14.06 4.14
CA GLY A 61 -3.88 13.66 5.49
C GLY A 61 -5.06 12.70 5.47
N LYS A 62 -5.84 12.76 4.41
CA LYS A 62 -7.00 11.89 4.28
C LYS A 62 -6.55 10.44 4.06
N PHE A 63 -5.45 10.28 3.34
CA PHE A 63 -4.90 8.97 3.06
C PHE A 63 -4.07 8.49 4.25
N GLU A 64 -3.50 9.45 4.96
CA GLU A 64 -2.75 9.15 6.17
C GLU A 64 -3.68 8.55 7.21
N ASP A 65 -4.67 9.34 7.62
CA ASP A 65 -5.73 8.89 8.54
C ASP A 65 -6.22 7.46 8.25
N MET A 66 -6.49 7.16 6.98
CA MET A 66 -6.97 5.82 6.60
C MET A 66 -5.96 4.73 6.93
N ALA A 67 -4.68 5.08 6.95
CA ALA A 67 -3.63 4.13 7.25
C ALA A 67 -3.73 3.61 8.68
N LYS A 68 -4.42 4.38 9.53
CA LYS A 68 -4.62 3.98 10.93
C LYS A 68 -5.58 2.81 11.01
N ALA A 69 -6.49 2.73 10.06
CA ALA A 69 -7.45 1.65 10.00
C ALA A 69 -6.86 0.47 9.25
N ASP A 70 -5.90 0.76 8.39
CA ASP A 70 -5.26 -0.27 7.58
C ASP A 70 -4.14 -0.95 8.35
N LYS A 71 -3.48 -0.21 9.24
CA LYS A 71 -2.39 -0.77 10.04
C LYS A 71 -2.93 -1.85 10.99
N ALA A 72 -4.23 -1.81 11.20
CA ALA A 72 -4.93 -2.75 12.05
C ALA A 72 -4.90 -4.17 11.47
N ARG A 73 -4.39 -4.31 10.25
CA ARG A 73 -4.36 -5.60 9.59
C ARG A 73 -3.13 -6.38 10.04
N TYR A 74 -2.02 -5.68 10.25
CA TYR A 74 -0.79 -6.35 10.66
C TYR A 74 -0.58 -6.30 12.16
N GLU A 75 -1.37 -5.46 12.84
CA GLU A 75 -1.29 -5.35 14.31
C GLU A 75 -1.28 -6.73 14.95
N ARG A 76 -2.38 -7.47 14.75
CA ARG A 76 -2.51 -8.85 15.23
C ARG A 76 -1.28 -9.66 14.88
N GLU A 77 -0.98 -9.67 13.58
CA GLU A 77 0.13 -10.44 13.02
C GLU A 77 1.43 -10.22 13.78
N MET A 78 1.75 -8.97 14.04
CA MET A 78 2.97 -8.64 14.76
C MET A 78 2.89 -9.06 16.24
N LYS A 79 1.83 -8.65 16.90
CA LYS A 79 1.65 -8.95 18.33
C LYS A 79 1.44 -10.45 18.62
N THR A 80 1.19 -11.24 17.58
CA THR A 80 1.01 -12.67 17.76
C THR A 80 2.23 -13.44 17.21
N TYR A 81 3.22 -12.71 16.76
CA TYR A 81 4.42 -13.30 16.19
C TYR A 81 5.61 -13.10 17.10
N ILE A 82 6.31 -14.17 17.40
CA ILE A 82 7.50 -14.10 18.22
C ILE A 82 8.72 -13.94 17.31
N PRO A 83 9.38 -12.78 17.38
CA PRO A 83 10.54 -12.49 16.54
C PRO A 83 11.73 -13.38 16.89
N PRO A 84 12.29 -14.08 15.88
CA PRO A 84 13.47 -14.93 16.06
C PRO A 84 14.62 -14.16 16.67
N LYS A 85 15.21 -14.73 17.71
CA LYS A 85 16.30 -14.09 18.43
C LYS A 85 17.65 -14.42 17.79
N GLY A 86 17.67 -15.46 16.97
CA GLY A 86 18.88 -15.85 16.30
C GLY A 86 19.05 -17.34 16.24
N GLU A 87 19.48 -17.83 15.10
CA GLU A 87 19.72 -19.25 14.90
C GLU A 87 21.20 -19.57 15.01
N GLY A 1 21.89 -15.71 0.05
CA GLY A 1 22.47 -15.06 1.24
C GLY A 1 23.50 -15.94 1.91
N SER A 2 23.09 -16.62 2.96
CA SER A 2 23.97 -17.52 3.68
C SER A 2 24.34 -18.71 2.80
N HIS A 3 25.51 -19.30 3.06
CA HIS A 3 26.01 -20.39 2.24
C HIS A 3 25.10 -21.62 2.32
N MET A 4 24.61 -21.92 3.50
CA MET A 4 23.76 -23.08 3.70
C MET A 4 22.29 -22.70 3.75
N GLY A 5 21.99 -21.49 3.32
CA GLY A 5 20.61 -21.03 3.30
C GLY A 5 20.19 -20.40 4.61
N LYS A 6 19.28 -19.45 4.52
CA LYS A 6 18.76 -18.76 5.69
C LYS A 6 17.42 -18.11 5.33
N GLY A 7 16.36 -18.63 5.90
CA GLY A 7 15.05 -18.09 5.63
C GLY A 7 14.67 -16.99 6.61
N ASP A 8 13.99 -15.99 6.11
CA ASP A 8 13.56 -14.88 6.97
C ASP A 8 12.21 -15.19 7.62
N PRO A 9 12.02 -14.76 8.87
CA PRO A 9 10.78 -14.98 9.61
C PRO A 9 9.59 -14.34 8.90
N LYS A 10 8.41 -14.91 9.09
CA LYS A 10 7.21 -14.42 8.43
C LYS A 10 6.59 -13.25 9.18
N LYS A 11 7.41 -12.58 9.99
CA LYS A 11 6.97 -11.42 10.73
C LYS A 11 6.63 -10.30 9.77
N PRO A 12 5.43 -9.71 9.89
CA PRO A 12 5.01 -8.60 9.04
C PRO A 12 5.89 -7.38 9.27
N ARG A 13 6.36 -6.79 8.19
CA ARG A 13 7.22 -5.62 8.29
C ARG A 13 6.41 -4.33 8.32
N GLY A 14 5.21 -4.41 8.86
CA GLY A 14 4.38 -3.25 8.99
C GLY A 14 3.21 -3.28 8.03
N LYS A 15 2.66 -2.11 7.79
CA LYS A 15 1.50 -1.95 6.91
C LYS A 15 1.98 -1.42 5.56
N MET A 16 1.09 -0.78 4.77
CA MET A 16 1.46 -0.23 3.48
C MET A 16 1.53 1.29 3.56
N SER A 17 2.35 1.89 2.72
CA SER A 17 2.47 3.34 2.68
C SER A 17 1.22 3.98 2.07
N SER A 18 0.89 5.20 2.52
CA SER A 18 -0.26 5.95 2.05
C SER A 18 -0.29 6.09 0.52
N TYR A 19 0.90 6.13 -0.09
CA TYR A 19 1.01 6.21 -1.55
C TYR A 19 0.23 5.09 -2.21
N ALA A 20 0.34 3.89 -1.66
CA ALA A 20 -0.36 2.72 -2.18
C ALA A 20 -1.86 2.96 -2.17
N PHE A 21 -2.36 3.46 -1.04
CA PHE A 21 -3.78 3.78 -0.88
C PHE A 21 -4.23 4.85 -1.87
N PHE A 22 -3.31 5.69 -2.31
CA PHE A 22 -3.63 6.69 -3.28
C PHE A 22 -3.75 6.06 -4.66
N VAL A 23 -2.82 5.17 -4.98
CA VAL A 23 -2.80 4.51 -6.30
C VAL A 23 -4.02 3.58 -6.46
N GLN A 24 -4.71 3.31 -5.37
CA GLN A 24 -5.88 2.46 -5.45
C GLN A 24 -7.13 3.33 -5.58
N THR A 25 -7.20 4.38 -4.75
CA THR A 25 -8.33 5.31 -4.74
C THR A 25 -8.33 6.16 -6.00
N CYS A 26 -7.23 6.14 -6.73
CA CYS A 26 -7.09 6.92 -7.94
C CYS A 26 -7.40 6.06 -9.14
N ARG A 27 -6.99 4.81 -9.07
CA ARG A 27 -7.25 3.85 -10.11
C ARG A 27 -8.73 3.55 -10.20
N GLU A 28 -9.39 3.45 -9.04
CA GLU A 28 -10.80 3.11 -9.00
C GLU A 28 -11.69 4.21 -9.57
N GLU A 29 -11.60 5.44 -9.05
CA GLU A 29 -12.40 6.57 -9.56
C GLU A 29 -12.29 6.67 -11.09
N HIS A 30 -11.10 6.37 -11.62
CA HIS A 30 -10.88 6.40 -13.06
C HIS A 30 -11.72 5.32 -13.75
N LYS A 31 -11.85 4.17 -13.08
CA LYS A 31 -12.68 3.07 -13.58
C LYS A 31 -14.14 3.52 -13.67
N LYS A 32 -14.54 4.39 -12.75
CA LYS A 32 -15.90 4.92 -12.71
C LYS A 32 -16.17 5.89 -13.85
N LYS A 33 -15.14 6.27 -14.57
CA LYS A 33 -15.26 7.22 -15.66
C LYS A 33 -14.98 6.49 -16.97
N HIS A 34 -14.04 5.58 -16.92
CA HIS A 34 -13.64 4.79 -18.05
C HIS A 34 -13.41 3.36 -17.61
N PRO A 35 -14.46 2.53 -17.65
CA PRO A 35 -14.39 1.13 -17.22
C PRO A 35 -13.41 0.30 -18.07
N ASP A 36 -13.15 0.76 -19.28
CA ASP A 36 -12.26 0.07 -20.20
C ASP A 36 -10.80 0.53 -19.99
N ALA A 37 -10.51 1.06 -18.79
CA ALA A 37 -9.16 1.54 -18.44
C ALA A 37 -8.08 0.52 -18.83
N SER A 38 -8.35 -0.77 -18.59
CA SER A 38 -7.46 -1.85 -19.03
C SER A 38 -6.00 -1.60 -18.58
N VAL A 39 -5.82 -1.17 -17.33
CA VAL A 39 -4.48 -0.82 -16.84
C VAL A 39 -4.20 -1.44 -15.48
N ASN A 40 -3.18 -2.29 -15.44
CA ASN A 40 -2.73 -2.92 -14.20
C ASN A 40 -2.43 -1.87 -13.12
N PHE A 41 -2.58 -2.27 -11.86
CA PHE A 41 -2.35 -1.39 -10.72
C PHE A 41 -1.01 -0.66 -10.81
N SER A 42 0.05 -1.40 -11.11
CA SER A 42 1.38 -0.83 -11.18
C SER A 42 1.54 0.14 -12.35
N GLU A 43 1.16 -0.30 -13.55
CA GLU A 43 1.29 0.55 -14.74
C GLU A 43 0.52 1.88 -14.61
N PHE A 44 -0.50 1.88 -13.77
CA PHE A 44 -1.29 3.10 -13.52
C PHE A 44 -0.66 3.95 -12.41
N SER A 45 0.33 3.42 -11.72
CA SER A 45 0.97 4.13 -10.62
C SER A 45 1.70 5.37 -11.14
N LYS A 46 2.30 5.26 -12.32
CA LYS A 46 3.01 6.39 -12.92
C LYS A 46 2.04 7.52 -13.29
N LYS A 47 0.78 7.17 -13.48
CA LYS A 47 -0.23 8.15 -13.82
C LYS A 47 -0.69 8.93 -12.59
N CYS A 48 -0.97 8.20 -11.52
CA CYS A 48 -1.45 8.82 -10.28
C CYS A 48 -0.34 9.55 -9.51
N SER A 49 0.89 9.08 -9.63
CA SER A 49 2.02 9.67 -8.90
C SER A 49 2.18 11.18 -9.17
N GLU A 50 1.98 11.58 -10.43
CA GLU A 50 2.12 13.00 -10.80
C GLU A 50 1.10 13.87 -10.09
N ARG A 51 0.01 13.26 -9.64
CA ARG A 51 -1.03 14.00 -8.98
C ARG A 51 -0.72 14.13 -7.50
N TRP A 52 -0.24 13.07 -6.90
CA TRP A 52 0.13 13.03 -5.48
C TRP A 52 1.11 14.16 -5.15
N LYS A 53 1.99 14.45 -6.10
CA LYS A 53 2.99 15.50 -5.92
C LYS A 53 2.36 16.90 -5.98
N THR A 54 1.10 16.98 -6.38
CA THR A 54 0.40 18.25 -6.45
C THR A 54 -0.74 18.32 -5.44
N MET A 55 -0.84 17.31 -4.60
CA MET A 55 -1.91 17.23 -3.62
C MET A 55 -1.59 18.05 -2.38
N SER A 56 -2.58 18.77 -1.90
CA SER A 56 -2.44 19.59 -0.72
C SER A 56 -2.32 18.76 0.56
N ALA A 57 -2.05 19.42 1.68
CA ALA A 57 -1.89 18.76 2.97
C ALA A 57 -3.21 18.14 3.42
N LYS A 58 -4.29 18.85 3.10
CA LYS A 58 -5.63 18.39 3.45
C LYS A 58 -5.98 17.13 2.68
N GLU A 59 -5.43 17.02 1.49
CA GLU A 59 -5.66 15.89 0.63
C GLU A 59 -4.97 14.66 1.18
N LYS A 60 -3.64 14.64 1.11
CA LYS A 60 -2.83 13.53 1.60
C LYS A 60 -3.23 13.12 3.03
N GLY A 61 -3.56 14.11 3.86
CA GLY A 61 -3.96 13.85 5.23
C GLY A 61 -5.13 12.88 5.33
N LYS A 62 -6.05 12.97 4.37
CA LYS A 62 -7.21 12.09 4.31
C LYS A 62 -6.77 10.67 3.98
N PHE A 63 -5.80 10.58 3.07
CA PHE A 63 -5.27 9.29 2.66
C PHE A 63 -4.44 8.67 3.75
N GLU A 64 -3.61 9.48 4.40
CA GLU A 64 -2.79 9.00 5.49
C GLU A 64 -3.66 8.47 6.60
N ASP A 65 -4.66 9.25 7.01
CA ASP A 65 -5.66 8.81 8.01
C ASP A 65 -6.16 7.39 7.73
N MET A 66 -6.50 7.10 6.48
CA MET A 66 -6.98 5.76 6.10
C MET A 66 -5.89 4.72 6.31
N ALA A 67 -4.65 5.12 6.04
CA ALA A 67 -3.52 4.25 6.22
C ALA A 67 -3.19 4.09 7.71
N LYS A 68 -3.40 5.15 8.48
CA LYS A 68 -3.15 5.11 9.91
C LYS A 68 -4.09 4.13 10.58
N ALA A 69 -5.20 3.82 9.91
CA ALA A 69 -6.15 2.87 10.41
C ALA A 69 -5.85 1.47 9.88
N ASP A 70 -5.00 1.40 8.85
CA ASP A 70 -4.64 0.13 8.23
C ASP A 70 -3.54 -0.58 9.01
N LYS A 71 -2.95 0.15 9.96
CA LYS A 71 -1.88 -0.41 10.81
C LYS A 71 -2.39 -1.59 11.66
N ALA A 72 -3.71 -1.71 11.73
CA ALA A 72 -4.35 -2.76 12.50
C ALA A 72 -4.21 -4.12 11.81
N ARG A 73 -3.72 -4.09 10.58
CA ARG A 73 -3.61 -5.31 9.79
C ARG A 73 -2.38 -6.11 10.18
N TYR A 74 -1.29 -5.43 10.56
CA TYR A 74 -0.06 -6.11 10.91
C TYR A 74 0.05 -6.33 12.41
N GLU A 75 -0.62 -5.47 13.19
CA GLU A 75 -0.60 -5.59 14.64
C GLU A 75 -1.03 -7.00 15.05
N ARG A 76 -2.30 -7.33 14.79
CA ARG A 76 -2.83 -8.68 15.05
C ARG A 76 -1.89 -9.78 14.54
N GLU A 77 -1.25 -9.54 13.39
CA GLU A 77 -0.34 -10.52 12.81
C GLU A 77 0.90 -10.73 13.67
N MET A 78 1.60 -9.65 13.95
CA MET A 78 2.84 -9.73 14.71
C MET A 78 2.60 -10.20 16.14
N LYS A 79 1.50 -9.76 16.73
CA LYS A 79 1.17 -10.13 18.11
C LYS A 79 0.86 -11.63 18.24
N THR A 80 0.29 -12.23 17.18
CA THR A 80 -0.04 -13.64 17.22
C THR A 80 1.11 -14.49 16.67
N TYR A 81 2.04 -13.84 16.00
CA TYR A 81 3.19 -14.50 15.43
C TYR A 81 4.31 -14.53 16.45
N ILE A 82 5.06 -15.62 16.49
CA ILE A 82 6.18 -15.75 17.38
C ILE A 82 7.48 -15.49 16.63
N PRO A 83 8.03 -14.27 16.75
CA PRO A 83 9.25 -13.89 16.06
C PRO A 83 10.49 -14.46 16.75
N PRO A 84 11.33 -15.15 15.98
CA PRO A 84 12.58 -15.74 16.50
C PRO A 84 13.62 -14.65 16.80
N LYS A 85 14.79 -15.08 17.22
CA LYS A 85 15.87 -14.16 17.57
C LYS A 85 16.70 -13.76 16.36
N GLY A 86 16.13 -13.97 15.17
CA GLY A 86 16.81 -13.60 13.95
C GLY A 86 16.59 -12.14 13.62
N GLU A 87 15.63 -11.53 14.28
CA GLU A 87 15.30 -10.14 14.10
C GLU A 87 14.48 -9.66 15.28
N GLY A 1 6.00 -12.51 -10.56
CA GLY A 1 6.24 -13.56 -11.57
C GLY A 1 5.39 -14.78 -11.33
N SER A 2 5.78 -15.90 -11.92
CA SER A 2 5.04 -17.14 -11.76
C SER A 2 5.49 -17.86 -10.49
N HIS A 3 6.78 -17.86 -10.24
CA HIS A 3 7.32 -18.46 -9.05
C HIS A 3 8.06 -17.43 -8.21
N MET A 4 7.79 -17.41 -6.93
CA MET A 4 8.41 -16.45 -6.04
C MET A 4 9.06 -17.16 -4.87
N GLY A 5 10.09 -16.55 -4.32
CA GLY A 5 10.78 -17.13 -3.20
C GLY A 5 10.11 -16.83 -1.89
N LYS A 6 8.90 -17.33 -1.72
CA LYS A 6 8.13 -17.11 -0.51
C LYS A 6 8.76 -17.86 0.66
N GLY A 7 9.24 -17.12 1.63
CA GLY A 7 9.88 -17.73 2.79
C GLY A 7 10.02 -16.74 3.92
N ASP A 8 8.97 -15.97 4.16
CA ASP A 8 8.96 -14.96 5.22
C ASP A 8 9.02 -15.63 6.59
N PRO A 9 9.65 -14.95 7.57
CA PRO A 9 9.75 -15.46 8.95
C PRO A 9 8.43 -15.36 9.70
N LYS A 10 7.35 -15.07 8.95
CA LYS A 10 5.98 -14.94 9.47
C LYS A 10 5.79 -13.63 10.23
N LYS A 11 6.85 -12.87 10.38
CA LYS A 11 6.78 -11.59 11.05
C LYS A 11 6.34 -10.53 10.06
N PRO A 12 5.28 -9.78 10.39
CA PRO A 12 4.80 -8.71 9.53
C PRO A 12 5.84 -7.61 9.38
N ARG A 13 6.26 -7.38 8.16
CA ARG A 13 7.24 -6.35 7.87
C ARG A 13 6.56 -5.00 7.83
N GLY A 14 5.34 -5.01 7.36
CA GLY A 14 4.57 -3.80 7.29
C GLY A 14 3.58 -3.82 6.15
N LYS A 15 3.69 -2.82 5.29
CA LYS A 15 2.81 -2.65 4.16
C LYS A 15 3.27 -1.44 3.37
N MET A 16 2.44 -0.94 2.47
CA MET A 16 2.78 0.24 1.70
C MET A 16 2.35 1.47 2.46
N SER A 17 2.94 2.61 2.14
CA SER A 17 2.62 3.86 2.80
C SER A 17 1.26 4.41 2.32
N SER A 18 0.99 5.68 2.64
CA SER A 18 -0.26 6.32 2.23
C SER A 18 -0.34 6.49 0.73
N TYR A 19 0.83 6.51 0.08
CA TYR A 19 0.93 6.56 -1.37
C TYR A 19 0.03 5.50 -1.99
N ALA A 20 0.08 4.28 -1.47
CA ALA A 20 -0.74 3.18 -1.95
C ALA A 20 -2.22 3.51 -1.83
N PHE A 21 -2.61 4.09 -0.69
CA PHE A 21 -4.00 4.48 -0.45
C PHE A 21 -4.51 5.46 -1.50
N PHE A 22 -3.63 6.32 -1.97
CA PHE A 22 -3.99 7.24 -3.02
C PHE A 22 -4.08 6.51 -4.35
N VAL A 23 -3.11 5.65 -4.61
CA VAL A 23 -3.03 4.90 -5.86
C VAL A 23 -4.18 3.89 -6.00
N GLN A 24 -4.71 3.42 -4.87
CA GLN A 24 -5.81 2.45 -4.90
C GLN A 24 -7.13 3.17 -5.15
N THR A 25 -7.21 4.41 -4.67
CA THR A 25 -8.38 5.24 -4.89
C THR A 25 -8.35 5.74 -6.33
N CYS A 26 -7.34 6.51 -6.64
CA CYS A 26 -7.02 6.95 -8.02
C CYS A 26 -7.33 5.84 -9.06
N ARG A 27 -7.09 4.58 -8.69
CA ARG A 27 -7.43 3.46 -9.57
C ARG A 27 -8.96 3.31 -9.66
N GLU A 28 -9.60 3.25 -8.50
CA GLU A 28 -11.06 3.11 -8.37
C GLU A 28 -11.78 4.25 -9.10
N GLU A 29 -11.32 5.48 -8.91
CA GLU A 29 -11.90 6.66 -9.54
C GLU A 29 -12.00 6.52 -11.06
N HIS A 30 -10.95 5.95 -11.64
CA HIS A 30 -10.89 5.78 -13.09
C HIS A 30 -11.93 4.77 -13.57
N LYS A 31 -12.33 3.86 -12.70
CA LYS A 31 -13.32 2.84 -13.05
C LYS A 31 -14.70 3.45 -13.24
N LYS A 32 -14.98 4.52 -12.51
CA LYS A 32 -16.27 5.21 -12.59
C LYS A 32 -16.66 5.54 -14.03
N LYS A 33 -15.81 6.28 -14.73
CA LYS A 33 -16.12 6.67 -16.09
C LYS A 33 -15.42 5.83 -17.15
N HIS A 34 -14.53 4.93 -16.73
CA HIS A 34 -13.82 4.07 -17.68
C HIS A 34 -13.61 2.67 -17.11
N PRO A 35 -14.69 1.88 -16.97
CA PRO A 35 -14.63 0.53 -16.44
C PRO A 35 -14.52 -0.54 -17.53
N ASP A 36 -14.76 -0.15 -18.78
CA ASP A 36 -14.76 -1.08 -19.89
C ASP A 36 -13.35 -1.42 -20.36
N ALA A 37 -12.47 -0.44 -20.36
CA ALA A 37 -11.10 -0.67 -20.77
C ALA A 37 -10.28 -1.21 -19.61
N SER A 38 -10.30 -0.45 -18.50
CA SER A 38 -9.57 -0.81 -17.28
C SER A 38 -8.07 -0.52 -17.43
N VAL A 39 -7.42 -0.21 -16.33
CA VAL A 39 -6.01 0.15 -16.36
C VAL A 39 -5.22 -0.54 -15.25
N ASN A 40 -4.55 -1.64 -15.63
CA ASN A 40 -3.67 -2.40 -14.72
C ASN A 40 -2.89 -1.49 -13.77
N PHE A 41 -2.89 -1.88 -12.50
CA PHE A 41 -2.24 -1.15 -11.42
C PHE A 41 -0.83 -0.67 -11.78
N SER A 42 -0.04 -1.55 -12.35
CA SER A 42 1.36 -1.22 -12.65
C SER A 42 1.48 -0.03 -13.63
N GLU A 43 0.83 -0.13 -14.80
CA GLU A 43 0.92 0.90 -15.83
C GLU A 43 0.17 2.18 -15.46
N PHE A 44 -0.76 2.08 -14.53
CA PHE A 44 -1.51 3.26 -14.15
C PHE A 44 -0.89 4.04 -12.99
N SER A 45 0.09 3.48 -12.34
CA SER A 45 0.69 4.14 -11.21
C SER A 45 1.73 5.18 -11.62
N LYS A 46 2.17 5.14 -12.89
CA LYS A 46 3.19 6.07 -13.35
C LYS A 46 2.64 7.50 -13.57
N LYS A 47 1.44 7.62 -14.11
CA LYS A 47 0.82 8.94 -14.30
C LYS A 47 -0.07 9.29 -13.11
N CYS A 48 -0.33 8.33 -12.30
CA CYS A 48 -1.11 8.58 -11.10
C CYS A 48 -0.26 9.29 -10.03
N SER A 49 0.96 8.80 -9.86
CA SER A 49 1.89 9.37 -8.88
C SER A 49 2.31 10.82 -9.19
N GLU A 50 1.96 11.33 -10.38
CA GLU A 50 2.33 12.70 -10.75
C GLU A 50 1.55 13.72 -9.94
N ARG A 51 0.39 13.30 -9.44
CA ARG A 51 -0.44 14.18 -8.64
C ARG A 51 -0.05 14.11 -7.18
N TRP A 52 0.38 12.95 -6.73
CA TRP A 52 0.77 12.72 -5.33
C TRP A 52 1.79 13.77 -4.84
N LYS A 53 2.64 14.24 -5.74
CA LYS A 53 3.64 15.24 -5.39
C LYS A 53 3.02 16.62 -5.22
N THR A 54 1.92 16.88 -5.93
CA THR A 54 1.27 18.18 -5.87
C THR A 54 0.04 18.16 -4.96
N MET A 55 -0.24 17.02 -4.35
CA MET A 55 -1.36 16.91 -3.43
C MET A 55 -1.07 17.66 -2.15
N SER A 56 -1.99 18.50 -1.76
CA SER A 56 -1.79 19.32 -0.58
C SER A 56 -2.12 18.55 0.70
N ALA A 57 -1.77 19.14 1.83
CA ALA A 57 -2.00 18.55 3.14
C ALA A 57 -3.44 18.07 3.33
N LYS A 58 -4.40 18.88 2.90
CA LYS A 58 -5.80 18.54 3.08
C LYS A 58 -6.22 17.36 2.20
N GLU A 59 -5.51 17.17 1.10
CA GLU A 59 -5.80 16.07 0.19
C GLU A 59 -5.20 14.78 0.73
N LYS A 60 -4.01 14.89 1.30
CA LYS A 60 -3.30 13.75 1.82
C LYS A 60 -3.84 13.34 3.19
N GLY A 61 -4.32 14.31 3.96
CA GLY A 61 -4.85 14.05 5.29
C GLY A 61 -5.90 12.94 5.31
N LYS A 62 -6.60 12.79 4.20
CA LYS A 62 -7.60 11.75 4.05
C LYS A 62 -6.93 10.37 4.09
N PHE A 63 -5.97 10.17 3.20
CA PHE A 63 -5.27 8.89 3.08
C PHE A 63 -4.28 8.69 4.23
N GLU A 64 -3.70 9.79 4.68
CA GLU A 64 -2.70 9.77 5.75
C GLU A 64 -3.24 9.19 7.04
N ASP A 65 -4.53 9.34 7.31
CA ASP A 65 -5.08 8.86 8.56
C ASP A 65 -5.74 7.49 8.40
N MET A 66 -6.22 7.20 7.19
CA MET A 66 -6.89 5.93 6.93
C MET A 66 -5.93 4.77 7.08
N ALA A 67 -4.66 5.03 6.79
CA ALA A 67 -3.63 4.02 6.92
C ALA A 67 -3.50 3.56 8.37
N LYS A 68 -3.82 4.46 9.29
CA LYS A 68 -3.75 4.17 10.72
C LYS A 68 -4.80 3.15 11.12
N ALA A 69 -5.87 3.07 10.35
CA ALA A 69 -6.92 2.10 10.61
C ALA A 69 -6.67 0.82 9.82
N ASP A 70 -5.85 0.96 8.79
CA ASP A 70 -5.50 -0.16 7.92
C ASP A 70 -4.35 -0.98 8.49
N LYS A 71 -3.51 -0.35 9.31
CA LYS A 71 -2.37 -1.06 9.93
C LYS A 71 -2.84 -2.16 10.87
N ALA A 72 -4.13 -2.12 11.17
CA ALA A 72 -4.80 -3.09 12.04
C ALA A 72 -4.79 -4.50 11.45
N ARG A 73 -4.31 -4.61 10.21
CA ARG A 73 -4.32 -5.88 9.51
C ARG A 73 -3.05 -6.66 9.82
N TYR A 74 -1.92 -5.95 9.95
CA TYR A 74 -0.66 -6.61 10.25
C TYR A 74 -0.30 -6.54 11.73
N GLU A 75 -0.84 -5.54 12.43
CA GLU A 75 -0.57 -5.41 13.87
C GLU A 75 -0.95 -6.67 14.62
N ARG A 76 -2.20 -7.12 14.45
CA ARG A 76 -2.67 -8.40 14.99
C ARG A 76 -1.72 -9.58 14.69
N GLU A 77 -0.89 -9.44 13.66
CA GLU A 77 0.03 -10.49 13.27
C GLU A 77 1.31 -10.36 14.07
N MET A 78 1.69 -9.13 14.36
CA MET A 78 2.89 -8.84 15.13
C MET A 78 2.68 -9.23 16.60
N LYS A 79 1.54 -8.81 17.14
CA LYS A 79 1.22 -9.08 18.53
C LYS A 79 1.05 -10.59 18.82
N THR A 80 0.74 -11.36 17.79
CA THR A 80 0.55 -12.80 17.95
C THR A 80 1.84 -13.56 17.60
N TYR A 81 2.85 -12.82 17.19
CA TYR A 81 4.12 -13.41 16.80
C TYR A 81 5.20 -13.09 17.81
N ILE A 82 5.95 -14.10 18.21
CA ILE A 82 7.04 -13.93 19.15
C ILE A 82 8.37 -14.22 18.44
N PRO A 83 9.10 -13.16 18.05
CA PRO A 83 10.37 -13.29 17.32
C PRO A 83 11.48 -13.87 18.18
N PRO A 84 12.21 -14.87 17.64
CA PRO A 84 13.34 -15.48 18.33
C PRO A 84 14.54 -14.54 18.34
N LYS A 85 15.21 -14.46 19.46
CA LYS A 85 16.33 -13.56 19.58
C LYS A 85 17.60 -14.18 19.01
N GLY A 86 17.89 -13.87 17.77
CA GLY A 86 19.09 -14.35 17.14
C GLY A 86 20.22 -13.38 17.37
N GLU A 87 20.67 -13.32 18.61
CA GLU A 87 21.71 -12.40 19.01
C GLU A 87 23.04 -12.73 18.36
N GLY A 1 15.96 -3.72 -5.04
CA GLY A 1 16.75 -4.20 -3.88
C GLY A 1 17.42 -5.52 -4.16
N SER A 2 17.97 -6.14 -3.13
CA SER A 2 18.65 -7.41 -3.27
C SER A 2 18.62 -8.15 -1.93
N HIS A 3 18.96 -9.43 -1.97
CA HIS A 3 18.96 -10.25 -0.76
C HIS A 3 19.92 -11.42 -0.91
N MET A 4 20.73 -11.63 0.10
CA MET A 4 21.69 -12.72 0.09
C MET A 4 21.09 -13.96 0.76
N GLY A 5 20.02 -13.75 1.51
CA GLY A 5 19.36 -14.84 2.17
C GLY A 5 18.26 -15.42 1.33
N LYS A 6 18.12 -16.73 1.34
CA LYS A 6 17.07 -17.40 0.61
C LYS A 6 15.81 -17.44 1.44
N GLY A 7 15.99 -17.43 2.75
CA GLY A 7 14.87 -17.44 3.65
C GLY A 7 14.80 -16.16 4.45
N ASP A 8 13.67 -15.49 4.39
CA ASP A 8 13.48 -14.25 5.12
C ASP A 8 12.24 -14.34 6.00
N PRO A 9 12.27 -13.71 7.18
CA PRO A 9 11.15 -13.72 8.13
C PRO A 9 9.89 -13.07 7.56
N LYS A 10 8.75 -13.58 7.96
CA LYS A 10 7.47 -13.06 7.48
C LYS A 10 6.91 -12.06 8.45
N LYS A 11 7.79 -11.48 9.26
CA LYS A 11 7.40 -10.49 10.23
C LYS A 11 6.92 -9.22 9.52
N PRO A 12 5.76 -8.70 9.90
CA PRO A 12 5.24 -7.47 9.32
C PRO A 12 6.01 -6.26 9.85
N ARG A 13 6.44 -5.41 8.95
CA ARG A 13 7.17 -4.21 9.32
C ARG A 13 6.21 -3.03 9.41
N GLY A 14 4.96 -3.28 9.04
CA GLY A 14 3.95 -2.26 9.08
C GLY A 14 2.82 -2.55 8.12
N LYS A 15 2.57 -1.62 7.25
CA LYS A 15 1.52 -1.73 6.26
C LYS A 15 1.98 -1.05 4.98
N MET A 16 1.05 -0.71 4.09
CA MET A 16 1.39 0.00 2.88
C MET A 16 1.48 1.48 3.18
N SER A 17 2.13 2.23 2.31
CA SER A 17 2.29 3.65 2.53
C SER A 17 1.03 4.40 2.07
N SER A 18 0.94 5.68 2.37
CA SER A 18 -0.22 6.48 1.99
C SER A 18 -0.28 6.64 0.48
N TYR A 19 0.87 6.85 -0.14
CA TYR A 19 0.98 6.92 -1.59
C TYR A 19 0.38 5.67 -2.25
N ALA A 20 0.61 4.53 -1.63
CA ALA A 20 0.09 3.27 -2.14
C ALA A 20 -1.43 3.24 -2.09
N PHE A 21 -2.00 3.68 -0.96
CA PHE A 21 -3.46 3.75 -0.81
C PHE A 21 -4.06 4.66 -1.86
N PHE A 22 -3.33 5.70 -2.21
CA PHE A 22 -3.74 6.65 -3.22
C PHE A 22 -3.79 5.97 -4.60
N VAL A 23 -2.75 5.24 -4.93
CA VAL A 23 -2.64 4.57 -6.22
C VAL A 23 -3.68 3.44 -6.38
N GLN A 24 -4.09 2.84 -5.27
CA GLN A 24 -5.03 1.72 -5.34
C GLN A 24 -6.47 2.22 -5.42
N THR A 25 -6.69 3.42 -4.93
CA THR A 25 -8.01 4.02 -4.99
C THR A 25 -8.20 4.70 -6.34
N CYS A 26 -7.24 5.54 -6.69
CA CYS A 26 -7.16 6.24 -7.99
C CYS A 26 -7.66 5.35 -9.16
N ARG A 27 -7.25 4.08 -9.17
CA ARG A 27 -7.67 3.12 -10.23
C ARG A 27 -9.18 2.95 -10.24
N GLU A 28 -9.75 2.73 -9.07
CA GLU A 28 -11.18 2.51 -8.93
C GLU A 28 -11.98 3.71 -9.43
N GLU A 29 -11.49 4.92 -9.13
CA GLU A 29 -12.19 6.15 -9.53
C GLU A 29 -12.27 6.23 -11.05
N HIS A 30 -11.17 5.93 -11.71
CA HIS A 30 -11.12 6.01 -13.16
C HIS A 30 -11.99 4.93 -13.79
N LYS A 31 -11.99 3.73 -13.20
CA LYS A 31 -12.79 2.62 -13.71
C LYS A 31 -14.29 2.92 -13.58
N LYS A 32 -14.63 3.80 -12.67
CA LYS A 32 -16.01 4.21 -12.51
C LYS A 32 -16.52 4.90 -13.78
N LYS A 33 -15.66 5.72 -14.36
CA LYS A 33 -16.02 6.46 -15.56
C LYS A 33 -15.55 5.73 -16.82
N HIS A 34 -14.55 4.88 -16.67
CA HIS A 34 -14.00 4.11 -17.79
C HIS A 34 -13.60 2.74 -17.29
N PRO A 35 -14.53 1.77 -17.35
CA PRO A 35 -14.30 0.43 -16.82
C PRO A 35 -13.38 -0.46 -17.66
N ASP A 36 -13.63 -0.55 -18.96
CA ASP A 36 -12.89 -1.47 -19.82
C ASP A 36 -12.04 -0.71 -20.84
N ALA A 37 -11.94 0.59 -20.67
CA ALA A 37 -11.22 1.43 -21.61
C ALA A 37 -9.71 1.33 -21.46
N SER A 38 -9.14 0.18 -21.84
CA SER A 38 -7.69 -0.08 -21.80
C SER A 38 -7.01 0.56 -20.58
N VAL A 39 -7.35 0.08 -19.41
CA VAL A 39 -6.77 0.61 -18.20
C VAL A 39 -5.76 -0.38 -17.63
N ASN A 40 -4.76 0.13 -16.95
CA ASN A 40 -3.72 -0.72 -16.37
C ASN A 40 -3.15 -0.06 -15.14
N PHE A 41 -3.18 -0.78 -14.03
CA PHE A 41 -2.70 -0.27 -12.75
C PHE A 41 -1.29 0.32 -12.86
N SER A 42 -0.34 -0.51 -13.28
CA SER A 42 1.05 -0.09 -13.37
C SER A 42 1.23 1.10 -14.34
N GLU A 43 0.57 1.05 -15.50
CA GLU A 43 0.70 2.12 -16.51
C GLU A 43 -0.07 3.38 -16.07
N PHE A 44 -0.96 3.17 -15.14
CA PHE A 44 -1.72 4.27 -14.57
C PHE A 44 -1.04 4.87 -13.36
N SER A 45 -0.04 4.20 -12.86
CA SER A 45 0.69 4.67 -11.69
C SER A 45 1.32 6.04 -11.94
N LYS A 46 2.00 6.19 -13.08
CA LYS A 46 2.70 7.44 -13.39
C LYS A 46 1.76 8.64 -13.53
N LYS A 47 0.58 8.43 -14.09
CA LYS A 47 -0.40 9.52 -14.25
C LYS A 47 -0.89 10.01 -12.89
N CYS A 48 -1.13 9.08 -12.01
CA CYS A 48 -1.64 9.43 -10.69
C CYS A 48 -0.53 9.90 -9.74
N SER A 49 0.63 9.25 -9.80
CA SER A 49 1.78 9.61 -8.95
C SER A 49 2.12 11.10 -9.03
N GLU A 50 2.02 11.66 -10.22
CA GLU A 50 2.35 13.07 -10.42
C GLU A 50 1.38 13.98 -9.67
N ARG A 51 0.17 13.48 -9.42
CA ARG A 51 -0.79 14.23 -8.65
C ARG A 51 -0.41 14.17 -7.17
N TRP A 52 0.07 13.04 -6.74
CA TRP A 52 0.53 12.86 -5.36
C TRP A 52 1.65 13.86 -5.06
N LYS A 53 2.46 14.14 -6.07
CA LYS A 53 3.54 15.10 -5.91
C LYS A 53 3.01 16.53 -5.87
N THR A 54 1.96 16.80 -6.63
CA THR A 54 1.39 18.15 -6.70
C THR A 54 0.42 18.44 -5.55
N MET A 55 -0.26 17.40 -5.04
CA MET A 55 -1.20 17.57 -3.94
C MET A 55 -0.50 18.06 -2.69
N SER A 56 -1.14 18.97 -2.00
CA SER A 56 -0.58 19.53 -0.79
C SER A 56 -0.88 18.60 0.40
N ALA A 57 -0.59 19.08 1.60
CA ALA A 57 -0.80 18.29 2.80
C ALA A 57 -2.26 18.07 3.12
N LYS A 58 -3.13 18.93 2.59
CA LYS A 58 -4.55 18.84 2.87
C LYS A 58 -5.17 17.58 2.25
N GLU A 59 -5.02 17.41 0.93
CA GLU A 59 -5.60 16.25 0.24
C GLU A 59 -5.00 14.93 0.72
N LYS A 60 -3.75 14.96 1.13
CA LYS A 60 -3.08 13.77 1.64
C LYS A 60 -3.55 13.43 3.04
N GLY A 61 -4.24 14.38 3.67
CA GLY A 61 -4.74 14.20 5.01
C GLY A 61 -5.66 13.01 5.15
N LYS A 62 -6.41 12.70 4.09
CA LYS A 62 -7.34 11.58 4.13
C LYS A 62 -6.59 10.25 4.16
N PHE A 63 -5.46 10.18 3.46
CA PHE A 63 -4.66 8.97 3.43
C PHE A 63 -3.90 8.80 4.74
N GLU A 64 -3.48 9.93 5.28
CA GLU A 64 -2.83 9.97 6.59
C GLU A 64 -3.87 9.70 7.70
N ASP A 65 -5.13 9.67 7.29
CA ASP A 65 -6.25 9.48 8.21
C ASP A 65 -6.68 8.03 8.21
N MET A 66 -6.92 7.50 7.01
CA MET A 66 -7.33 6.10 6.85
C MET A 66 -6.24 5.16 7.34
N ALA A 67 -5.00 5.62 7.25
CA ALA A 67 -3.84 4.83 7.68
C ALA A 67 -3.96 4.38 9.13
N LYS A 68 -4.65 5.18 9.95
CA LYS A 68 -4.85 4.87 11.36
C LYS A 68 -5.72 3.63 11.54
N ALA A 69 -6.52 3.33 10.53
CA ALA A 69 -7.40 2.17 10.59
C ALA A 69 -6.72 0.96 9.94
N ASP A 70 -5.77 1.23 9.05
CA ASP A 70 -5.07 0.16 8.35
C ASP A 70 -4.01 -0.52 9.22
N LYS A 71 -3.67 0.12 10.34
CA LYS A 71 -2.69 -0.46 11.27
C LYS A 71 -3.15 -1.83 11.79
N ALA A 72 -4.45 -2.05 11.73
CA ALA A 72 -5.10 -3.26 12.23
C ALA A 72 -4.67 -4.53 11.48
N ARG A 73 -3.90 -4.38 10.40
CA ARG A 73 -3.54 -5.53 9.59
C ARG A 73 -2.25 -6.18 10.05
N TYR A 74 -1.36 -5.40 10.67
CA TYR A 74 -0.08 -5.94 11.10
C TYR A 74 -0.09 -6.34 12.56
N GLU A 75 -1.01 -5.76 13.32
CA GLU A 75 -1.12 -6.05 14.73
C GLU A 75 -1.37 -7.54 14.97
N ARG A 76 -2.54 -8.03 14.56
CA ARG A 76 -2.89 -9.48 14.65
C ARG A 76 -1.73 -10.39 14.17
N GLU A 77 -0.95 -9.92 13.21
CA GLU A 77 0.12 -10.72 12.63
C GLU A 77 1.33 -10.77 13.56
N MET A 78 1.73 -9.62 14.04
CA MET A 78 2.91 -9.51 14.89
C MET A 78 2.62 -10.00 16.32
N LYS A 79 1.40 -9.80 16.78
CA LYS A 79 1.02 -10.18 18.15
C LYS A 79 1.17 -11.68 18.41
N THR A 80 1.29 -12.47 17.35
CA THR A 80 1.44 -13.90 17.49
C THR A 80 2.64 -14.43 16.70
N TYR A 81 3.43 -13.52 16.15
CA TYR A 81 4.60 -13.91 15.37
C TYR A 81 5.83 -13.97 16.25
N ILE A 82 6.73 -14.89 15.94
CA ILE A 82 7.99 -15.02 16.68
C ILE A 82 9.09 -14.26 15.94
N PRO A 83 9.40 -13.04 16.40
CA PRO A 83 10.39 -12.17 15.73
C PRO A 83 11.82 -12.62 15.96
N PRO A 84 12.70 -12.38 14.96
CA PRO A 84 14.14 -12.69 15.07
C PRO A 84 14.77 -12.02 16.28
N LYS A 85 15.73 -12.69 16.88
CA LYS A 85 16.38 -12.18 18.07
C LYS A 85 17.43 -11.13 17.73
N GLY A 86 17.96 -11.17 16.52
CA GLY A 86 18.95 -10.21 16.12
C GLY A 86 20.14 -10.85 15.45
N GLU A 87 20.14 -10.82 14.14
CA GLU A 87 21.22 -11.41 13.38
C GLU A 87 22.08 -10.32 12.77
N GLY A 1 23.87 -13.09 -3.25
CA GLY A 1 23.87 -13.21 -1.78
C GLY A 1 24.10 -14.63 -1.33
N SER A 2 23.15 -15.50 -1.62
CA SER A 2 23.25 -16.90 -1.25
C SER A 2 22.94 -17.77 -2.47
N HIS A 3 23.85 -18.66 -2.78
CA HIS A 3 23.67 -19.55 -3.92
C HIS A 3 22.62 -20.60 -3.61
N MET A 4 22.65 -21.11 -2.39
CA MET A 4 21.68 -22.10 -1.97
C MET A 4 20.35 -21.42 -1.72
N GLY A 5 20.37 -20.37 -0.92
CA GLY A 5 19.16 -19.62 -0.64
C GLY A 5 18.91 -19.46 0.83
N LYS A 6 17.83 -18.77 1.15
CA LYS A 6 17.43 -18.54 2.53
C LYS A 6 16.01 -17.98 2.55
N GLY A 7 15.33 -18.13 3.66
CA GLY A 7 13.98 -17.64 3.77
C GLY A 7 13.84 -16.63 4.89
N ASP A 8 13.57 -15.38 4.51
CA ASP A 8 13.41 -14.31 5.49
C ASP A 8 12.17 -14.56 6.35
N PRO A 9 12.24 -14.21 7.64
CA PRO A 9 11.14 -14.40 8.59
C PRO A 9 9.84 -13.80 8.09
N LYS A 10 8.75 -14.55 8.22
CA LYS A 10 7.44 -14.10 7.76
C LYS A 10 6.85 -13.05 8.72
N LYS A 11 7.50 -11.92 8.78
CA LYS A 11 7.07 -10.84 9.62
C LYS A 11 6.51 -9.72 8.77
N PRO A 12 5.28 -9.27 9.06
CA PRO A 12 4.67 -8.15 8.35
C PRO A 12 5.50 -6.88 8.55
N ARG A 13 5.99 -6.33 7.47
CA ARG A 13 6.82 -5.13 7.53
C ARG A 13 5.99 -3.91 7.91
N GLY A 14 4.70 -3.98 7.65
CA GLY A 14 3.83 -2.89 7.99
C GLY A 14 2.64 -2.81 7.07
N LYS A 15 1.82 -1.80 7.28
CA LYS A 15 0.67 -1.58 6.44
C LYS A 15 1.11 -0.81 5.20
N MET A 16 0.17 -0.45 4.31
CA MET A 16 0.48 0.28 3.09
C MET A 16 0.62 1.76 3.40
N SER A 17 1.24 2.49 2.51
CA SER A 17 1.47 3.90 2.74
C SER A 17 0.29 4.72 2.23
N SER A 18 0.29 6.01 2.53
CA SER A 18 -0.78 6.91 2.12
C SER A 18 -0.87 6.94 0.59
N TYR A 19 0.30 7.08 -0.04
CA TYR A 19 0.41 7.05 -1.49
C TYR A 19 -0.26 5.81 -2.08
N ALA A 20 -0.08 4.67 -1.42
CA ALA A 20 -0.65 3.42 -1.88
C ALA A 20 -2.18 3.46 -1.85
N PHE A 21 -2.73 3.97 -0.76
CA PHE A 21 -4.18 4.10 -0.63
C PHE A 21 -4.75 5.03 -1.69
N PHE A 22 -3.93 5.97 -2.13
CA PHE A 22 -4.32 6.90 -3.18
C PHE A 22 -4.34 6.20 -4.52
N VAL A 23 -3.27 5.47 -4.83
CA VAL A 23 -3.13 4.77 -6.11
C VAL A 23 -4.25 3.76 -6.35
N GLN A 24 -4.68 3.10 -5.30
CA GLN A 24 -5.69 2.08 -5.46
C GLN A 24 -7.06 2.71 -5.68
N THR A 25 -7.19 3.94 -5.25
CA THR A 25 -8.42 4.67 -5.40
C THR A 25 -8.45 5.46 -6.73
N CYS A 26 -7.48 6.34 -6.92
CA CYS A 26 -7.42 7.15 -8.14
C CYS A 26 -7.54 6.30 -9.42
N ARG A 27 -7.00 5.09 -9.41
CA ARG A 27 -7.06 4.22 -10.59
C ARG A 27 -8.45 3.60 -10.79
N GLU A 28 -9.13 3.24 -9.70
CA GLU A 28 -10.46 2.63 -9.81
C GLU A 28 -11.46 3.64 -10.35
N GLU A 29 -11.20 4.92 -10.09
CA GLU A 29 -12.05 6.01 -10.55
C GLU A 29 -12.15 6.00 -12.07
N HIS A 30 -11.07 5.62 -12.73
CA HIS A 30 -11.05 5.55 -14.17
C HIS A 30 -11.94 4.43 -14.67
N LYS A 31 -11.97 3.32 -13.95
CA LYS A 31 -12.80 2.19 -14.35
C LYS A 31 -14.28 2.51 -14.14
N LYS A 32 -14.55 3.18 -13.03
CA LYS A 32 -15.91 3.58 -12.67
C LYS A 32 -16.51 4.50 -13.74
N LYS A 33 -15.69 5.41 -14.23
CA LYS A 33 -16.16 6.39 -15.21
C LYS A 33 -15.91 5.94 -16.65
N HIS A 34 -14.92 5.07 -16.85
CA HIS A 34 -14.60 4.55 -18.17
C HIS A 34 -14.45 3.03 -18.12
N PRO A 35 -15.53 2.30 -18.48
CA PRO A 35 -15.55 0.83 -18.42
C PRO A 35 -14.64 0.16 -19.44
N ASP A 36 -14.25 0.90 -20.47
CA ASP A 36 -13.36 0.39 -21.53
C ASP A 36 -12.08 -0.24 -20.97
N ALA A 37 -11.52 0.38 -19.94
CA ALA A 37 -10.29 -0.09 -19.28
C ALA A 37 -9.11 -0.15 -20.27
N SER A 38 -8.88 -1.35 -20.88
CA SER A 38 -7.79 -1.58 -21.86
C SER A 38 -6.45 -0.95 -21.41
N VAL A 39 -6.19 -0.95 -20.12
CA VAL A 39 -4.96 -0.36 -19.60
C VAL A 39 -4.16 -1.41 -18.81
N ASN A 40 -3.18 -0.94 -18.03
CA ASN A 40 -2.37 -1.84 -17.21
C ASN A 40 -1.85 -1.08 -16.00
N PHE A 41 -1.95 -1.72 -14.85
CA PHE A 41 -1.66 -1.08 -13.55
C PHE A 41 -0.28 -0.40 -13.47
N SER A 42 0.76 -1.13 -13.81
CA SER A 42 2.14 -0.64 -13.75
C SER A 42 2.29 0.85 -14.17
N GLU A 43 1.83 1.20 -15.37
CA GLU A 43 1.92 2.59 -15.85
C GLU A 43 0.62 3.35 -15.57
N PHE A 44 -0.42 2.59 -15.32
CA PHE A 44 -1.72 3.18 -14.97
C PHE A 44 -1.61 4.00 -13.69
N SER A 45 -0.61 3.69 -12.90
CA SER A 45 -0.42 4.35 -11.63
C SER A 45 0.58 5.50 -11.70
N LYS A 46 1.29 5.64 -12.82
CA LYS A 46 2.32 6.67 -12.91
C LYS A 46 1.73 8.09 -12.91
N LYS A 47 0.47 8.20 -13.33
CA LYS A 47 -0.21 9.49 -13.31
C LYS A 47 -0.58 9.87 -11.89
N CYS A 48 -0.74 8.87 -11.07
CA CYS A 48 -1.00 9.11 -9.67
C CYS A 48 0.29 9.41 -8.94
N SER A 49 1.35 8.67 -9.28
CA SER A 49 2.69 8.91 -8.72
C SER A 49 3.05 10.41 -8.73
N GLU A 50 3.03 11.03 -9.91
CA GLU A 50 3.37 12.45 -10.03
C GLU A 50 2.31 13.36 -9.41
N ARG A 51 1.06 12.91 -9.39
CA ARG A 51 -0.03 13.67 -8.80
C ARG A 51 0.10 13.68 -7.28
N TRP A 52 0.59 12.61 -6.76
CA TRP A 52 0.81 12.50 -5.33
C TRP A 52 1.85 13.51 -4.87
N LYS A 53 2.86 13.71 -5.69
CA LYS A 53 3.92 14.66 -5.38
C LYS A 53 3.43 16.11 -5.54
N THR A 54 2.29 16.28 -6.19
CA THR A 54 1.75 17.60 -6.41
C THR A 54 0.48 17.84 -5.58
N MET A 55 0.09 16.85 -4.78
CA MET A 55 -1.09 16.97 -3.92
C MET A 55 -0.77 17.77 -2.68
N SER A 56 -1.71 18.56 -2.21
CA SER A 56 -1.52 19.38 -1.05
C SER A 56 -1.58 18.52 0.22
N ALA A 57 -0.92 18.99 1.26
CA ALA A 57 -0.92 18.28 2.54
C ALA A 57 -2.35 18.11 3.09
N LYS A 58 -3.22 19.07 2.75
CA LYS A 58 -4.60 19.05 3.22
C LYS A 58 -5.37 17.88 2.61
N GLU A 59 -5.20 17.66 1.32
CA GLU A 59 -5.90 16.58 0.63
C GLU A 59 -5.34 15.21 0.99
N LYS A 60 -4.08 15.19 1.40
CA LYS A 60 -3.45 13.95 1.81
C LYS A 60 -3.93 13.51 3.20
N GLY A 61 -4.57 14.43 3.91
CA GLY A 61 -5.06 14.15 5.26
C GLY A 61 -5.92 12.91 5.36
N LYS A 62 -6.74 12.69 4.34
CA LYS A 62 -7.62 11.51 4.29
C LYS A 62 -6.81 10.21 4.31
N PHE A 63 -5.79 10.16 3.47
CA PHE A 63 -4.95 8.97 3.36
C PHE A 63 -4.08 8.83 4.61
N GLU A 64 -3.64 9.96 5.13
CA GLU A 64 -2.85 10.00 6.36
C GLU A 64 -3.71 9.61 7.56
N ASP A 65 -5.01 9.52 7.34
CA ASP A 65 -5.95 9.25 8.41
C ASP A 65 -6.32 7.78 8.42
N MET A 66 -6.57 7.24 7.24
CA MET A 66 -6.92 5.82 7.10
C MET A 66 -5.79 4.93 7.55
N ALA A 67 -4.55 5.41 7.36
CA ALA A 67 -3.36 4.68 7.76
C ALA A 67 -3.30 4.49 9.27
N LYS A 68 -3.95 5.39 10.01
CA LYS A 68 -3.98 5.32 11.47
C LYS A 68 -4.72 4.09 11.94
N ALA A 69 -5.73 3.70 11.20
CA ALA A 69 -6.52 2.53 11.54
C ALA A 69 -6.01 1.29 10.82
N ASP A 70 -5.30 1.51 9.72
CA ASP A 70 -4.81 0.40 8.89
C ASP A 70 -3.70 -0.39 9.60
N LYS A 71 -3.12 0.21 10.63
CA LYS A 71 -2.08 -0.46 11.40
C LYS A 71 -2.66 -1.68 12.12
N ALA A 72 -3.96 -1.63 12.38
CA ALA A 72 -4.67 -2.67 13.11
C ALA A 72 -4.74 -4.00 12.37
N ARG A 73 -4.34 -4.02 11.10
CA ARG A 73 -4.45 -5.26 10.33
C ARG A 73 -3.14 -6.03 10.27
N TYR A 74 -2.00 -5.35 10.41
CA TYR A 74 -0.72 -6.03 10.32
C TYR A 74 -0.16 -6.35 11.71
N GLU A 75 -0.48 -5.51 12.69
CA GLU A 75 -0.01 -5.73 14.06
C GLU A 75 -0.38 -7.11 14.56
N ARG A 76 -1.68 -7.44 14.54
CA ARG A 76 -2.16 -8.77 14.93
C ARG A 76 -1.41 -9.92 14.21
N GLU A 77 -0.85 -9.62 13.04
CA GLU A 77 -0.14 -10.63 12.27
C GLU A 77 1.29 -10.77 12.78
N MET A 78 1.90 -9.66 13.12
CA MET A 78 3.26 -9.64 13.64
C MET A 78 3.29 -10.22 15.07
N LYS A 79 2.35 -9.80 15.89
CA LYS A 79 2.29 -10.25 17.29
C LYS A 79 2.01 -11.76 17.40
N THR A 80 1.39 -12.33 16.38
CA THR A 80 1.08 -13.75 16.40
C THR A 80 2.20 -14.57 15.75
N TYR A 81 3.27 -13.90 15.38
CA TYR A 81 4.39 -14.55 14.74
C TYR A 81 5.63 -14.54 15.64
N ILE A 82 6.30 -15.67 15.72
CA ILE A 82 7.54 -15.80 16.46
C ILE A 82 8.67 -16.13 15.50
N PRO A 83 9.59 -15.18 15.28
CA PRO A 83 10.69 -15.36 14.33
C PRO A 83 11.81 -16.25 14.89
N PRO A 84 12.39 -17.12 14.03
CA PRO A 84 13.52 -17.99 14.42
C PRO A 84 14.75 -17.15 14.79
N LYS A 85 15.48 -17.59 15.80
CA LYS A 85 16.65 -16.85 16.26
C LYS A 85 17.90 -17.25 15.51
N GLY A 86 18.76 -16.27 15.29
CA GLY A 86 20.01 -16.48 14.60
C GLY A 86 20.84 -15.22 14.56
N GLU A 87 22.01 -15.30 13.97
CA GLU A 87 22.88 -14.14 13.87
C GLU A 87 22.68 -13.42 12.54
N GLY A 1 22.33 -20.61 -9.03
CA GLY A 1 21.57 -21.76 -8.55
C GLY A 1 20.24 -21.35 -7.98
N SER A 2 19.27 -22.24 -8.04
CA SER A 2 17.94 -21.97 -7.53
C SER A 2 17.89 -22.21 -6.02
N HIS A 3 17.69 -21.16 -5.26
CA HIS A 3 17.61 -21.28 -3.82
C HIS A 3 16.65 -20.24 -3.26
N MET A 4 15.88 -20.66 -2.28
CA MET A 4 14.94 -19.78 -1.61
C MET A 4 15.12 -19.90 -0.11
N GLY A 5 14.95 -18.80 0.58
CA GLY A 5 15.15 -18.80 2.01
C GLY A 5 16.40 -18.06 2.40
N LYS A 6 16.30 -16.75 2.53
CA LYS A 6 17.44 -15.91 2.87
C LYS A 6 17.61 -15.85 4.40
N GLY A 7 16.70 -16.48 5.10
CA GLY A 7 16.71 -16.42 6.53
C GLY A 7 15.77 -15.36 7.03
N ASP A 8 14.86 -14.96 6.17
CA ASP A 8 13.88 -13.95 6.49
C ASP A 8 12.75 -14.55 7.31
N PRO A 9 12.41 -13.93 8.44
CA PRO A 9 11.33 -14.39 9.30
C PRO A 9 9.97 -14.22 8.63
N LYS A 10 8.98 -14.92 9.15
CA LYS A 10 7.62 -14.82 8.63
C LYS A 10 6.91 -13.66 9.31
N LYS A 11 7.71 -12.77 9.87
CA LYS A 11 7.24 -11.58 10.53
C LYS A 11 6.51 -10.69 9.53
N PRO A 12 5.31 -10.19 9.88
CA PRO A 12 4.56 -9.31 9.01
C PRO A 12 5.38 -8.08 8.65
N ARG A 13 5.36 -7.70 7.39
CA ARG A 13 6.11 -6.56 6.93
C ARG A 13 5.29 -5.29 7.07
N GLY A 14 4.10 -5.44 7.62
CA GLY A 14 3.28 -4.29 7.88
C GLY A 14 2.20 -4.15 6.83
N LYS A 15 1.37 -3.13 6.97
CA LYS A 15 0.33 -2.87 6.00
C LYS A 15 0.89 -2.05 4.84
N MET A 16 0.06 -1.21 4.20
CA MET A 16 0.51 -0.44 3.05
C MET A 16 0.80 1.01 3.44
N SER A 17 1.61 1.68 2.65
CA SER A 17 1.96 3.06 2.89
C SER A 17 0.84 3.99 2.39
N SER A 18 0.80 5.22 2.89
CA SER A 18 -0.19 6.22 2.49
C SER A 18 -0.22 6.41 0.97
N TYR A 19 0.95 6.38 0.33
CA TYR A 19 1.03 6.53 -1.11
C TYR A 19 0.43 5.33 -1.81
N ALA A 20 0.50 4.17 -1.18
CA ALA A 20 -0.04 2.95 -1.75
C ALA A 20 -1.55 3.06 -1.83
N PHE A 21 -2.17 3.55 -0.75
CA PHE A 21 -3.60 3.83 -0.73
C PHE A 21 -3.99 4.73 -1.89
N PHE A 22 -3.13 5.67 -2.22
CA PHE A 22 -3.40 6.55 -3.34
C PHE A 22 -3.31 5.79 -4.66
N VAL A 23 -2.40 4.84 -4.74
CA VAL A 23 -2.21 4.01 -5.93
C VAL A 23 -3.50 3.25 -6.27
N GLN A 24 -4.16 2.74 -5.24
CA GLN A 24 -5.38 1.96 -5.45
C GLN A 24 -6.58 2.88 -5.65
N THR A 25 -6.65 3.95 -4.85
CA THR A 25 -7.74 4.93 -4.93
C THR A 25 -7.65 5.77 -6.21
N CYS A 26 -6.55 5.64 -6.93
CA CYS A 26 -6.34 6.39 -8.16
C CYS A 26 -6.99 5.66 -9.31
N ARG A 27 -6.91 4.33 -9.27
CA ARG A 27 -7.52 3.51 -10.28
C ARG A 27 -8.99 3.42 -10.07
N GLU A 28 -9.40 3.30 -8.80
CA GLU A 28 -10.80 3.17 -8.43
C GLU A 28 -11.65 4.28 -9.05
N GLU A 29 -11.47 5.52 -8.57
CA GLU A 29 -12.19 6.67 -9.09
C GLU A 29 -12.11 6.78 -10.61
N HIS A 30 -10.94 6.47 -11.17
CA HIS A 30 -10.74 6.57 -12.61
C HIS A 30 -11.60 5.56 -13.34
N LYS A 31 -11.75 4.38 -12.77
CA LYS A 31 -12.56 3.32 -13.35
C LYS A 31 -14.02 3.71 -13.29
N LYS A 32 -14.41 4.37 -12.20
CA LYS A 32 -15.78 4.81 -12.05
C LYS A 32 -16.14 5.90 -13.05
N LYS A 33 -15.43 7.05 -13.01
CA LYS A 33 -15.68 8.17 -13.92
C LYS A 33 -15.50 7.75 -15.38
N HIS A 34 -14.59 6.82 -15.60
CA HIS A 34 -14.32 6.32 -16.94
C HIS A 34 -14.26 4.81 -16.94
N PRO A 35 -15.42 4.16 -17.14
CA PRO A 35 -15.52 2.69 -17.17
C PRO A 35 -14.65 2.07 -18.27
N ASP A 36 -14.40 2.84 -19.33
CA ASP A 36 -13.60 2.38 -20.44
C ASP A 36 -12.11 2.66 -20.18
N ALA A 37 -11.74 2.75 -18.89
CA ALA A 37 -10.36 3.02 -18.43
C ALA A 37 -9.32 2.41 -19.36
N SER A 38 -9.47 1.10 -19.67
CA SER A 38 -8.59 0.34 -20.61
C SER A 38 -7.06 0.42 -20.26
N VAL A 39 -6.56 1.64 -20.18
CA VAL A 39 -5.13 1.88 -19.94
C VAL A 39 -4.57 1.02 -18.79
N ASN A 40 -3.68 0.10 -19.18
CA ASN A 40 -3.01 -0.83 -18.24
C ASN A 40 -2.63 -0.16 -16.91
N PHE A 41 -2.78 -0.90 -15.82
CA PHE A 41 -2.51 -0.42 -14.46
C PHE A 41 -1.14 0.27 -14.38
N SER A 42 -0.11 -0.40 -14.88
CA SER A 42 1.25 0.11 -14.80
C SER A 42 1.44 1.44 -15.56
N GLU A 43 0.96 1.52 -16.80
CA GLU A 43 1.11 2.76 -17.59
C GLU A 43 0.34 3.92 -16.95
N PHE A 44 -0.61 3.61 -16.11
CA PHE A 44 -1.38 4.64 -15.44
C PHE A 44 -0.66 5.19 -14.20
N SER A 45 0.32 4.45 -13.70
CA SER A 45 1.07 4.85 -12.49
C SER A 45 1.62 6.27 -12.61
N LYS A 46 2.16 6.61 -13.78
CA LYS A 46 2.75 7.94 -14.02
C LYS A 46 1.75 9.07 -13.80
N LYS A 47 0.49 8.83 -14.10
CA LYS A 47 -0.54 9.86 -13.91
C LYS A 47 -0.85 10.02 -12.43
N CYS A 48 -0.89 8.92 -11.73
CA CYS A 48 -1.14 8.95 -10.29
C CYS A 48 0.02 9.66 -9.57
N SER A 49 1.25 9.20 -9.84
CA SER A 49 2.45 9.74 -9.21
C SER A 49 2.51 11.27 -9.27
N GLU A 50 2.22 11.85 -10.44
CA GLU A 50 2.31 13.31 -10.60
C GLU A 50 1.27 14.05 -9.77
N ARG A 51 0.16 13.40 -9.49
CA ARG A 51 -0.89 14.01 -8.70
C ARG A 51 -0.53 13.97 -7.22
N TRP A 52 0.03 12.87 -6.80
CA TRP A 52 0.40 12.69 -5.39
C TRP A 52 1.40 13.76 -4.96
N LYS A 53 2.29 14.11 -5.87
CA LYS A 53 3.33 15.09 -5.57
C LYS A 53 2.78 16.52 -5.61
N THR A 54 1.75 16.74 -6.42
CA THR A 54 1.18 18.07 -6.56
C THR A 54 0.10 18.35 -5.51
N MET A 55 -0.57 17.30 -5.06
CA MET A 55 -1.63 17.44 -4.04
C MET A 55 -1.07 17.95 -2.72
N SER A 56 -1.88 18.72 -2.02
CA SER A 56 -1.47 19.30 -0.75
C SER A 56 -1.89 18.39 0.43
N ALA A 57 -1.67 18.89 1.64
CA ALA A 57 -1.95 18.15 2.87
C ALA A 57 -3.40 17.70 2.97
N LYS A 58 -4.33 18.56 2.58
CA LYS A 58 -5.76 18.23 2.68
C LYS A 58 -6.16 17.14 1.69
N GLU A 59 -5.34 16.93 0.68
CA GLU A 59 -5.61 15.93 -0.32
C GLU A 59 -4.92 14.61 0.04
N LYS A 60 -3.90 14.70 0.86
CA LYS A 60 -3.14 13.53 1.28
C LYS A 60 -3.70 12.95 2.56
N GLY A 61 -4.23 13.82 3.42
CA GLY A 61 -4.79 13.41 4.70
C GLY A 61 -5.87 12.35 4.55
N LYS A 62 -6.50 12.31 3.39
CA LYS A 62 -7.54 11.33 3.11
C LYS A 62 -6.95 9.91 3.13
N PHE A 63 -5.80 9.75 2.52
CA PHE A 63 -5.14 8.46 2.43
C PHE A 63 -4.31 8.20 3.67
N GLU A 64 -3.72 9.27 4.20
CA GLU A 64 -2.88 9.20 5.39
C GLU A 64 -3.72 8.89 6.63
N ASP A 65 -5.04 8.94 6.51
CA ASP A 65 -5.91 8.73 7.65
C ASP A 65 -6.35 7.27 7.69
N MET A 66 -6.57 6.71 6.50
CA MET A 66 -6.99 5.33 6.37
C MET A 66 -5.86 4.41 6.80
N ALA A 67 -4.65 4.80 6.46
CA ALA A 67 -3.45 4.03 6.78
C ALA A 67 -3.27 3.85 8.28
N LYS A 68 -3.81 4.79 9.05
CA LYS A 68 -3.68 4.74 10.51
C LYS A 68 -4.60 3.68 11.10
N ALA A 69 -5.71 3.42 10.43
CA ALA A 69 -6.64 2.40 10.88
C ALA A 69 -6.33 1.08 10.22
N ASP A 70 -5.50 1.14 9.20
CA ASP A 70 -5.14 -0.03 8.42
C ASP A 70 -4.07 -0.85 9.13
N LYS A 71 -3.47 -0.28 10.16
CA LYS A 71 -2.44 -0.99 10.91
C LYS A 71 -3.05 -2.11 11.75
N ALA A 72 -4.37 -2.02 11.95
CA ALA A 72 -5.14 -2.98 12.73
C ALA A 72 -5.08 -4.41 12.16
N ARG A 73 -4.48 -4.56 10.98
CA ARG A 73 -4.43 -5.86 10.34
C ARG A 73 -3.13 -6.57 10.65
N TYR A 74 -2.02 -5.83 10.72
CA TYR A 74 -0.74 -6.46 10.94
C TYR A 74 -0.32 -6.43 12.41
N GLU A 75 -0.82 -5.43 13.16
CA GLU A 75 -0.49 -5.31 14.59
C GLU A 75 -0.75 -6.62 15.31
N ARG A 76 -1.99 -7.10 15.24
CA ARG A 76 -2.36 -8.38 15.82
C ARG A 76 -1.40 -9.50 15.40
N GLU A 77 -1.23 -9.67 14.10
CA GLU A 77 -0.34 -10.71 13.56
C GLU A 77 1.08 -10.58 14.10
N MET A 78 1.55 -9.35 14.26
CA MET A 78 2.88 -9.11 14.78
C MET A 78 2.98 -9.57 16.23
N LYS A 79 2.11 -9.03 17.08
CA LYS A 79 2.10 -9.43 18.50
C LYS A 79 1.83 -10.93 18.69
N THR A 80 1.31 -11.57 17.65
CA THR A 80 1.02 -13.00 17.70
C THR A 80 2.24 -13.81 17.22
N TYR A 81 3.02 -13.23 16.32
CA TYR A 81 4.19 -13.89 15.77
C TYR A 81 5.39 -13.74 16.68
N ILE A 82 6.11 -14.84 16.86
CA ILE A 82 7.32 -14.83 17.66
C ILE A 82 8.54 -14.72 16.75
N PRO A 83 9.28 -13.62 16.82
CA PRO A 83 10.48 -13.40 16.00
C PRO A 83 11.55 -14.45 16.27
N PRO A 84 12.10 -15.07 15.19
CA PRO A 84 13.16 -16.06 15.31
C PRO A 84 14.38 -15.49 16.01
N LYS A 85 14.57 -15.89 17.26
CA LYS A 85 15.65 -15.39 18.06
C LYS A 85 16.96 -16.10 17.70
N GLY A 86 17.67 -15.53 16.75
CA GLY A 86 18.91 -16.10 16.31
C GLY A 86 19.61 -15.21 15.31
N GLU A 87 20.71 -14.62 15.74
CA GLU A 87 21.49 -13.75 14.89
C GLU A 87 22.55 -14.54 14.15
N GLY A 1 23.66 -24.47 16.37
CA GLY A 1 23.80 -23.01 16.15
C GLY A 1 23.60 -22.62 14.71
N SER A 2 24.67 -22.72 13.92
CA SER A 2 24.60 -22.38 12.52
C SER A 2 23.99 -23.51 11.71
N HIS A 3 22.84 -23.24 11.11
CA HIS A 3 22.13 -24.22 10.32
C HIS A 3 21.57 -23.60 9.06
N MET A 4 21.58 -24.35 7.98
CA MET A 4 21.08 -23.88 6.70
C MET A 4 19.63 -24.28 6.55
N GLY A 5 18.76 -23.31 6.35
CA GLY A 5 17.36 -23.61 6.18
C GLY A 5 16.48 -22.66 6.97
N LYS A 6 16.98 -21.48 7.23
CA LYS A 6 16.22 -20.48 7.96
C LYS A 6 15.16 -19.87 7.08
N GLY A 7 15.54 -19.60 5.83
CA GLY A 7 14.62 -19.01 4.88
C GLY A 7 14.29 -17.57 5.20
N ASP A 8 13.53 -16.95 4.33
CA ASP A 8 13.13 -15.57 4.52
C ASP A 8 12.09 -15.49 5.63
N PRO A 9 12.37 -14.72 6.70
CA PRO A 9 11.47 -14.58 7.84
C PRO A 9 10.10 -14.02 7.42
N LYS A 10 9.05 -14.63 7.93
CA LYS A 10 7.69 -14.23 7.59
C LYS A 10 7.20 -13.11 8.51
N LYS A 11 8.13 -12.50 9.24
CA LYS A 11 7.80 -11.41 10.14
C LYS A 11 7.19 -10.25 9.35
N PRO A 12 5.95 -9.89 9.63
CA PRO A 12 5.28 -8.79 8.96
C PRO A 12 6.00 -7.47 9.22
N ARG A 13 6.50 -6.86 8.17
CA ARG A 13 7.20 -5.60 8.29
C ARG A 13 6.20 -4.45 8.31
N GLY A 14 5.03 -4.70 7.75
CA GLY A 14 4.01 -3.71 7.73
C GLY A 14 3.12 -3.80 6.52
N LYS A 15 2.63 -2.66 6.09
CA LYS A 15 1.74 -2.57 4.95
C LYS A 15 2.20 -1.44 4.06
N MET A 16 1.39 -1.10 3.05
CA MET A 16 1.72 -0.02 2.15
C MET A 16 1.43 1.32 2.82
N SER A 17 2.03 2.38 2.29
CA SER A 17 1.84 3.70 2.83
C SER A 17 0.68 4.42 2.17
N SER A 18 0.55 5.72 2.41
CA SER A 18 -0.53 6.54 1.88
C SER A 18 -0.52 6.57 0.35
N TYR A 19 0.66 6.51 -0.25
CA TYR A 19 0.81 6.45 -1.70
C TYR A 19 -0.15 5.42 -2.30
N ALA A 20 -0.12 4.20 -1.75
CA ALA A 20 -1.00 3.13 -2.20
C ALA A 20 -2.47 3.53 -2.09
N PHE A 21 -2.83 4.14 -0.97
CA PHE A 21 -4.22 4.59 -0.74
C PHE A 21 -4.67 5.58 -1.80
N PHE A 22 -3.76 6.42 -2.25
CA PHE A 22 -4.06 7.38 -3.28
C PHE A 22 -4.20 6.68 -4.62
N VAL A 23 -3.22 5.84 -4.93
CA VAL A 23 -3.18 5.11 -6.20
C VAL A 23 -4.32 4.10 -6.29
N GLN A 24 -4.84 3.65 -5.16
CA GLN A 24 -5.91 2.67 -5.18
C GLN A 24 -7.25 3.36 -5.40
N THR A 25 -7.35 4.59 -4.91
CA THR A 25 -8.54 5.39 -5.11
C THR A 25 -8.53 5.90 -6.55
N CYS A 26 -7.60 6.78 -6.85
CA CYS A 26 -7.33 7.28 -8.20
C CYS A 26 -7.56 6.16 -9.27
N ARG A 27 -7.18 4.92 -8.94
CA ARG A 27 -7.40 3.78 -9.82
C ARG A 27 -8.88 3.39 -9.91
N GLU A 28 -9.51 3.15 -8.75
CA GLU A 28 -10.91 2.70 -8.71
C GLU A 28 -11.83 3.65 -9.48
N GLU A 29 -11.62 4.96 -9.32
CA GLU A 29 -12.43 5.96 -10.00
C GLU A 29 -12.35 5.77 -11.51
N HIS A 30 -11.17 5.41 -11.99
CA HIS A 30 -10.95 5.19 -13.41
C HIS A 30 -11.50 3.83 -13.83
N LYS A 31 -11.52 2.88 -12.90
CA LYS A 31 -12.04 1.54 -13.17
C LYS A 31 -13.56 1.56 -13.22
N LYS A 32 -14.18 2.26 -12.30
CA LYS A 32 -15.63 2.37 -12.25
C LYS A 32 -16.16 3.01 -13.54
N LYS A 33 -15.43 3.99 -14.04
CA LYS A 33 -15.81 4.66 -15.28
C LYS A 33 -15.42 3.85 -16.51
N HIS A 34 -14.42 2.99 -16.38
CA HIS A 34 -13.96 2.16 -17.49
C HIS A 34 -13.58 0.77 -17.01
N PRO A 35 -14.56 -0.12 -16.84
CA PRO A 35 -14.35 -1.47 -16.33
C PRO A 35 -13.81 -2.44 -17.38
N ASP A 36 -13.85 -2.03 -18.65
CA ASP A 36 -13.40 -2.91 -19.73
C ASP A 36 -11.87 -2.90 -19.85
N ALA A 37 -11.28 -1.74 -19.65
CA ALA A 37 -9.84 -1.60 -19.77
C ALA A 37 -9.12 -2.28 -18.59
N SER A 38 -9.32 -1.72 -17.41
CA SER A 38 -8.70 -2.24 -16.18
C SER A 38 -7.19 -1.99 -16.21
N VAL A 39 -6.84 -0.71 -16.34
CA VAL A 39 -5.44 -0.29 -16.42
C VAL A 39 -4.62 -0.81 -15.22
N ASN A 40 -3.81 -1.84 -15.51
CA ASN A 40 -2.92 -2.50 -14.52
C ASN A 40 -2.40 -1.54 -13.44
N PHE A 41 -2.43 -2.03 -12.19
CA PHE A 41 -2.02 -1.27 -11.01
C PHE A 41 -0.69 -0.53 -11.24
N SER A 42 0.32 -1.26 -11.69
CA SER A 42 1.64 -0.67 -11.88
C SER A 42 1.63 0.48 -12.91
N GLU A 43 0.96 0.28 -14.05
CA GLU A 43 0.94 1.32 -15.10
C GLU A 43 0.12 2.53 -14.67
N PHE A 44 -0.75 2.36 -13.72
CA PHE A 44 -1.50 3.51 -13.22
C PHE A 44 -0.84 4.11 -11.99
N SER A 45 0.14 3.42 -11.45
CA SER A 45 0.86 3.91 -10.28
C SER A 45 1.71 5.10 -10.67
N LYS A 46 2.08 5.18 -11.94
CA LYS A 46 2.91 6.27 -12.42
C LYS A 46 2.08 7.44 -12.96
N LYS A 47 0.78 7.23 -13.17
CA LYS A 47 -0.10 8.31 -13.61
C LYS A 47 -0.68 9.06 -12.40
N CYS A 48 -0.98 8.33 -11.37
CA CYS A 48 -1.50 8.95 -10.15
C CYS A 48 -0.40 9.71 -9.37
N SER A 49 0.82 9.20 -9.40
CA SER A 49 1.94 9.80 -8.67
C SER A 49 2.13 11.30 -8.99
N GLU A 50 1.88 11.69 -10.24
CA GLU A 50 2.07 13.08 -10.68
C GLU A 50 1.17 14.05 -9.89
N ARG A 51 0.05 13.53 -9.41
CA ARG A 51 -0.90 14.33 -8.66
C ARG A 51 -0.62 14.24 -7.16
N TRP A 52 -0.27 13.07 -6.70
CA TRP A 52 0.02 12.82 -5.29
C TRP A 52 1.12 13.76 -4.77
N LYS A 53 2.15 13.94 -5.59
CA LYS A 53 3.28 14.77 -5.22
C LYS A 53 2.93 16.25 -5.18
N THR A 54 1.89 16.64 -5.91
CA THR A 54 1.51 18.03 -5.97
C THR A 54 0.38 18.38 -5.01
N MET A 55 -0.15 17.38 -4.30
CA MET A 55 -1.22 17.62 -3.35
C MET A 55 -0.69 18.25 -2.07
N SER A 56 -1.49 19.08 -1.45
CA SER A 56 -1.09 19.78 -0.24
C SER A 56 -1.30 18.94 1.03
N ALA A 57 -0.96 19.54 2.17
CA ALA A 57 -1.02 18.87 3.48
C ALA A 57 -2.38 18.23 3.77
N LYS A 58 -3.46 18.97 3.59
CA LYS A 58 -4.80 18.47 3.91
C LYS A 58 -5.26 17.39 2.93
N GLU A 59 -4.72 17.43 1.73
CA GLU A 59 -5.05 16.43 0.72
C GLU A 59 -4.37 15.11 1.04
N LYS A 60 -3.17 15.21 1.59
CA LYS A 60 -2.40 14.04 1.98
C LYS A 60 -2.87 13.50 3.32
N GLY A 61 -3.24 14.41 4.21
CA GLY A 61 -3.70 14.04 5.53
C GLY A 61 -4.87 13.07 5.50
N LYS A 62 -5.70 13.16 4.46
CA LYS A 62 -6.84 12.27 4.31
C LYS A 62 -6.37 10.83 4.10
N PHE A 63 -5.35 10.68 3.27
CA PHE A 63 -4.80 9.37 2.96
C PHE A 63 -3.99 8.86 4.15
N GLU A 64 -3.37 9.78 4.88
CA GLU A 64 -2.65 9.44 6.10
C GLU A 64 -3.63 8.81 7.08
N ASP A 65 -4.63 9.58 7.50
CA ASP A 65 -5.72 9.10 8.36
C ASP A 65 -6.21 7.70 8.00
N MET A 66 -6.55 7.49 6.73
CA MET A 66 -7.04 6.18 6.28
C MET A 66 -6.00 5.09 6.48
N ALA A 67 -4.74 5.45 6.35
CA ALA A 67 -3.65 4.52 6.56
C ALA A 67 -3.47 4.22 8.05
N LYS A 68 -3.76 5.21 8.88
CA LYS A 68 -3.65 5.08 10.34
C LYS A 68 -4.66 4.09 10.88
N ALA A 69 -5.76 3.91 10.17
CA ALA A 69 -6.77 2.95 10.58
C ALA A 69 -6.55 1.60 9.93
N ASP A 70 -5.76 1.60 8.87
CA ASP A 70 -5.50 0.37 8.11
C ASP A 70 -4.35 -0.42 8.73
N LYS A 71 -3.64 0.20 9.66
CA LYS A 71 -2.51 -0.46 10.35
C LYS A 71 -2.98 -1.69 11.15
N ALA A 72 -4.28 -1.76 11.34
CA ALA A 72 -4.91 -2.81 12.12
C ALA A 72 -4.79 -4.18 11.44
N ARG A 73 -4.31 -4.18 10.20
CA ARG A 73 -4.24 -5.40 9.41
C ARG A 73 -2.90 -6.11 9.63
N TYR A 74 -1.83 -5.34 9.91
CA TYR A 74 -0.52 -5.93 10.11
C TYR A 74 -0.22 -6.13 11.58
N GLU A 75 -0.78 -5.25 12.43
CA GLU A 75 -0.57 -5.36 13.87
C GLU A 75 -0.99 -6.74 14.35
N ARG A 76 -2.28 -7.07 14.17
CA ARG A 76 -2.80 -8.41 14.46
C ARG A 76 -1.88 -9.54 13.94
N GLU A 77 -1.20 -9.31 12.84
CA GLU A 77 -0.33 -10.33 12.26
C GLU A 77 0.98 -10.44 13.03
N MET A 78 1.53 -9.32 13.44
CA MET A 78 2.79 -9.31 14.17
C MET A 78 2.61 -9.87 15.58
N LYS A 79 1.52 -9.48 16.23
CA LYS A 79 1.28 -9.92 17.61
C LYS A 79 1.08 -11.45 17.70
N THR A 80 0.73 -12.08 16.60
CA THR A 80 0.53 -13.52 16.59
C THR A 80 1.73 -14.24 15.97
N TYR A 81 2.70 -13.47 15.50
CA TYR A 81 3.88 -14.04 14.89
C TYR A 81 5.11 -13.76 15.75
N ILE A 82 5.63 -14.80 16.36
CA ILE A 82 6.83 -14.68 17.16
C ILE A 82 8.00 -15.28 16.40
N PRO A 83 8.89 -14.44 15.86
CA PRO A 83 10.05 -14.91 15.11
C PRO A 83 11.14 -15.50 16.02
N PRO A 84 12.06 -16.30 15.45
CA PRO A 84 13.17 -16.91 16.20
C PRO A 84 14.06 -15.85 16.88
N LYS A 85 14.78 -16.28 17.89
CA LYS A 85 15.62 -15.36 18.69
C LYS A 85 17.02 -15.21 18.09
N GLY A 86 17.09 -15.26 16.77
CA GLY A 86 18.37 -15.14 16.10
C GLY A 86 19.10 -16.45 16.10
N GLU A 87 18.52 -17.42 15.43
CA GLU A 87 19.07 -18.75 15.36
C GLU A 87 19.12 -19.23 13.91
N GLY A 1 16.45 -14.91 -7.32
CA GLY A 1 16.28 -14.44 -5.94
C GLY A 1 17.31 -15.04 -5.00
N SER A 2 16.94 -15.21 -3.74
CA SER A 2 17.85 -15.77 -2.76
C SER A 2 18.16 -17.24 -3.09
N HIS A 3 19.38 -17.66 -2.82
CA HIS A 3 19.80 -19.03 -3.12
C HIS A 3 20.32 -19.74 -1.88
N MET A 4 20.44 -19.01 -0.79
CA MET A 4 20.94 -19.56 0.44
C MET A 4 19.86 -19.59 1.51
N GLY A 5 19.34 -20.77 1.77
CA GLY A 5 18.32 -20.92 2.78
C GLY A 5 18.92 -21.06 4.16
N LYS A 6 18.79 -20.02 4.96
CA LYS A 6 19.34 -20.04 6.31
C LYS A 6 18.26 -19.79 7.35
N GLY A 7 17.02 -19.77 6.90
CA GLY A 7 15.92 -19.54 7.80
C GLY A 7 15.27 -18.20 7.59
N ASP A 8 14.15 -18.19 6.91
CA ASP A 8 13.43 -16.96 6.64
C ASP A 8 12.34 -16.74 7.68
N PRO A 9 12.17 -15.50 8.12
CA PRO A 9 11.15 -15.14 9.10
C PRO A 9 9.77 -14.98 8.46
N LYS A 10 8.74 -15.27 9.23
CA LYS A 10 7.36 -15.16 8.75
C LYS A 10 6.74 -13.86 9.25
N LYS A 11 7.60 -12.94 9.66
CA LYS A 11 7.19 -11.64 10.16
C LYS A 11 6.70 -10.76 9.03
N PRO A 12 5.55 -10.09 9.22
CA PRO A 12 5.01 -9.18 8.22
C PRO A 12 5.87 -7.92 8.08
N ARG A 13 6.23 -7.60 6.85
CA ARG A 13 7.04 -6.42 6.58
C ARG A 13 6.20 -5.16 6.66
N GLY A 14 4.94 -5.29 6.30
CA GLY A 14 4.04 -4.17 6.37
C GLY A 14 2.98 -4.20 5.31
N LYS A 15 1.93 -3.44 5.52
CA LYS A 15 0.86 -3.32 4.54
C LYS A 15 1.22 -2.27 3.50
N MET A 16 0.26 -1.84 2.68
CA MET A 16 0.53 -0.87 1.63
C MET A 16 0.71 0.54 2.22
N SER A 17 1.39 1.38 1.48
CA SER A 17 1.66 2.74 1.92
C SER A 17 0.43 3.63 1.72
N SER A 18 0.53 4.87 2.16
CA SER A 18 -0.56 5.83 2.02
C SER A 18 -0.77 6.17 0.57
N TYR A 19 0.33 6.41 -0.13
CA TYR A 19 0.31 6.67 -1.55
C TYR A 19 -0.33 5.49 -2.30
N ALA A 20 -0.04 4.29 -1.84
CA ALA A 20 -0.61 3.08 -2.43
C ALA A 20 -2.13 3.09 -2.34
N PHE A 21 -2.66 3.57 -1.22
CA PHE A 21 -4.11 3.68 -1.03
C PHE A 21 -4.69 4.74 -1.98
N PHE A 22 -3.86 5.69 -2.35
CA PHE A 22 -4.26 6.73 -3.27
C PHE A 22 -4.35 6.16 -4.68
N VAL A 23 -3.31 5.42 -5.09
CA VAL A 23 -3.24 4.82 -6.43
C VAL A 23 -4.41 3.86 -6.69
N GLN A 24 -4.93 3.27 -5.63
CA GLN A 24 -6.01 2.33 -5.81
C GLN A 24 -7.32 3.10 -5.93
N THR A 25 -7.29 4.35 -5.48
CA THR A 25 -8.43 5.22 -5.56
C THR A 25 -8.47 5.96 -6.90
N CYS A 26 -7.51 6.86 -7.15
CA CYS A 26 -7.41 7.57 -8.45
C CYS A 26 -7.54 6.62 -9.68
N ARG A 27 -7.37 5.32 -9.46
CA ARG A 27 -7.50 4.35 -10.54
C ARG A 27 -8.92 3.81 -10.64
N GLU A 28 -9.64 3.78 -9.52
CA GLU A 28 -11.00 3.29 -9.52
C GLU A 28 -11.91 4.33 -10.18
N GLU A 29 -11.57 5.62 -10.04
CA GLU A 29 -12.33 6.70 -10.64
C GLU A 29 -12.43 6.49 -12.14
N HIS A 30 -11.28 6.23 -12.76
CA HIS A 30 -11.20 6.06 -14.20
C HIS A 30 -11.84 4.74 -14.62
N LYS A 31 -11.76 3.75 -13.75
CA LYS A 31 -12.33 2.43 -14.01
C LYS A 31 -13.85 2.49 -13.98
N LYS A 32 -14.38 3.19 -13.00
CA LYS A 32 -15.83 3.34 -12.88
C LYS A 32 -16.41 4.09 -14.08
N LYS A 33 -15.62 5.02 -14.61
CA LYS A 33 -16.03 5.79 -15.78
C LYS A 33 -15.82 5.00 -17.08
N HIS A 34 -14.83 4.13 -17.07
CA HIS A 34 -14.48 3.34 -18.25
C HIS A 34 -14.09 1.92 -17.85
N PRO A 35 -15.08 1.05 -17.56
CA PRO A 35 -14.83 -0.31 -17.08
C PRO A 35 -14.60 -1.32 -18.19
N ASP A 36 -14.81 -0.93 -19.43
CA ASP A 36 -14.65 -1.86 -20.55
C ASP A 36 -13.17 -2.04 -20.88
N ALA A 37 -12.38 -1.03 -20.56
CA ALA A 37 -10.97 -1.06 -20.82
C ALA A 37 -10.21 -1.70 -19.66
N SER A 38 -10.34 -1.08 -18.46
CA SER A 38 -9.68 -1.52 -17.22
C SER A 38 -8.33 -0.84 -17.04
N VAL A 39 -7.97 -0.57 -15.81
CA VAL A 39 -6.73 0.11 -15.51
C VAL A 39 -5.63 -0.89 -15.13
N ASN A 40 -4.61 -0.40 -14.46
CA ASN A 40 -3.47 -1.21 -14.04
C ASN A 40 -2.85 -0.58 -12.80
N PHE A 41 -2.16 -1.36 -11.99
CA PHE A 41 -1.57 -0.82 -10.76
C PHE A 41 -0.12 -0.35 -10.98
N SER A 42 0.49 -0.77 -12.07
CA SER A 42 1.88 -0.41 -12.33
C SER A 42 2.02 0.83 -13.24
N GLU A 43 1.56 0.72 -14.48
CA GLU A 43 1.69 1.84 -15.44
C GLU A 43 0.71 2.96 -15.11
N PHE A 44 -0.21 2.66 -14.25
CA PHE A 44 -1.12 3.70 -13.79
C PHE A 44 -0.64 4.37 -12.52
N SER A 45 0.38 3.80 -11.91
CA SER A 45 0.93 4.36 -10.69
C SER A 45 1.63 5.70 -10.98
N LYS A 46 2.27 5.79 -12.15
CA LYS A 46 3.03 6.97 -12.53
C LYS A 46 2.16 8.24 -12.64
N LYS A 47 0.92 8.09 -13.06
CA LYS A 47 0.02 9.24 -13.15
C LYS A 47 -0.52 9.67 -11.79
N CYS A 48 -0.61 8.72 -10.90
CA CYS A 48 -1.04 9.07 -9.56
C CYS A 48 0.08 9.69 -8.75
N SER A 49 1.28 9.14 -8.82
CA SER A 49 2.44 9.72 -8.12
C SER A 49 2.62 11.22 -8.45
N GLU A 50 2.45 11.58 -9.72
CA GLU A 50 2.57 12.99 -10.11
C GLU A 50 1.42 13.81 -9.52
N ARG A 51 0.23 13.21 -9.44
CA ARG A 51 -0.94 13.88 -8.88
C ARG A 51 -0.81 13.98 -7.36
N TRP A 52 -0.19 12.99 -6.79
CA TRP A 52 0.08 12.95 -5.35
C TRP A 52 0.85 14.20 -4.94
N LYS A 53 1.80 14.61 -5.78
CA LYS A 53 2.62 15.77 -5.50
C LYS A 53 1.84 17.08 -5.70
N THR A 54 0.71 17.00 -6.38
CA THR A 54 -0.10 18.18 -6.61
C THR A 54 -1.20 18.32 -5.55
N MET A 55 -1.30 17.30 -4.70
CA MET A 55 -2.29 17.32 -3.63
C MET A 55 -1.70 17.96 -2.38
N SER A 56 -2.45 18.83 -1.75
CA SER A 56 -1.98 19.54 -0.57
C SER A 56 -1.80 18.58 0.61
N ALA A 57 -1.10 19.07 1.63
CA ALA A 57 -0.87 18.28 2.85
C ALA A 57 -2.17 17.69 3.40
N LYS A 58 -3.26 18.47 3.33
CA LYS A 58 -4.57 18.00 3.79
C LYS A 58 -5.02 16.78 3.00
N GLU A 59 -4.77 16.82 1.71
CA GLU A 59 -5.16 15.75 0.80
C GLU A 59 -4.29 14.51 0.99
N LYS A 60 -3.05 14.71 1.41
CA LYS A 60 -2.12 13.62 1.65
C LYS A 60 -2.37 13.01 3.03
N GLY A 61 -2.59 13.87 4.01
CA GLY A 61 -2.83 13.45 5.36
C GLY A 61 -4.05 12.58 5.51
N LYS A 62 -5.01 12.75 4.60
CA LYS A 62 -6.23 11.96 4.62
C LYS A 62 -5.92 10.48 4.46
N PHE A 63 -5.01 10.16 3.55
CA PHE A 63 -4.64 8.78 3.29
C PHE A 63 -3.82 8.20 4.43
N GLU A 64 -3.00 9.04 5.06
CA GLU A 64 -2.21 8.60 6.19
C GLU A 64 -3.13 8.35 7.38
N ASP A 65 -3.93 9.37 7.71
CA ASP A 65 -5.01 9.24 8.70
C ASP A 65 -5.74 7.88 8.57
N MET A 66 -6.18 7.57 7.36
CA MET A 66 -6.87 6.29 7.11
C MET A 66 -5.92 5.11 7.30
N ALA A 67 -4.65 5.30 6.95
CA ALA A 67 -3.65 4.25 7.09
C ALA A 67 -3.39 3.93 8.56
N LYS A 68 -3.74 4.84 9.45
CA LYS A 68 -3.58 4.62 10.88
C LYS A 68 -4.63 3.63 11.37
N ALA A 69 -5.71 3.50 10.63
CA ALA A 69 -6.74 2.53 10.93
C ALA A 69 -6.46 1.25 10.18
N ASP A 70 -5.59 1.36 9.18
CA ASP A 70 -5.21 0.22 8.34
C ASP A 70 -4.16 -0.63 9.03
N LYS A 71 -3.43 -0.04 9.97
CA LYS A 71 -2.37 -0.75 10.69
C LYS A 71 -2.95 -1.89 11.54
N ALA A 72 -4.28 -1.90 11.68
CA ALA A 72 -5.00 -2.91 12.45
C ALA A 72 -4.83 -4.32 11.86
N ARG A 73 -4.24 -4.40 10.66
CA ARG A 73 -4.02 -5.69 10.02
C ARG A 73 -2.59 -6.13 10.27
N TYR A 74 -1.75 -5.17 10.59
CA TYR A 74 -0.34 -5.40 10.80
C TYR A 74 -0.06 -5.71 12.27
N GLU A 75 -0.65 -4.89 13.15
CA GLU A 75 -0.45 -5.03 14.59
C GLU A 75 -0.80 -6.44 15.05
N ARG A 76 -2.07 -6.84 14.86
CA ARG A 76 -2.54 -8.19 15.17
C ARG A 76 -1.57 -9.30 14.70
N GLU A 77 -0.84 -9.05 13.63
CA GLU A 77 0.06 -10.04 13.09
C GLU A 77 1.38 -10.05 13.84
N MET A 78 1.84 -8.87 14.21
CA MET A 78 3.09 -8.74 14.92
C MET A 78 2.93 -9.21 16.37
N LYS A 79 1.78 -8.92 16.96
CA LYS A 79 1.53 -9.30 18.35
C LYS A 79 1.26 -10.80 18.51
N THR A 80 0.95 -11.48 17.41
CA THR A 80 0.66 -12.91 17.48
C THR A 80 1.86 -13.76 17.02
N TYR A 81 2.67 -13.22 16.14
CA TYR A 81 3.82 -13.94 15.62
C TYR A 81 5.02 -13.77 16.54
N ILE A 82 5.63 -14.87 16.92
CA ILE A 82 6.81 -14.83 17.75
C ILE A 82 8.03 -14.55 16.87
N PRO A 83 8.66 -13.39 17.04
CA PRO A 83 9.79 -12.99 16.23
C PRO A 83 11.11 -13.61 16.72
N PRO A 84 11.80 -14.33 15.83
CA PRO A 84 13.10 -14.93 16.14
C PRO A 84 14.19 -13.87 16.17
N LYS A 85 15.38 -14.24 16.60
CA LYS A 85 16.49 -13.29 16.66
C LYS A 85 17.36 -13.37 15.40
N GLY A 86 16.74 -13.73 14.28
CA GLY A 86 17.46 -13.80 13.01
C GLY A 86 17.21 -15.09 12.26
N GLU A 87 16.81 -16.13 12.99
CA GLU A 87 16.56 -17.42 12.39
C GLU A 87 15.42 -18.12 13.12
N GLY A 1 20.11 -6.61 -2.34
CA GLY A 1 18.73 -6.41 -1.86
C GLY A 1 17.79 -6.02 -2.99
N SER A 2 16.69 -5.34 -2.63
CA SER A 2 15.70 -4.85 -3.59
C SER A 2 15.04 -6.01 -4.35
N HIS A 3 14.88 -7.15 -3.69
CA HIS A 3 14.27 -8.30 -4.32
C HIS A 3 13.33 -9.02 -3.37
N MET A 4 12.42 -9.79 -3.92
CA MET A 4 11.50 -10.57 -3.12
C MET A 4 12.20 -11.81 -2.61
N GLY A 5 11.66 -12.41 -1.57
CA GLY A 5 12.29 -13.57 -0.99
C GLY A 5 11.40 -14.80 -1.02
N LYS A 6 11.67 -15.73 -0.13
CA LYS A 6 10.91 -16.95 -0.03
C LYS A 6 10.81 -17.42 1.41
N GLY A 7 11.96 -17.66 2.02
CA GLY A 7 11.97 -18.13 3.38
C GLY A 7 11.97 -17.00 4.38
N ASP A 8 10.87 -16.26 4.43
CA ASP A 8 10.73 -15.16 5.36
C ASP A 8 10.20 -15.66 6.69
N PRO A 9 10.57 -15.01 7.79
CA PRO A 9 10.13 -15.40 9.15
C PRO A 9 8.67 -15.03 9.45
N LYS A 10 7.89 -14.77 8.39
CA LYS A 10 6.47 -14.42 8.49
C LYS A 10 6.27 -13.07 9.19
N LYS A 11 7.34 -12.30 9.29
CA LYS A 11 7.30 -11.00 9.92
C LYS A 11 6.90 -9.94 8.90
N PRO A 12 5.75 -9.25 9.12
CA PRO A 12 5.26 -8.21 8.22
C PRO A 12 6.29 -7.10 7.98
N ARG A 13 6.68 -6.93 6.73
CA ARG A 13 7.66 -5.92 6.35
C ARG A 13 7.17 -5.12 5.14
N GLY A 14 6.51 -5.80 4.23
CA GLY A 14 6.10 -5.17 2.99
C GLY A 14 4.70 -4.58 3.04
N LYS A 15 4.49 -3.61 3.90
CA LYS A 15 3.23 -2.91 3.96
C LYS A 15 3.47 -1.47 3.48
N MET A 16 2.67 -1.02 2.51
CA MET A 16 2.88 0.28 1.89
C MET A 16 2.24 1.42 2.69
N SER A 17 2.69 2.62 2.40
CA SER A 17 2.18 3.82 3.03
C SER A 17 1.09 4.48 2.18
N SER A 18 0.81 5.76 2.45
CA SER A 18 -0.25 6.53 1.80
C SER A 18 -0.12 6.57 0.27
N TYR A 19 1.12 6.56 -0.24
CA TYR A 19 1.35 6.56 -1.68
C TYR A 19 0.56 5.45 -2.36
N ALA A 20 0.63 4.24 -1.80
CA ALA A 20 -0.10 3.10 -2.33
C ALA A 20 -1.60 3.35 -2.28
N PHE A 21 -2.07 3.89 -1.15
CA PHE A 21 -3.48 4.22 -0.99
C PHE A 21 -3.97 5.12 -2.12
N PHE A 22 -3.13 6.04 -2.56
CA PHE A 22 -3.51 6.91 -3.64
C PHE A 22 -3.57 6.14 -4.95
N VAL A 23 -2.65 5.20 -5.12
CA VAL A 23 -2.60 4.38 -6.34
C VAL A 23 -3.87 3.53 -6.49
N GLN A 24 -4.53 3.26 -5.38
CA GLN A 24 -5.74 2.45 -5.45
C GLN A 24 -6.97 3.34 -5.50
N THR A 25 -6.94 4.42 -4.73
CA THR A 25 -8.01 5.42 -4.70
C THR A 25 -8.06 6.20 -6.04
N CYS A 26 -7.05 5.99 -6.87
CA CYS A 26 -6.96 6.66 -8.15
C CYS A 26 -7.51 5.74 -9.23
N ARG A 27 -7.25 4.44 -9.07
CA ARG A 27 -7.78 3.44 -10.00
C ARG A 27 -9.28 3.40 -9.86
N GLU A 28 -9.73 3.46 -8.60
CA GLU A 28 -11.14 3.43 -8.25
C GLU A 28 -11.95 4.46 -9.05
N GLU A 29 -11.79 5.73 -8.71
CA GLU A 29 -12.51 6.83 -9.35
C GLU A 29 -12.35 6.81 -10.87
N HIS A 30 -11.17 6.43 -11.35
CA HIS A 30 -10.91 6.39 -12.80
C HIS A 30 -11.75 5.30 -13.47
N LYS A 31 -11.83 4.15 -12.82
CA LYS A 31 -12.63 3.03 -13.33
C LYS A 31 -14.08 3.43 -13.45
N LYS A 32 -14.52 4.29 -12.56
CA LYS A 32 -15.88 4.79 -12.56
C LYS A 32 -16.14 5.78 -13.68
N LYS A 33 -15.11 6.12 -14.46
CA LYS A 33 -15.22 7.01 -15.59
C LYS A 33 -14.91 6.25 -16.89
N HIS A 34 -13.90 5.40 -16.80
CA HIS A 34 -13.44 4.61 -17.94
C HIS A 34 -13.17 3.18 -17.48
N PRO A 35 -14.17 2.29 -17.60
CA PRO A 35 -14.05 0.92 -17.13
C PRO A 35 -13.61 -0.09 -18.21
N ASP A 36 -13.67 0.29 -19.48
CA ASP A 36 -13.38 -0.63 -20.58
C ASP A 36 -11.95 -1.12 -20.60
N ALA A 37 -11.01 -0.23 -20.31
CA ALA A 37 -9.60 -0.60 -20.33
C ALA A 37 -9.19 -1.31 -19.07
N SER A 38 -9.46 -0.65 -17.94
CA SER A 38 -9.07 -1.17 -16.61
C SER A 38 -7.54 -1.07 -16.43
N VAL A 39 -7.13 -0.67 -15.25
CA VAL A 39 -5.71 -0.45 -14.99
C VAL A 39 -5.30 -1.03 -13.64
N ASN A 40 -4.34 -1.94 -13.66
CA ASN A 40 -3.85 -2.52 -12.41
C ASN A 40 -2.95 -1.55 -11.63
N PHE A 41 -2.27 -2.07 -10.63
CA PHE A 41 -1.51 -1.24 -9.68
C PHE A 41 -0.34 -0.51 -10.35
N SER A 42 0.49 -1.24 -11.08
CA SER A 42 1.70 -0.71 -11.70
C SER A 42 1.48 0.58 -12.54
N GLU A 43 0.73 0.45 -13.63
CA GLU A 43 0.53 1.58 -14.56
C GLU A 43 0.02 2.84 -13.86
N PHE A 44 -0.90 2.69 -12.93
CA PHE A 44 -1.47 3.84 -12.26
C PHE A 44 -0.58 4.34 -11.15
N SER A 45 0.32 3.51 -10.67
CA SER A 45 1.25 3.90 -9.64
C SER A 45 2.12 5.05 -10.14
N LYS A 46 2.43 5.03 -11.44
CA LYS A 46 3.25 6.07 -12.03
C LYS A 46 2.40 7.16 -12.70
N LYS A 47 1.22 6.81 -13.21
CA LYS A 47 0.34 7.80 -13.85
C LYS A 47 -0.29 8.73 -12.81
N CYS A 48 -0.72 8.16 -11.72
CA CYS A 48 -1.35 8.97 -10.66
C CYS A 48 -0.35 9.80 -9.86
N SER A 49 0.90 9.37 -9.82
CA SER A 49 1.94 10.07 -9.06
C SER A 49 2.04 11.57 -9.46
N GLU A 50 1.68 11.89 -10.72
CA GLU A 50 1.70 13.27 -11.22
C GLU A 50 0.75 14.16 -10.42
N ARG A 51 -0.36 13.58 -9.97
CA ARG A 51 -1.35 14.33 -9.24
C ARG A 51 -0.97 14.43 -7.78
N TRP A 52 -0.47 13.35 -7.22
CA TRP A 52 -0.05 13.27 -5.83
C TRP A 52 0.92 14.42 -5.49
N LYS A 53 1.73 14.81 -6.47
CA LYS A 53 2.68 15.90 -6.31
C LYS A 53 1.95 17.25 -6.15
N THR A 54 0.84 17.41 -6.84
CA THR A 54 0.08 18.64 -6.79
C THR A 54 -1.00 18.60 -5.71
N MET A 55 -1.20 17.44 -5.10
CA MET A 55 -2.18 17.27 -4.05
C MET A 55 -1.79 18.03 -2.80
N SER A 56 -2.72 18.81 -2.30
CA SER A 56 -2.48 19.62 -1.11
C SER A 56 -2.35 18.71 0.13
N ALA A 57 -1.83 19.30 1.22
CA ALA A 57 -1.63 18.56 2.46
C ALA A 57 -2.96 18.03 3.01
N LYS A 58 -4.02 18.80 2.78
CA LYS A 58 -5.36 18.42 3.23
C LYS A 58 -5.82 17.16 2.50
N GLU A 59 -5.45 17.05 1.23
CA GLU A 59 -5.83 15.91 0.40
C GLU A 59 -5.00 14.68 0.74
N LYS A 60 -3.92 14.90 1.46
CA LYS A 60 -3.03 13.82 1.87
C LYS A 60 -3.33 13.36 3.27
N GLY A 61 -3.94 14.23 4.06
CA GLY A 61 -4.29 13.91 5.42
C GLY A 61 -5.16 12.67 5.52
N LYS A 62 -6.06 12.50 4.57
CA LYS A 62 -6.95 11.35 4.56
C LYS A 62 -6.17 10.07 4.26
N PHE A 63 -5.26 10.15 3.29
CA PHE A 63 -4.48 8.99 2.90
C PHE A 63 -3.56 8.52 4.02
N GLU A 64 -3.19 9.45 4.89
CA GLU A 64 -2.41 9.09 6.05
C GLU A 64 -3.33 8.55 7.13
N ASP A 65 -4.32 9.37 7.51
CA ASP A 65 -5.39 8.96 8.45
C ASP A 65 -5.89 7.53 8.21
N MET A 66 -6.18 7.18 6.95
CA MET A 66 -6.70 5.84 6.63
C MET A 66 -5.67 4.75 6.93
N ALA A 67 -4.40 5.11 6.92
CA ALA A 67 -3.34 4.15 7.18
C ALA A 67 -3.34 3.72 8.65
N LYS A 68 -3.97 4.53 9.50
CA LYS A 68 -4.06 4.22 10.92
C LYS A 68 -4.96 3.01 11.13
N ALA A 69 -5.92 2.83 10.24
CA ALA A 69 -6.82 1.69 10.29
C ALA A 69 -6.25 0.55 9.47
N ASP A 70 -5.24 0.88 8.68
CA ASP A 70 -4.59 -0.08 7.80
C ASP A 70 -3.62 -0.95 8.59
N LYS A 71 -2.98 -0.35 9.60
CA LYS A 71 -2.03 -1.08 10.43
C LYS A 71 -2.72 -2.16 11.26
N ALA A 72 -4.04 -2.07 11.34
CA ALA A 72 -4.84 -3.00 12.12
C ALA A 72 -4.79 -4.42 11.55
N ARG A 73 -4.22 -4.57 10.37
CA ARG A 73 -4.16 -5.87 9.72
C ARG A 73 -2.91 -6.64 10.15
N TYR A 74 -1.80 -5.92 10.32
CA TYR A 74 -0.57 -6.59 10.65
C TYR A 74 -0.27 -6.58 12.15
N GLU A 75 -0.78 -5.58 12.86
CA GLU A 75 -0.57 -5.52 14.31
C GLU A 75 -1.11 -6.77 14.98
N ARG A 76 -2.42 -7.03 14.84
CA ARG A 76 -3.04 -8.27 15.35
C ARG A 76 -2.25 -9.54 14.94
N GLU A 77 -1.56 -9.48 13.82
CA GLU A 77 -0.79 -10.63 13.36
C GLU A 77 0.50 -10.76 14.14
N MET A 78 1.13 -9.62 14.41
CA MET A 78 2.38 -9.60 15.14
C MET A 78 2.15 -9.84 16.64
N LYS A 79 1.03 -9.37 17.16
CA LYS A 79 0.70 -9.60 18.57
C LYS A 79 0.47 -11.10 18.82
N THR A 80 0.06 -11.80 17.77
CA THR A 80 -0.19 -13.23 17.85
C THR A 80 1.07 -14.01 17.48
N TYR A 81 1.85 -13.45 16.57
CA TYR A 81 3.09 -14.05 16.13
C TYR A 81 4.18 -13.87 17.17
N ILE A 82 4.82 -14.95 17.53
CA ILE A 82 5.89 -14.91 18.49
C ILE A 82 7.23 -14.93 17.76
N PRO A 83 7.94 -13.79 17.71
CA PRO A 83 9.22 -13.69 17.05
C PRO A 83 10.30 -14.47 17.79
N PRO A 84 10.91 -15.47 17.13
CA PRO A 84 11.98 -16.26 17.74
C PRO A 84 13.15 -15.38 18.15
N LYS A 85 13.73 -15.69 19.29
CA LYS A 85 14.86 -14.92 19.79
C LYS A 85 16.13 -15.24 19.00
N GLY A 86 16.83 -14.21 18.58
CA GLY A 86 18.05 -14.41 17.81
C GLY A 86 19.21 -13.61 18.35
N GLU A 87 19.03 -13.05 19.53
CA GLU A 87 20.08 -12.28 20.17
C GLU A 87 20.26 -12.81 21.58
N GLY A 1 21.33 -6.97 -0.22
CA GLY A 1 20.21 -7.62 -0.92
C GLY A 1 19.26 -8.31 0.04
N SER A 2 18.25 -8.96 -0.51
CA SER A 2 17.26 -9.65 0.29
C SER A 2 17.87 -10.89 0.96
N HIS A 3 17.58 -11.07 2.24
CA HIS A 3 18.10 -12.23 2.99
C HIS A 3 17.28 -13.48 2.72
N MET A 4 16.14 -13.30 2.09
CA MET A 4 15.27 -14.41 1.73
C MET A 4 14.45 -14.08 0.49
N GLY A 5 14.63 -14.85 -0.55
CA GLY A 5 13.91 -14.62 -1.79
C GLY A 5 12.70 -15.50 -1.91
N LYS A 6 12.55 -16.42 -0.98
CA LYS A 6 11.43 -17.34 -0.99
C LYS A 6 11.04 -17.69 0.45
N GLY A 7 9.78 -18.01 0.64
CA GLY A 7 9.31 -18.38 1.95
C GLY A 7 8.64 -17.24 2.68
N ASP A 8 7.98 -17.54 3.77
CA ASP A 8 7.30 -16.54 4.56
C ASP A 8 7.99 -16.36 5.88
N PRO A 9 8.46 -15.14 6.18
CA PRO A 9 9.14 -14.85 7.45
C PRO A 9 8.16 -14.85 8.63
N LYS A 10 6.86 -14.72 8.30
CA LYS A 10 5.78 -14.70 9.29
C LYS A 10 5.84 -13.43 10.13
N LYS A 11 6.67 -12.50 9.71
CA LYS A 11 6.81 -11.23 10.38
C LYS A 11 6.36 -10.12 9.45
N PRO A 12 5.15 -9.60 9.65
CA PRO A 12 4.60 -8.53 8.83
C PRO A 12 5.40 -7.24 8.97
N ARG A 13 5.96 -6.78 7.88
CA ARG A 13 6.73 -5.55 7.88
C ARG A 13 5.77 -4.38 7.76
N GLY A 14 4.60 -4.66 7.22
CA GLY A 14 3.60 -3.67 7.04
C GLY A 14 2.66 -4.07 5.94
N LYS A 15 1.88 -3.15 5.47
CA LYS A 15 0.95 -3.43 4.40
C LYS A 15 1.39 -2.72 3.13
N MET A 16 0.85 -1.52 2.89
CA MET A 16 1.20 -0.70 1.76
C MET A 16 1.38 0.73 2.28
N SER A 17 2.10 1.55 1.56
CA SER A 17 2.33 2.92 1.99
C SER A 17 1.16 3.82 1.56
N SER A 18 1.22 5.09 1.95
CA SER A 18 0.17 6.06 1.63
C SER A 18 0.07 6.27 0.12
N TYR A 19 1.22 6.37 -0.54
CA TYR A 19 1.28 6.51 -1.99
C TYR A 19 0.50 5.37 -2.66
N ALA A 20 0.70 4.17 -2.17
CA ALA A 20 0.05 2.99 -2.71
C ALA A 20 -1.47 3.07 -2.53
N PHE A 21 -1.90 3.48 -1.34
CA PHE A 21 -3.33 3.67 -1.07
C PHE A 21 -3.95 4.71 -2.00
N PHE A 22 -3.15 5.68 -2.39
CA PHE A 22 -3.59 6.68 -3.31
C PHE A 22 -3.77 6.08 -4.71
N VAL A 23 -2.82 5.26 -5.11
CA VAL A 23 -2.84 4.65 -6.44
C VAL A 23 -3.97 3.61 -6.57
N GLN A 24 -4.44 3.09 -5.44
CA GLN A 24 -5.51 2.11 -5.49
C GLN A 24 -6.85 2.84 -5.56
N THR A 25 -6.87 4.04 -5.00
CA THR A 25 -8.04 4.89 -5.06
C THR A 25 -8.11 5.54 -6.44
N CYS A 26 -7.12 6.36 -6.76
CA CYS A 26 -6.92 6.95 -8.10
C CYS A 26 -7.31 5.93 -9.21
N ARG A 27 -6.90 4.66 -9.04
CA ARG A 27 -7.25 3.59 -9.98
C ARG A 27 -8.76 3.40 -10.05
N GLU A 28 -9.37 3.28 -8.88
CA GLU A 28 -10.81 3.06 -8.75
C GLU A 28 -11.59 4.18 -9.40
N GLU A 29 -11.19 5.44 -9.13
CA GLU A 29 -11.87 6.62 -9.69
C GLU A 29 -11.91 6.53 -11.21
N HIS A 30 -10.81 6.11 -11.79
CA HIS A 30 -10.70 6.02 -13.24
C HIS A 30 -11.46 4.81 -13.79
N LYS A 31 -11.45 3.71 -13.06
CA LYS A 31 -12.09 2.50 -13.54
C LYS A 31 -13.62 2.58 -13.44
N LYS A 32 -14.10 3.20 -12.38
CA LYS A 32 -15.55 3.37 -12.23
C LYS A 32 -16.10 4.32 -13.29
N LYS A 33 -15.30 5.32 -13.66
CA LYS A 33 -15.71 6.27 -14.69
C LYS A 33 -15.43 5.74 -16.09
N HIS A 34 -14.49 4.82 -16.19
CA HIS A 34 -14.14 4.19 -17.47
C HIS A 34 -14.01 2.68 -17.28
N PRO A 35 -15.14 1.96 -17.35
CA PRO A 35 -15.20 0.52 -17.07
C PRO A 35 -14.47 -0.36 -18.10
N ASP A 36 -14.31 0.13 -19.32
CA ASP A 36 -13.69 -0.67 -20.35
C ASP A 36 -12.21 -0.34 -20.49
N ALA A 37 -11.73 0.55 -19.66
CA ALA A 37 -10.34 0.91 -19.68
C ALA A 37 -9.52 -0.10 -18.88
N SER A 38 -9.24 -1.25 -19.49
CA SER A 38 -8.47 -2.33 -18.86
C SER A 38 -7.00 -1.98 -18.58
N VAL A 39 -6.73 -0.72 -18.25
CA VAL A 39 -5.39 -0.28 -17.80
C VAL A 39 -4.89 -1.16 -16.60
N ASN A 40 -4.02 -0.63 -15.76
CA ASN A 40 -3.46 -1.46 -14.70
C ASN A 40 -2.82 -0.61 -13.63
N PHE A 41 -2.83 -1.11 -12.40
CA PHE A 41 -2.24 -0.43 -11.24
C PHE A 41 -0.80 0.02 -11.54
N SER A 42 -0.05 -0.84 -12.22
CA SER A 42 1.33 -0.55 -12.56
C SER A 42 1.43 0.68 -13.49
N GLU A 43 0.75 0.61 -14.65
CA GLU A 43 0.82 1.70 -15.63
C GLU A 43 0.04 2.93 -15.15
N PHE A 44 -0.84 2.70 -14.23
CA PHE A 44 -1.59 3.81 -13.68
C PHE A 44 -0.85 4.49 -12.54
N SER A 45 0.15 3.82 -12.00
CA SER A 45 0.91 4.36 -10.90
C SER A 45 1.71 5.57 -11.36
N LYS A 46 2.16 5.53 -12.62
CA LYS A 46 2.95 6.61 -13.17
C LYS A 46 2.11 7.88 -13.42
N LYS A 47 0.83 7.72 -13.72
CA LYS A 47 -0.04 8.88 -13.92
C LYS A 47 -0.60 9.37 -12.57
N CYS A 48 -0.90 8.44 -11.70
CA CYS A 48 -1.41 8.80 -10.38
C CYS A 48 -0.39 9.57 -9.54
N SER A 49 0.84 9.08 -9.50
CA SER A 49 1.93 9.69 -8.74
C SER A 49 1.97 11.24 -8.83
N GLU A 50 1.89 11.78 -10.04
CA GLU A 50 1.97 13.23 -10.24
C GLU A 50 0.87 14.01 -9.48
N ARG A 51 -0.29 13.39 -9.33
CA ARG A 51 -1.39 14.00 -8.58
C ARG A 51 -1.10 13.93 -7.09
N TRP A 52 -0.56 12.83 -6.66
CA TRP A 52 -0.16 12.66 -5.26
C TRP A 52 0.87 13.72 -4.87
N LYS A 53 1.75 14.02 -5.80
CA LYS A 53 2.82 14.99 -5.60
C LYS A 53 2.28 16.42 -5.56
N THR A 54 1.13 16.65 -6.17
CA THR A 54 0.56 17.98 -6.20
C THR A 54 -0.42 18.22 -5.06
N MET A 55 -0.83 17.15 -4.38
CA MET A 55 -1.73 17.28 -3.26
C MET A 55 -1.02 17.81 -2.03
N SER A 56 -1.67 18.72 -1.33
CA SER A 56 -1.10 19.35 -0.16
C SER A 56 -1.16 18.41 1.07
N ALA A 57 -0.50 18.82 2.14
CA ALA A 57 -0.46 18.04 3.38
C ALA A 57 -1.86 17.73 3.91
N LYS A 58 -2.77 18.67 3.76
CA LYS A 58 -4.16 18.48 4.20
C LYS A 58 -4.84 17.37 3.40
N GLU A 59 -4.53 17.32 2.12
CA GLU A 59 -5.11 16.34 1.21
C GLU A 59 -4.58 14.94 1.52
N LYS A 60 -3.35 14.89 2.00
CA LYS A 60 -2.70 13.62 2.31
C LYS A 60 -3.08 13.16 3.70
N GLY A 61 -3.55 14.09 4.53
CA GLY A 61 -3.96 13.76 5.88
C GLY A 61 -5.09 12.77 5.90
N LYS A 62 -5.93 12.83 4.87
CA LYS A 62 -7.05 11.92 4.75
C LYS A 62 -6.54 10.50 4.47
N PHE A 63 -5.56 10.41 3.57
CA PHE A 63 -4.98 9.13 3.21
C PHE A 63 -4.24 8.53 4.39
N GLU A 64 -3.61 9.39 5.18
CA GLU A 64 -2.94 8.96 6.39
C GLU A 64 -3.97 8.32 7.32
N ASP A 65 -4.88 9.14 7.84
CA ASP A 65 -6.00 8.66 8.69
C ASP A 65 -6.62 7.36 8.19
N MET A 66 -6.99 7.30 6.91
CA MET A 66 -7.61 6.10 6.35
C MET A 66 -6.67 4.90 6.50
N ALA A 67 -5.38 5.12 6.29
CA ALA A 67 -4.39 4.07 6.43
C ALA A 67 -4.19 3.69 7.90
N LYS A 68 -4.31 4.68 8.78
CA LYS A 68 -4.15 4.47 10.22
C LYS A 68 -5.22 3.52 10.78
N ALA A 69 -6.42 3.60 10.23
CA ALA A 69 -7.50 2.73 10.68
C ALA A 69 -7.41 1.39 9.97
N ASP A 70 -6.65 1.34 8.91
CA ASP A 70 -6.49 0.13 8.11
C ASP A 70 -5.27 -0.68 8.54
N LYS A 71 -4.32 -0.05 9.24
CA LYS A 71 -3.08 -0.73 9.65
C LYS A 71 -3.32 -1.84 10.69
N ALA A 72 -4.54 -1.86 11.20
CA ALA A 72 -4.95 -2.85 12.21
C ALA A 72 -4.54 -4.27 11.78
N ARG A 73 -5.05 -4.69 10.62
CA ARG A 73 -4.69 -5.97 9.98
C ARG A 73 -3.24 -6.43 10.22
N TYR A 74 -2.25 -5.60 9.88
CA TYR A 74 -0.86 -6.07 10.00
C TYR A 74 -0.33 -5.90 11.42
N GLU A 75 -0.76 -4.84 12.11
CA GLU A 75 -0.31 -4.59 13.47
C GLU A 75 -0.55 -5.80 14.37
N ARG A 76 -1.80 -6.29 14.41
CA ARG A 76 -2.12 -7.47 15.21
C ARG A 76 -1.25 -8.67 14.82
N GLU A 77 -1.18 -8.96 13.52
CA GLU A 77 -0.37 -10.08 13.01
C GLU A 77 1.06 -10.03 13.53
N MET A 78 1.62 -8.84 13.63
CA MET A 78 2.98 -8.69 14.09
C MET A 78 3.09 -8.87 15.61
N LYS A 79 2.31 -8.10 16.37
CA LYS A 79 2.35 -8.16 17.83
C LYS A 79 2.00 -9.54 18.39
N THR A 80 1.25 -10.32 17.63
CA THR A 80 0.85 -11.65 18.07
C THR A 80 1.93 -12.68 17.75
N TYR A 81 2.72 -12.40 16.72
CA TYR A 81 3.77 -13.31 16.30
C TYR A 81 5.01 -13.14 17.16
N ILE A 82 5.74 -14.23 17.37
CA ILE A 82 6.97 -14.20 18.13
C ILE A 82 8.17 -14.26 17.18
N PRO A 83 8.83 -13.12 16.98
CA PRO A 83 9.99 -13.02 16.10
C PRO A 83 11.28 -13.45 16.80
N PRO A 84 12.39 -13.60 16.04
CA PRO A 84 13.70 -13.97 16.60
C PRO A 84 14.14 -12.99 17.68
N LYS A 85 14.79 -13.52 18.72
CA LYS A 85 15.26 -12.75 19.88
C LYS A 85 14.23 -11.73 20.37
N GLY A 86 13.17 -12.24 20.98
CA GLY A 86 12.12 -11.40 21.48
C GLY A 86 11.17 -12.17 22.36
N GLU A 87 10.81 -11.59 23.48
CA GLU A 87 9.90 -12.23 24.41
C GLU A 87 8.50 -11.65 24.25
N GLY A 1 11.20 -13.02 -13.75
CA GLY A 1 11.17 -14.48 -13.54
C GLY A 1 11.31 -14.84 -12.09
N SER A 2 11.57 -16.11 -11.81
CA SER A 2 11.72 -16.57 -10.45
C SER A 2 13.08 -16.16 -9.89
N HIS A 3 13.12 -15.02 -9.22
CA HIS A 3 14.35 -14.51 -8.64
C HIS A 3 14.40 -14.80 -7.14
N MET A 4 13.27 -15.20 -6.58
CA MET A 4 13.20 -15.52 -5.16
C MET A 4 12.85 -16.98 -4.96
N GLY A 5 12.97 -17.44 -3.73
CA GLY A 5 12.65 -18.81 -3.41
C GLY A 5 12.05 -18.93 -2.03
N LYS A 6 12.65 -18.27 -1.06
CA LYS A 6 12.18 -18.26 0.30
C LYS A 6 11.03 -17.28 0.46
N GLY A 7 10.04 -17.66 1.23
CA GLY A 7 8.91 -16.79 1.46
C GLY A 7 8.78 -16.42 2.92
N ASP A 8 7.68 -15.78 3.26
CA ASP A 8 7.43 -15.40 4.65
C ASP A 8 6.34 -16.27 5.23
N PRO A 9 6.44 -16.59 6.53
CA PRO A 9 5.43 -17.42 7.23
C PRO A 9 4.23 -16.57 7.65
N LYS A 10 3.71 -15.78 6.71
CA LYS A 10 2.57 -14.87 6.95
C LYS A 10 2.98 -13.74 7.87
N LYS A 11 4.27 -13.46 7.89
CA LYS A 11 4.82 -12.41 8.72
C LYS A 11 4.65 -11.06 8.04
N PRO A 12 4.13 -10.05 8.76
CA PRO A 12 4.01 -8.70 8.21
C PRO A 12 5.38 -8.19 7.77
N ARG A 13 5.49 -7.91 6.49
CA ARG A 13 6.73 -7.43 5.90
C ARG A 13 6.43 -6.23 5.03
N GLY A 14 5.52 -5.41 5.49
CA GLY A 14 5.12 -4.27 4.74
C GLY A 14 3.74 -4.45 4.17
N LYS A 15 2.80 -3.66 4.63
CA LYS A 15 1.45 -3.71 4.12
C LYS A 15 1.39 -2.94 2.80
N MET A 16 0.79 -1.75 2.78
CA MET A 16 0.82 -0.83 1.67
C MET A 16 0.97 0.55 2.29
N SER A 17 1.71 1.43 1.65
CA SER A 17 1.92 2.77 2.19
C SER A 17 0.75 3.69 1.81
N SER A 18 0.74 4.92 2.36
CA SER A 18 -0.29 5.90 2.07
C SER A 18 -0.39 6.15 0.57
N TYR A 19 0.77 6.13 -0.08
CA TYR A 19 0.84 6.27 -1.53
C TYR A 19 -0.08 5.25 -2.21
N ALA A 20 -0.02 4.01 -1.75
CA ALA A 20 -0.83 2.94 -2.31
C ALA A 20 -2.30 3.18 -2.01
N PHE A 21 -2.60 3.55 -0.77
CA PHE A 21 -3.99 3.89 -0.37
C PHE A 21 -4.58 4.99 -1.26
N PHE A 22 -3.72 5.80 -1.84
CA PHE A 22 -4.19 6.84 -2.75
C PHE A 22 -4.39 6.27 -4.14
N VAL A 23 -3.49 5.38 -4.56
CA VAL A 23 -3.55 4.79 -5.89
C VAL A 23 -4.76 3.89 -6.04
N GLN A 24 -5.25 3.36 -4.93
CA GLN A 24 -6.41 2.47 -5.00
C GLN A 24 -7.64 3.27 -5.44
N THR A 25 -7.76 4.48 -4.91
CA THR A 25 -8.84 5.37 -5.25
C THR A 25 -8.55 6.02 -6.60
N CYS A 26 -7.55 6.87 -6.62
CA CYS A 26 -7.07 7.55 -7.84
C CYS A 26 -7.22 6.67 -9.12
N ARG A 27 -6.82 5.40 -9.05
CA ARG A 27 -6.92 4.51 -10.21
C ARG A 27 -8.38 4.08 -10.51
N GLU A 28 -9.21 3.96 -9.47
CA GLU A 28 -10.59 3.52 -9.67
C GLU A 28 -11.42 4.64 -10.27
N GLU A 29 -11.17 5.89 -9.85
CA GLU A 29 -11.91 7.06 -10.34
C GLU A 29 -11.83 7.13 -11.87
N HIS A 30 -10.63 6.94 -12.38
CA HIS A 30 -10.40 7.04 -13.82
C HIS A 30 -11.02 5.86 -14.55
N LYS A 31 -11.13 4.73 -13.85
CA LYS A 31 -11.71 3.53 -14.43
C LYS A 31 -13.23 3.61 -14.44
N LYS A 32 -13.80 4.11 -13.36
CA LYS A 32 -15.25 4.28 -13.27
C LYS A 32 -15.73 5.28 -14.32
N LYS A 33 -14.98 6.35 -14.50
CA LYS A 33 -15.33 7.37 -15.48
C LYS A 33 -15.01 6.94 -16.90
N HIS A 34 -14.08 6.00 -17.04
CA HIS A 34 -13.71 5.45 -18.34
C HIS A 34 -13.59 3.94 -18.28
N PRO A 35 -14.75 3.24 -18.28
CA PRO A 35 -14.80 1.77 -18.17
C PRO A 35 -14.22 1.08 -19.39
N ASP A 36 -14.12 1.82 -20.50
CA ASP A 36 -13.59 1.27 -21.73
C ASP A 36 -12.08 1.11 -21.65
N ALA A 37 -11.46 1.88 -20.78
CA ALA A 37 -10.03 1.82 -20.60
C ALA A 37 -9.66 0.73 -19.60
N SER A 38 -10.12 0.92 -18.35
CA SER A 38 -9.85 -0.04 -17.28
C SER A 38 -8.37 0.02 -16.91
N VAL A 39 -7.93 1.25 -16.68
CA VAL A 39 -6.53 1.54 -16.38
C VAL A 39 -5.98 0.67 -15.23
N ASN A 40 -5.23 -0.36 -15.61
CA ASN A 40 -4.59 -1.27 -14.65
C ASN A 40 -3.86 -0.50 -13.54
N PHE A 41 -3.89 -1.08 -12.34
CA PHE A 41 -3.28 -0.48 -11.14
C PHE A 41 -1.84 0.00 -11.41
N SER A 42 -1.06 -0.80 -12.14
CA SER A 42 0.33 -0.45 -12.39
C SER A 42 0.45 0.72 -13.39
N GLU A 43 -0.26 0.64 -14.52
CA GLU A 43 -0.18 1.70 -15.55
C GLU A 43 -0.72 3.03 -15.02
N PHE A 44 -1.56 2.95 -14.01
CA PHE A 44 -2.09 4.16 -13.42
C PHE A 44 -1.32 4.57 -12.17
N SER A 45 -0.40 3.73 -11.74
CA SER A 45 0.35 4.01 -10.53
C SER A 45 1.27 5.20 -10.77
N LYS A 46 1.85 5.25 -11.96
CA LYS A 46 2.75 6.31 -12.33
C LYS A 46 2.02 7.64 -12.57
N LYS A 47 0.72 7.57 -12.86
CA LYS A 47 -0.08 8.78 -13.04
C LYS A 47 -0.57 9.25 -11.67
N CYS A 48 -0.88 8.29 -10.83
CA CYS A 48 -1.27 8.60 -9.46
C CYS A 48 -0.15 9.27 -8.69
N SER A 49 1.07 8.76 -8.82
CA SER A 49 2.22 9.34 -8.13
C SER A 49 2.37 10.84 -8.44
N GLU A 50 2.15 11.21 -9.70
CA GLU A 50 2.24 12.61 -10.12
C GLU A 50 1.18 13.45 -9.43
N ARG A 51 -0.01 12.89 -9.33
CA ARG A 51 -1.13 13.56 -8.68
C ARG A 51 -0.94 13.57 -7.16
N TRP A 52 -0.29 12.56 -6.68
CA TRP A 52 -0.02 12.42 -5.26
C TRP A 52 0.93 13.53 -4.80
N LYS A 53 1.97 13.76 -5.59
CA LYS A 53 2.96 14.78 -5.27
C LYS A 53 2.42 16.19 -5.48
N THR A 54 1.46 16.34 -6.37
CA THR A 54 0.90 17.65 -6.67
C THR A 54 -0.24 18.03 -5.73
N MET A 55 -0.72 17.07 -4.95
CA MET A 55 -1.79 17.36 -3.99
C MET A 55 -1.20 17.92 -2.71
N SER A 56 -1.98 18.73 -2.03
CA SER A 56 -1.55 19.33 -0.79
C SER A 56 -1.78 18.38 0.40
N ALA A 57 -1.26 18.77 1.56
CA ALA A 57 -1.38 17.95 2.77
C ALA A 57 -2.83 17.61 3.10
N LYS A 58 -3.73 18.54 2.81
CA LYS A 58 -5.16 18.35 3.06
C LYS A 58 -5.68 17.12 2.31
N GLU A 59 -5.20 16.93 1.10
CA GLU A 59 -5.68 15.84 0.27
C GLU A 59 -4.88 14.56 0.50
N LYS A 60 -3.76 14.68 1.19
CA LYS A 60 -2.94 13.53 1.52
C LYS A 60 -3.35 12.94 2.86
N GLY A 61 -3.56 13.83 3.82
CA GLY A 61 -3.89 13.44 5.18
C GLY A 61 -5.03 12.45 5.27
N LYS A 62 -5.98 12.55 4.36
CA LYS A 62 -7.13 11.65 4.35
C LYS A 62 -6.71 10.20 4.07
N PHE A 63 -5.79 10.02 3.14
CA PHE A 63 -5.29 8.69 2.80
C PHE A 63 -4.28 8.25 3.84
N GLU A 64 -3.49 9.21 4.31
CA GLU A 64 -2.49 8.99 5.34
C GLU A 64 -3.15 8.69 6.69
N ASP A 65 -4.47 8.85 6.76
CA ASP A 65 -5.21 8.66 7.99
C ASP A 65 -5.80 7.26 8.00
N MET A 66 -6.21 6.80 6.83
CA MET A 66 -6.79 5.47 6.68
C MET A 66 -5.77 4.41 7.04
N ALA A 67 -4.50 4.72 6.78
CA ALA A 67 -3.41 3.82 7.10
C ALA A 67 -3.30 3.63 8.61
N LYS A 68 -3.77 4.61 9.37
CA LYS A 68 -3.73 4.56 10.83
C LYS A 68 -4.86 3.69 11.38
N ALA A 69 -5.89 3.49 10.57
CA ALA A 69 -6.99 2.61 10.96
C ALA A 69 -6.72 1.20 10.46
N ASP A 70 -6.06 1.15 9.33
CA ASP A 70 -5.66 -0.11 8.70
C ASP A 70 -4.52 -0.79 9.47
N LYS A 71 -3.95 -0.10 10.45
CA LYS A 71 -2.83 -0.63 11.19
C LYS A 71 -3.23 -1.86 12.01
N ALA A 72 -4.52 -1.96 12.32
CA ALA A 72 -5.03 -3.04 13.17
C ALA A 72 -4.69 -4.43 12.59
N ARG A 73 -5.39 -4.80 11.52
CA ARG A 73 -5.19 -6.10 10.85
C ARG A 73 -3.72 -6.51 10.58
N TYR A 74 -2.79 -5.57 10.44
CA TYR A 74 -1.41 -5.96 10.17
C TYR A 74 -0.56 -5.97 11.45
N GLU A 75 -0.66 -4.90 12.24
CA GLU A 75 0.11 -4.77 13.47
C GLU A 75 -0.13 -5.93 14.41
N ARG A 76 -1.39 -6.38 14.50
CA ARG A 76 -1.76 -7.47 15.39
C ARG A 76 -1.15 -8.80 14.97
N GLU A 77 -0.56 -8.84 13.79
CA GLU A 77 0.00 -10.06 13.28
C GLU A 77 1.48 -10.13 13.62
N MET A 78 2.08 -8.97 13.77
CA MET A 78 3.49 -8.89 14.12
C MET A 78 3.67 -9.02 15.63
N LYS A 79 2.82 -8.31 16.38
CA LYS A 79 2.86 -8.36 17.85
C LYS A 79 2.66 -9.79 18.40
N THR A 80 2.05 -10.65 17.61
CA THR A 80 1.83 -12.03 18.04
C THR A 80 2.82 -12.96 17.35
N TYR A 81 3.64 -12.41 16.49
CA TYR A 81 4.60 -13.20 15.74
C TYR A 81 5.87 -13.38 16.55
N ILE A 82 6.46 -14.56 16.46
CA ILE A 82 7.71 -14.84 17.14
C ILE A 82 8.86 -14.73 16.13
N PRO A 83 9.60 -13.61 16.16
CA PRO A 83 10.70 -13.37 15.23
C PRO A 83 11.96 -14.15 15.58
N PRO A 84 12.54 -14.86 14.60
CA PRO A 84 13.81 -15.57 14.78
C PRO A 84 14.93 -14.60 15.11
N LYS A 85 15.67 -14.89 16.15
CA LYS A 85 16.73 -13.99 16.58
C LYS A 85 18.01 -14.26 15.82
N GLY A 86 18.17 -13.56 14.69
CA GLY A 86 19.36 -13.71 13.88
C GLY A 86 19.46 -15.08 13.24
N GLU A 87 18.35 -15.56 12.70
CA GLU A 87 18.31 -16.85 12.06
C GLU A 87 17.96 -16.72 10.59
#